data_5ZVQ
# 
_entry.id   5ZVQ 
# 
_audit_conform.dict_name       mmcif_pdbx.dic 
_audit_conform.dict_version    5.380 
_audit_conform.dict_location   http://mmcif.pdb.org/dictionaries/ascii/mmcif_pdbx.dic 
# 
loop_
_database_2.database_id 
_database_2.database_code 
_database_2.pdbx_database_accession 
_database_2.pdbx_DOI 
PDB   5ZVQ         pdb_00005zvq 10.2210/pdb5zvq/pdb 
WWPDB D_1300007752 ?            ?                   
# 
_pdbx_database_status.status_code                     REL 
_pdbx_database_status.status_code_sf                  REL 
_pdbx_database_status.status_code_mr                  ? 
_pdbx_database_status.entry_id                        5ZVQ 
_pdbx_database_status.recvd_initial_deposition_date   2018-05-12 
_pdbx_database_status.SG_entry                        N 
_pdbx_database_status.deposit_site                    PDBJ 
_pdbx_database_status.process_site                    PDBJ 
_pdbx_database_status.status_code_cs                  ? 
_pdbx_database_status.methods_development_category    ? 
_pdbx_database_status.pdb_format_compatible           Y 
_pdbx_database_status.status_code_nmr_data            ? 
# 
loop_
_audit_author.name 
_audit_author.pdbx_ordinal 
_audit_author.identifier_ORCID 
'Chaudhary, S.K.' 1 0000-0001-9979-9323 
'Sekar, K.'       2 ?                   
'Jeyakanthan, J.' 3 ?                   
# 
_citation.abstract                  ? 
_citation.abstract_id_CAS           ? 
_citation.book_id_ISBN              ? 
_citation.book_publisher            ? 
_citation.book_publisher_city       ? 
_citation.book_title                ? 
_citation.coordinate_linkage        ? 
_citation.country                   ? 
_citation.database_id_Medline       ? 
_citation.details                   ? 
_citation.id                        primary 
_citation.journal_abbrev            'To Be Published' 
_citation.journal_id_ASTM           ? 
_citation.journal_id_CSD            0353 
_citation.journal_id_ISSN           ? 
_citation.journal_full              ? 
_citation.journal_issue             ? 
_citation.journal_volume            ? 
_citation.language                  ? 
_citation.page_first                ? 
_citation.page_last                 ? 
_citation.title                     'Crystal structure of recombination mediator protein RecR' 
_citation.year                      ? 
_citation.database_id_CSD           ? 
_citation.pdbx_database_id_DOI      ? 
_citation.pdbx_database_id_PubMed   ? 
_citation.unpublished_flag          ? 
# 
loop_
_citation_author.citation_id 
_citation_author.name 
_citation_author.ordinal 
_citation_author.identifier_ORCID 
primary 'Chaudhary, S.K.' 1 ? 
primary 'Sekar, K.'       2 ? 
primary 'Jeyakanthan, J.' 3 ? 
# 
_cell.angle_alpha                  90.000 
_cell.angle_alpha_esd              ? 
_cell.angle_beta                   90.000 
_cell.angle_beta_esd               ? 
_cell.angle_gamma                  90.000 
_cell.angle_gamma_esd              ? 
_cell.entry_id                     5ZVQ 
_cell.details                      ? 
_cell.formula_units_Z              ? 
_cell.length_a                     35.920 
_cell.length_a_esd                 ? 
_cell.length_b                     100.220 
_cell.length_b_esd                 ? 
_cell.length_c                     136.020 
_cell.length_c_esd                 ? 
_cell.volume                       ? 
_cell.volume_esd                   ? 
_cell.Z_PDB                        8 
_cell.reciprocal_angle_alpha       ? 
_cell.reciprocal_angle_beta        ? 
_cell.reciprocal_angle_gamma       ? 
_cell.reciprocal_angle_alpha_esd   ? 
_cell.reciprocal_angle_beta_esd    ? 
_cell.reciprocal_angle_gamma_esd   ? 
_cell.reciprocal_length_a          ? 
_cell.reciprocal_length_b          ? 
_cell.reciprocal_length_c          ? 
_cell.reciprocal_length_a_esd      ? 
_cell.reciprocal_length_b_esd      ? 
_cell.reciprocal_length_c_esd      ? 
_cell.pdbx_unique_axis             ? 
# 
_symmetry.entry_id                         5ZVQ 
_symmetry.cell_setting                     ? 
_symmetry.Int_Tables_number                23 
_symmetry.space_group_name_Hall            ? 
_symmetry.space_group_name_H-M             'I 2 2 2' 
_symmetry.pdbx_full_space_group_name_H-M   ? 
# 
loop_
_entity.id 
_entity.type 
_entity.src_method 
_entity.pdbx_description 
_entity.formula_weight 
_entity.pdbx_number_of_molecules 
_entity.pdbx_ec 
_entity.pdbx_mutation 
_entity.pdbx_fragment 
_entity.details 
1 polymer     man 'Recombination protein RecR' 21236.391 1  ? ? ? ? 
2 non-polymer syn 'ZINC ION'                   65.409    1  ? ? ? ? 
3 non-polymer syn 'CHLORIDE ION'               35.453    1  ? ? ? ? 
4 water       nat water                        18.015    30 ? ? ? ? 
# 
_entity_poly.entity_id                      1 
_entity_poly.type                           'polypeptide(L)' 
_entity_poly.nstd_linkage                   no 
_entity_poly.nstd_monomer                   no 
_entity_poly.pdbx_seq_one_letter_code       
;MRYPESLLKLTRALSRLPGIGPKTAQRLALHLAFHKEEAEALAEALEGIKRVRACRECGNLAEGELCPICQDEDRDRSLL
AVVESVADLYALERSGEFRGLYHVLGGALNPLEGIGPKELNLEGLFRRLEGVEEVVLATSMTVEGEATALYLAEELKKRG
VRVTRPAYGLPVGGSLEYADEVTLGRALEGRRPV
;
_entity_poly.pdbx_seq_one_letter_code_can   
;MRYPESLLKLTRALSRLPGIGPKTAQRLALHLAFHKEEAEALAEALEGIKRVRACRECGNLAEGELCPICQDEDRDRSLL
AVVESVADLYALERSGEFRGLYHVLGGALNPLEGIGPKELNLEGLFRRLEGVEEVVLATSMTVEGEATALYLAEELKKRG
VRVTRPAYGLPVGGSLEYADEVTLGRALEGRRPV
;
_entity_poly.pdbx_strand_id                 A 
_entity_poly.pdbx_target_identifier         ? 
# 
loop_
_entity_poly_seq.entity_id 
_entity_poly_seq.num 
_entity_poly_seq.mon_id 
_entity_poly_seq.hetero 
1 1   MET n 
1 2   ARG n 
1 3   TYR n 
1 4   PRO n 
1 5   GLU n 
1 6   SER n 
1 7   LEU n 
1 8   LEU n 
1 9   LYS n 
1 10  LEU n 
1 11  THR n 
1 12  ARG n 
1 13  ALA n 
1 14  LEU n 
1 15  SER n 
1 16  ARG n 
1 17  LEU n 
1 18  PRO n 
1 19  GLY n 
1 20  ILE n 
1 21  GLY n 
1 22  PRO n 
1 23  LYS n 
1 24  THR n 
1 25  ALA n 
1 26  GLN n 
1 27  ARG n 
1 28  LEU n 
1 29  ALA n 
1 30  LEU n 
1 31  HIS n 
1 32  LEU n 
1 33  ALA n 
1 34  PHE n 
1 35  HIS n 
1 36  LYS n 
1 37  GLU n 
1 38  GLU n 
1 39  ALA n 
1 40  GLU n 
1 41  ALA n 
1 42  LEU n 
1 43  ALA n 
1 44  GLU n 
1 45  ALA n 
1 46  LEU n 
1 47  GLU n 
1 48  GLY n 
1 49  ILE n 
1 50  LYS n 
1 51  ARG n 
1 52  VAL n 
1 53  ARG n 
1 54  ALA n 
1 55  CYS n 
1 56  ARG n 
1 57  GLU n 
1 58  CYS n 
1 59  GLY n 
1 60  ASN n 
1 61  LEU n 
1 62  ALA n 
1 63  GLU n 
1 64  GLY n 
1 65  GLU n 
1 66  LEU n 
1 67  CYS n 
1 68  PRO n 
1 69  ILE n 
1 70  CYS n 
1 71  GLN n 
1 72  ASP n 
1 73  GLU n 
1 74  ASP n 
1 75  ARG n 
1 76  ASP n 
1 77  ARG n 
1 78  SER n 
1 79  LEU n 
1 80  LEU n 
1 81  ALA n 
1 82  VAL n 
1 83  VAL n 
1 84  GLU n 
1 85  SER n 
1 86  VAL n 
1 87  ALA n 
1 88  ASP n 
1 89  LEU n 
1 90  TYR n 
1 91  ALA n 
1 92  LEU n 
1 93  GLU n 
1 94  ARG n 
1 95  SER n 
1 96  GLY n 
1 97  GLU n 
1 98  PHE n 
1 99  ARG n 
1 100 GLY n 
1 101 LEU n 
1 102 TYR n 
1 103 HIS n 
1 104 VAL n 
1 105 LEU n 
1 106 GLY n 
1 107 GLY n 
1 108 ALA n 
1 109 LEU n 
1 110 ASN n 
1 111 PRO n 
1 112 LEU n 
1 113 GLU n 
1 114 GLY n 
1 115 ILE n 
1 116 GLY n 
1 117 PRO n 
1 118 LYS n 
1 119 GLU n 
1 120 LEU n 
1 121 ASN n 
1 122 LEU n 
1 123 GLU n 
1 124 GLY n 
1 125 LEU n 
1 126 PHE n 
1 127 ARG n 
1 128 ARG n 
1 129 LEU n 
1 130 GLU n 
1 131 GLY n 
1 132 VAL n 
1 133 GLU n 
1 134 GLU n 
1 135 VAL n 
1 136 VAL n 
1 137 LEU n 
1 138 ALA n 
1 139 THR n 
1 140 SER n 
1 141 MET n 
1 142 THR n 
1 143 VAL n 
1 144 GLU n 
1 145 GLY n 
1 146 GLU n 
1 147 ALA n 
1 148 THR n 
1 149 ALA n 
1 150 LEU n 
1 151 TYR n 
1 152 LEU n 
1 153 ALA n 
1 154 GLU n 
1 155 GLU n 
1 156 LEU n 
1 157 LYS n 
1 158 LYS n 
1 159 ARG n 
1 160 GLY n 
1 161 VAL n 
1 162 ARG n 
1 163 VAL n 
1 164 THR n 
1 165 ARG n 
1 166 PRO n 
1 167 ALA n 
1 168 TYR n 
1 169 GLY n 
1 170 LEU n 
1 171 PRO n 
1 172 VAL n 
1 173 GLY n 
1 174 GLY n 
1 175 SER n 
1 176 LEU n 
1 177 GLU n 
1 178 TYR n 
1 179 ALA n 
1 180 ASP n 
1 181 GLU n 
1 182 VAL n 
1 183 THR n 
1 184 LEU n 
1 185 GLY n 
1 186 ARG n 
1 187 ALA n 
1 188 LEU n 
1 189 GLU n 
1 190 GLY n 
1 191 ARG n 
1 192 ARG n 
1 193 PRO n 
1 194 VAL n 
# 
_entity_src_gen.entity_id                          1 
_entity_src_gen.pdbx_src_id                        1 
_entity_src_gen.pdbx_alt_source_flag               sample 
_entity_src_gen.pdbx_seq_type                      'Biological sequence' 
_entity_src_gen.pdbx_beg_seq_num                   1 
_entity_src_gen.pdbx_end_seq_num                   194 
_entity_src_gen.gene_src_common_name               ? 
_entity_src_gen.gene_src_genus                     ? 
_entity_src_gen.pdbx_gene_src_gene                 'recR, TTHA1600' 
_entity_src_gen.gene_src_species                   ? 
_entity_src_gen.gene_src_strain                    HB8 
_entity_src_gen.gene_src_tissue                    ? 
_entity_src_gen.gene_src_tissue_fraction           ? 
_entity_src_gen.gene_src_details                   ? 
_entity_src_gen.pdbx_gene_src_fragment             ? 
_entity_src_gen.pdbx_gene_src_scientific_name      'Thermus thermophilus HB8' 
_entity_src_gen.pdbx_gene_src_ncbi_taxonomy_id     300852 
_entity_src_gen.pdbx_gene_src_variant              ? 
_entity_src_gen.pdbx_gene_src_cell_line            ? 
_entity_src_gen.pdbx_gene_src_atcc                 ? 
_entity_src_gen.pdbx_gene_src_organ                ? 
_entity_src_gen.pdbx_gene_src_organelle            ? 
_entity_src_gen.pdbx_gene_src_cell                 ? 
_entity_src_gen.pdbx_gene_src_cellular_location    ? 
_entity_src_gen.host_org_common_name               ? 
_entity_src_gen.pdbx_host_org_scientific_name      
;Escherichia coli 'BL21-Gold(DE3)pLysS AG'
;
_entity_src_gen.pdbx_host_org_ncbi_taxonomy_id     866768 
_entity_src_gen.host_org_genus                     ? 
_entity_src_gen.pdbx_host_org_gene                 ? 
_entity_src_gen.pdbx_host_org_organ                ? 
_entity_src_gen.host_org_species                   ? 
_entity_src_gen.pdbx_host_org_tissue               ? 
_entity_src_gen.pdbx_host_org_tissue_fraction      ? 
_entity_src_gen.pdbx_host_org_strain               ? 
_entity_src_gen.pdbx_host_org_variant              ? 
_entity_src_gen.pdbx_host_org_cell_line            ? 
_entity_src_gen.pdbx_host_org_atcc                 ? 
_entity_src_gen.pdbx_host_org_culture_collection   ? 
_entity_src_gen.pdbx_host_org_cell                 ? 
_entity_src_gen.pdbx_host_org_organelle            ? 
_entity_src_gen.pdbx_host_org_cellular_location    ? 
_entity_src_gen.pdbx_host_org_vector_type          ? 
_entity_src_gen.pdbx_host_org_vector               ? 
_entity_src_gen.host_org_details                   ? 
_entity_src_gen.expression_system_id               ? 
_entity_src_gen.plasmid_name                       ? 
_entity_src_gen.plasmid_details                    ? 
_entity_src_gen.pdbx_description                   ? 
# 
_struct_ref.id                         1 
_struct_ref.db_name                    UNP 
_struct_ref.db_code                    RECR_THET8 
_struct_ref.pdbx_db_accession          Q5SHY0 
_struct_ref.pdbx_db_isoform            ? 
_struct_ref.entity_id                  1 
_struct_ref.pdbx_seq_one_letter_code   
;MRYPESLLKLTRALSRLPGIGPKTAQRLALHLAFHKEEAEALAEALEGIKRVRACRECGNLAEGELCPICQDEDRDRSLL
AVVESVADLYALERSGEFRGLYHVLGGALNPLEGIGPKELNLEGLFRRLEGVEEVVLATSMTVEGEATALYLAEELKKRG
VRVTRPAYGLPVGGSLEYADEVTLGRALEGRRPV
;
_struct_ref.pdbx_align_begin           1 
# 
_struct_ref_seq.align_id                      1 
_struct_ref_seq.ref_id                        1 
_struct_ref_seq.pdbx_PDB_id_code              5ZVQ 
_struct_ref_seq.pdbx_strand_id                A 
_struct_ref_seq.seq_align_beg                 1 
_struct_ref_seq.pdbx_seq_align_beg_ins_code   ? 
_struct_ref_seq.seq_align_end                 194 
_struct_ref_seq.pdbx_seq_align_end_ins_code   ? 
_struct_ref_seq.pdbx_db_accession             Q5SHY0 
_struct_ref_seq.db_align_beg                  1 
_struct_ref_seq.pdbx_db_align_beg_ins_code    ? 
_struct_ref_seq.db_align_end                  194 
_struct_ref_seq.pdbx_db_align_end_ins_code    ? 
_struct_ref_seq.pdbx_auth_seq_align_beg       1 
_struct_ref_seq.pdbx_auth_seq_align_end       194 
# 
loop_
_chem_comp.id 
_chem_comp.type 
_chem_comp.mon_nstd_flag 
_chem_comp.name 
_chem_comp.pdbx_synonyms 
_chem_comp.formula 
_chem_comp.formula_weight 
ALA 'L-peptide linking' y ALANINE         ? 'C3 H7 N O2'     89.093  
ARG 'L-peptide linking' y ARGININE        ? 'C6 H15 N4 O2 1' 175.209 
ASN 'L-peptide linking' y ASPARAGINE      ? 'C4 H8 N2 O3'    132.118 
ASP 'L-peptide linking' y 'ASPARTIC ACID' ? 'C4 H7 N O4'     133.103 
CL  non-polymer         . 'CHLORIDE ION'  ? 'Cl -1'          35.453  
CYS 'L-peptide linking' y CYSTEINE        ? 'C3 H7 N O2 S'   121.158 
GLN 'L-peptide linking' y GLUTAMINE       ? 'C5 H10 N2 O3'   146.144 
GLU 'L-peptide linking' y 'GLUTAMIC ACID' ? 'C5 H9 N O4'     147.129 
GLY 'peptide linking'   y GLYCINE         ? 'C2 H5 N O2'     75.067  
HIS 'L-peptide linking' y HISTIDINE       ? 'C6 H10 N3 O2 1' 156.162 
HOH non-polymer         . WATER           ? 'H2 O'           18.015  
ILE 'L-peptide linking' y ISOLEUCINE      ? 'C6 H13 N O2'    131.173 
LEU 'L-peptide linking' y LEUCINE         ? 'C6 H13 N O2'    131.173 
LYS 'L-peptide linking' y LYSINE          ? 'C6 H15 N2 O2 1' 147.195 
MET 'L-peptide linking' y METHIONINE      ? 'C5 H11 N O2 S'  149.211 
PHE 'L-peptide linking' y PHENYLALANINE   ? 'C9 H11 N O2'    165.189 
PRO 'L-peptide linking' y PROLINE         ? 'C5 H9 N O2'     115.130 
SER 'L-peptide linking' y SERINE          ? 'C3 H7 N O3'     105.093 
THR 'L-peptide linking' y THREONINE       ? 'C4 H9 N O3'     119.119 
TYR 'L-peptide linking' y TYROSINE        ? 'C9 H11 N O3'    181.189 
VAL 'L-peptide linking' y VALINE          ? 'C5 H11 N O2'    117.146 
ZN  non-polymer         . 'ZINC ION'      ? 'Zn 2'           65.409  
# 
_exptl.absorpt_coefficient_mu     ? 
_exptl.absorpt_correction_T_max   ? 
_exptl.absorpt_correction_T_min   ? 
_exptl.absorpt_correction_type    ? 
_exptl.absorpt_process_details    ? 
_exptl.entry_id                   5ZVQ 
_exptl.crystals_number            1 
_exptl.details                    ? 
_exptl.method                     'X-RAY DIFFRACTION' 
_exptl.method_details             ? 
# 
_exptl_crystal.colour                      ? 
_exptl_crystal.density_diffrn              ? 
_exptl_crystal.density_Matthews            2.89 
_exptl_crystal.density_method              ? 
_exptl_crystal.density_percent_sol         57.50 
_exptl_crystal.description                 ? 
_exptl_crystal.F_000                       ? 
_exptl_crystal.id                          1 
_exptl_crystal.preparation                 ? 
_exptl_crystal.size_max                    ? 
_exptl_crystal.size_mid                    ? 
_exptl_crystal.size_min                    ? 
_exptl_crystal.size_rad                    ? 
_exptl_crystal.colour_lustre               ? 
_exptl_crystal.colour_modifier             ? 
_exptl_crystal.colour_primary              ? 
_exptl_crystal.density_meas                ? 
_exptl_crystal.density_meas_esd            ? 
_exptl_crystal.density_meas_gt             ? 
_exptl_crystal.density_meas_lt             ? 
_exptl_crystal.density_meas_temp           ? 
_exptl_crystal.density_meas_temp_esd       ? 
_exptl_crystal.density_meas_temp_gt        ? 
_exptl_crystal.density_meas_temp_lt        ? 
_exptl_crystal.pdbx_crystal_image_url      ? 
_exptl_crystal.pdbx_crystal_image_format   ? 
_exptl_crystal.pdbx_mosaicity              ? 
_exptl_crystal.pdbx_mosaicity_esd          ? 
# 
_exptl_crystal_grow.apparatus       ? 
_exptl_crystal_grow.atmosphere      ? 
_exptl_crystal_grow.crystal_id      1 
_exptl_crystal_grow.details         ? 
_exptl_crystal_grow.method          MICROBATCH 
_exptl_crystal_grow.method_ref      ? 
_exptl_crystal_grow.pH              7.5 
_exptl_crystal_grow.pressure        ? 
_exptl_crystal_grow.pressure_esd    ? 
_exptl_crystal_grow.seeding         ? 
_exptl_crystal_grow.seeding_ref     ? 
_exptl_crystal_grow.temp            295 
_exptl_crystal_grow.temp_details    ? 
_exptl_crystal_grow.temp_esd        ? 
_exptl_crystal_grow.time            ? 
_exptl_crystal_grow.pdbx_details    
'0.2 M Potassium chloride, 0.05 M HEPES pH 7.5, 35% v/v Pentaerythritol propoxylate (5/4 PO/OH)' 
_exptl_crystal_grow.pdbx_pH_range   ? 
# 
_diffrn.ambient_environment    ? 
_diffrn.ambient_temp           100 
_diffrn.ambient_temp_details   ? 
_diffrn.ambient_temp_esd       ? 
_diffrn.crystal_id             1 
_diffrn.crystal_support        ? 
_diffrn.crystal_treatment      ? 
_diffrn.details                ? 
_diffrn.id                     1 
_diffrn.ambient_pressure       ? 
_diffrn.ambient_pressure_esd   ? 
_diffrn.ambient_pressure_gt    ? 
_diffrn.ambient_pressure_lt    ? 
_diffrn.ambient_temp_gt        ? 
_diffrn.ambient_temp_lt        ? 
# 
_diffrn_detector.details                      ? 
_diffrn_detector.detector                     CCD 
_diffrn_detector.diffrn_id                    1 
_diffrn_detector.type                         'MARMOSAIC 325 mm CCD' 
_diffrn_detector.area_resol_mean              ? 
_diffrn_detector.dtime                        ? 
_diffrn_detector.pdbx_frames_total            ? 
_diffrn_detector.pdbx_collection_time_total   ? 
_diffrn_detector.pdbx_collection_date         2016-01-11 
# 
_diffrn_radiation.collimation                      ? 
_diffrn_radiation.diffrn_id                        1 
_diffrn_radiation.filter_edge                      ? 
_diffrn_radiation.inhomogeneity                    ? 
_diffrn_radiation.monochromator                    ? 
_diffrn_radiation.polarisn_norm                    ? 
_diffrn_radiation.polarisn_ratio                   ? 
_diffrn_radiation.probe                            ? 
_diffrn_radiation.type                             ? 
_diffrn_radiation.xray_symbol                      ? 
_diffrn_radiation.wavelength_id                    1 
_diffrn_radiation.pdbx_monochromatic_or_laue_m_l   M 
_diffrn_radiation.pdbx_wavelength_list             ? 
_diffrn_radiation.pdbx_wavelength                  ? 
_diffrn_radiation.pdbx_diffrn_protocol             'SINGLE WAVELENGTH' 
_diffrn_radiation.pdbx_analyzer                    ? 
_diffrn_radiation.pdbx_scattering_type             x-ray 
# 
_diffrn_radiation_wavelength.id           1 
_diffrn_radiation_wavelength.wavelength   1.5417 
_diffrn_radiation_wavelength.wt           1.0 
# 
_diffrn_source.current                     ? 
_diffrn_source.details                     ? 
_diffrn_source.diffrn_id                   1 
_diffrn_source.power                       ? 
_diffrn_source.size                        ? 
_diffrn_source.source                      'ROTATING ANODE' 
_diffrn_source.target                      ? 
_diffrn_source.type                        'RIGAKU ULTRAX 18' 
_diffrn_source.voltage                     ? 
_diffrn_source.take-off_angle              ? 
_diffrn_source.pdbx_wavelength_list        1.5417 
_diffrn_source.pdbx_wavelength             ? 
_diffrn_source.pdbx_synchrotron_beamline   ? 
_diffrn_source.pdbx_synchrotron_site       ? 
# 
_reflns.B_iso_Wilson_estimate            ? 
_reflns.entry_id                         5ZVQ 
_reflns.data_reduction_details           ? 
_reflns.data_reduction_method            ? 
_reflns.d_resolution_high                2.50 
_reflns.d_resolution_low                 80.68 
_reflns.details                          ? 
_reflns.limit_h_max                      ? 
_reflns.limit_h_min                      ? 
_reflns.limit_k_max                      ? 
_reflns.limit_k_min                      ? 
_reflns.limit_l_max                      ? 
_reflns.limit_l_min                      ? 
_reflns.number_all                       ? 
_reflns.number_obs                       8602 
_reflns.observed_criterion               ? 
_reflns.observed_criterion_F_max         ? 
_reflns.observed_criterion_F_min         ? 
_reflns.observed_criterion_I_max         ? 
_reflns.observed_criterion_I_min         ? 
_reflns.observed_criterion_sigma_F       ? 
_reflns.observed_criterion_sigma_I       ? 
_reflns.percent_possible_obs             96.8 
_reflns.R_free_details                   ? 
_reflns.Rmerge_F_all                     ? 
_reflns.Rmerge_F_obs                     ? 
_reflns.Friedel_coverage                 ? 
_reflns.number_gt                        ? 
_reflns.threshold_expression             ? 
_reflns.pdbx_redundancy                  10.3 
_reflns.pdbx_Rmerge_I_obs                ? 
_reflns.pdbx_Rmerge_I_all                ? 
_reflns.pdbx_Rsym_value                  ? 
_reflns.pdbx_netI_over_av_sigmaI         ? 
_reflns.pdbx_netI_over_sigmaI            14.6 
_reflns.pdbx_res_netI_over_av_sigmaI_2   ? 
_reflns.pdbx_res_netI_over_sigmaI_2      ? 
_reflns.pdbx_chi_squared                 ? 
_reflns.pdbx_scaling_rejects             ? 
_reflns.pdbx_d_res_high_opt              ? 
_reflns.pdbx_d_res_low_opt               ? 
_reflns.pdbx_d_res_opt_method            ? 
_reflns.phase_calculation_details        ? 
_reflns.pdbx_Rrim_I_all                  ? 
_reflns.pdbx_Rpim_I_all                  ? 
_reflns.pdbx_d_opt                       ? 
_reflns.pdbx_number_measured_all         ? 
_reflns.pdbx_diffrn_id                   1 
_reflns.pdbx_ordinal                     1 
_reflns.pdbx_CC_half                     ? 
_reflns.pdbx_R_split                     ? 
# 
_reflns_shell.d_res_high                  2.50 
_reflns_shell.d_res_low                   2.60 
_reflns_shell.meanI_over_sigI_all         ? 
_reflns_shell.meanI_over_sigI_obs         ? 
_reflns_shell.number_measured_all         ? 
_reflns_shell.number_measured_obs         ? 
_reflns_shell.number_possible             ? 
_reflns_shell.number_unique_all           ? 
_reflns_shell.number_unique_obs           ? 
_reflns_shell.percent_possible_all        ? 
_reflns_shell.percent_possible_obs        ? 
_reflns_shell.Rmerge_F_all                ? 
_reflns_shell.Rmerge_F_obs                ? 
_reflns_shell.Rmerge_I_all                ? 
_reflns_shell.Rmerge_I_obs                ? 
_reflns_shell.meanI_over_sigI_gt          ? 
_reflns_shell.meanI_over_uI_all           ? 
_reflns_shell.meanI_over_uI_gt            ? 
_reflns_shell.number_measured_gt          ? 
_reflns_shell.number_unique_gt            ? 
_reflns_shell.percent_possible_gt         ? 
_reflns_shell.Rmerge_F_gt                 ? 
_reflns_shell.Rmerge_I_gt                 ? 
_reflns_shell.pdbx_redundancy             ? 
_reflns_shell.pdbx_Rsym_value             ? 
_reflns_shell.pdbx_chi_squared            ? 
_reflns_shell.pdbx_netI_over_sigmaI_all   ? 
_reflns_shell.pdbx_netI_over_sigmaI_obs   ? 
_reflns_shell.pdbx_Rrim_I_all             ? 
_reflns_shell.pdbx_Rpim_I_all             ? 
_reflns_shell.pdbx_rejects                ? 
_reflns_shell.pdbx_ordinal                1 
_reflns_shell.pdbx_diffrn_id              1 
_reflns_shell.pdbx_CC_half                ? 
_reflns_shell.pdbx_R_split                ? 
# 
_refine.aniso_B[1][1]                            -4.0400 
_refine.aniso_B[1][2]                            -0.0000 
_refine.aniso_B[1][3]                            0.0000 
_refine.aniso_B[2][2]                            -0.5400 
_refine.aniso_B[2][3]                            -0.0000 
_refine.aniso_B[3][3]                            4.5800 
_refine.B_iso_max                                123.060 
_refine.B_iso_mean                               76.3350 
_refine.B_iso_min                                43.160 
_refine.correlation_coeff_Fo_to_Fc               0.9470 
_refine.correlation_coeff_Fo_to_Fc_free          0.9260 
_refine.details                                  
'HYDROGENS HAVE BEEN ADDED IN THE RIDING POSITIONS U VALUES      : REFINED INDIVIDUALLY' 
_refine.diff_density_max                         ? 
_refine.diff_density_max_esd                     ? 
_refine.diff_density_min                         ? 
_refine.diff_density_min_esd                     ? 
_refine.diff_density_rms                         ? 
_refine.diff_density_rms_esd                     ? 
_refine.entry_id                                 5ZVQ 
_refine.pdbx_refine_id                           'X-RAY DIFFRACTION' 
_refine.ls_abs_structure_details                 ? 
_refine.ls_abs_structure_Flack                   ? 
_refine.ls_abs_structure_Flack_esd               ? 
_refine.ls_abs_structure_Rogers                  ? 
_refine.ls_abs_structure_Rogers_esd              ? 
_refine.ls_d_res_high                            2.5000 
_refine.ls_d_res_low                             80.6800 
_refine.ls_extinction_coef                       ? 
_refine.ls_extinction_coef_esd                   ? 
_refine.ls_extinction_expression                 ? 
_refine.ls_extinction_method                     ? 
_refine.ls_goodness_of_fit_all                   ? 
_refine.ls_goodness_of_fit_all_esd               ? 
_refine.ls_goodness_of_fit_obs                   ? 
_refine.ls_goodness_of_fit_obs_esd               ? 
_refine.ls_hydrogen_treatment                    ? 
_refine.ls_matrix_type                           ? 
_refine.ls_number_constraints                    ? 
_refine.ls_number_parameters                     ? 
_refine.ls_number_reflns_all                     ? 
_refine.ls_number_reflns_obs                     8176 
_refine.ls_number_reflns_R_free                  426 
_refine.ls_number_reflns_R_work                  ? 
_refine.ls_number_restraints                     ? 
_refine.ls_percent_reflns_obs                    96.3700 
_refine.ls_percent_reflns_R_free                 5.0000 
_refine.ls_R_factor_all                          ? 
_refine.ls_R_factor_obs                          0.2384 
_refine.ls_R_factor_R_free                       0.2828 
_refine.ls_R_factor_R_free_error                 ? 
_refine.ls_R_factor_R_free_error_details         ? 
_refine.ls_R_factor_R_work                       0.2361 
_refine.ls_R_Fsqd_factor_obs                     ? 
_refine.ls_R_I_factor_obs                        ? 
_refine.ls_redundancy_reflns_all                 ? 
_refine.ls_redundancy_reflns_obs                 ? 
_refine.ls_restrained_S_all                      ? 
_refine.ls_restrained_S_obs                      ? 
_refine.ls_shift_over_esd_max                    ? 
_refine.ls_shift_over_esd_mean                   ? 
_refine.ls_structure_factor_coef                 ? 
_refine.ls_weighting_details                     ? 
_refine.ls_weighting_scheme                      ? 
_refine.ls_wR_factor_all                         ? 
_refine.ls_wR_factor_obs                         ? 
_refine.ls_wR_factor_R_free                      ? 
_refine.ls_wR_factor_R_work                      ? 
_refine.occupancy_max                            ? 
_refine.occupancy_min                            ? 
_refine.solvent_model_details                    ? 
_refine.solvent_model_param_bsol                 ? 
_refine.solvent_model_param_ksol                 ? 
_refine.ls_R_factor_gt                           ? 
_refine.ls_goodness_of_fit_gt                    ? 
_refine.ls_goodness_of_fit_ref                   ? 
_refine.ls_shift_over_su_max                     ? 
_refine.ls_shift_over_su_max_lt                  ? 
_refine.ls_shift_over_su_mean                    ? 
_refine.ls_shift_over_su_mean_lt                 ? 
_refine.pdbx_ls_sigma_I                          ? 
_refine.pdbx_ls_sigma_F                          0.000 
_refine.pdbx_ls_sigma_Fsqd                       ? 
_refine.pdbx_data_cutoff_high_absF               ? 
_refine.pdbx_data_cutoff_high_rms_absF           ? 
_refine.pdbx_data_cutoff_low_absF                ? 
_refine.pdbx_isotropic_thermal_model             ? 
_refine.pdbx_ls_cross_valid_method               THROUGHOUT 
_refine.pdbx_method_to_determine_struct          'MOLECULAR REPLACEMENT' 
_refine.pdbx_starting_model                      1VDD 
_refine.pdbx_stereochemistry_target_values       ? 
_refine.pdbx_R_Free_selection_details            RANDOM 
_refine.pdbx_stereochem_target_val_spec_case     ? 
_refine.pdbx_overall_ESU_R                       0.4950 
_refine.pdbx_overall_ESU_R_Free                  0.3100 
_refine.pdbx_solvent_vdw_probe_radii             1.2000 
_refine.pdbx_solvent_ion_probe_radii             0.8000 
_refine.pdbx_solvent_shrinkage_radii             0.8000 
_refine.pdbx_real_space_R                        ? 
_refine.pdbx_density_correlation                 ? 
_refine.pdbx_pd_number_of_powder_patterns        ? 
_refine.pdbx_pd_number_of_points                 ? 
_refine.pdbx_pd_meas_number_of_points            ? 
_refine.pdbx_pd_proc_ls_prof_R_factor            ? 
_refine.pdbx_pd_proc_ls_prof_wR_factor           ? 
_refine.pdbx_pd_Marquardt_correlation_coeff      ? 
_refine.pdbx_pd_Fsqrd_R_factor                   ? 
_refine.pdbx_pd_ls_matrix_band_width             ? 
_refine.pdbx_overall_phase_error                 ? 
_refine.pdbx_overall_SU_R_free_Cruickshank_DPI   ? 
_refine.pdbx_overall_SU_R_free_Blow_DPI          ? 
_refine.pdbx_overall_SU_R_Blow_DPI               ? 
_refine.pdbx_TLS_residual_ADP_flag               ? 
_refine.pdbx_diffrn_id                           1 
_refine.overall_SU_B                             ? 
_refine.overall_SU_ML                            ? 
_refine.overall_SU_R_Cruickshank_DPI             ? 
_refine.overall_SU_R_free                        ? 
_refine.overall_FOM_free_R_set                   ? 
_refine.overall_FOM_work_R_set                   ? 
_refine.pdbx_average_fsc_overall                 ? 
_refine.pdbx_average_fsc_work                    ? 
_refine.pdbx_average_fsc_free                    ? 
# 
_refine_hist.cycle_id                         final 
_refine_hist.pdbx_refine_id                   'X-RAY DIFFRACTION' 
_refine_hist.d_res_high                       2.5000 
_refine_hist.d_res_low                        80.6800 
_refine_hist.pdbx_number_atoms_ligand         2 
_refine_hist.number_atoms_solvent             30 
_refine_hist.number_atoms_total               1476 
_refine_hist.pdbx_number_residues_total       194 
_refine_hist.pdbx_B_iso_mean_ligand           83.78 
_refine_hist.pdbx_B_iso_mean_solvent          65.26 
_refine_hist.pdbx_number_atoms_protein        1444 
_refine_hist.pdbx_number_atoms_nucleic_acid   0 
# 
loop_
_refine_ls_restr.pdbx_refine_id 
_refine_ls_restr.criterion 
_refine_ls_restr.dev_ideal 
_refine_ls_restr.dev_ideal_target 
_refine_ls_restr.number 
_refine_ls_restr.rejects 
_refine_ls_restr.type 
_refine_ls_restr.weight 
_refine_ls_restr.pdbx_restraint_function 
'X-RAY DIFFRACTION' ? 0.006  0.019  1473 ? r_bond_refined_d       ? ? 
'X-RAY DIFFRACTION' ? 0.000  0.020  1435 ? r_bond_other_d         ? ? 
'X-RAY DIFFRACTION' ? 1.114  2.012  1994 ? r_angle_refined_deg    ? ? 
'X-RAY DIFFRACTION' ? 3.763  3.000  3292 ? r_angle_other_deg      ? ? 
'X-RAY DIFFRACTION' ? 5.754  5.000  195  ? r_dihedral_angle_1_deg ? ? 
'X-RAY DIFFRACTION' ? 32.630 22.000 60   ? r_dihedral_angle_2_deg ? ? 
'X-RAY DIFFRACTION' ? 16.487 15.000 248  ? r_dihedral_angle_3_deg ? ? 
'X-RAY DIFFRACTION' ? 16.010 15.000 18   ? r_dihedral_angle_4_deg ? ? 
'X-RAY DIFFRACTION' ? 0.056  0.200  231  ? r_chiral_restr         ? ? 
'X-RAY DIFFRACTION' ? 0.003  0.021  1664 ? r_gen_planes_refined   ? ? 
'X-RAY DIFFRACTION' ? 0.002  0.020  302  ? r_gen_planes_other     ? ? 
'X-RAY DIFFRACTION' ? 2.616  7.671  777  ? r_mcbond_it            ? ? 
'X-RAY DIFFRACTION' ? 2.616  7.671  776  ? r_mcbond_other         ? ? 
'X-RAY DIFFRACTION' ? 4.271  11.504 970  ? r_mcangle_it           ? ? 
# 
_refine_ls_shell.pdbx_refine_id                   'X-RAY DIFFRACTION' 
_refine_ls_shell.d_res_high                       2.5000 
_refine_ls_shell.d_res_low                        2.5650 
_refine_ls_shell.number_reflns_all                605 
_refine_ls_shell.number_reflns_obs                ? 
_refine_ls_shell.number_reflns_R_free             18 
_refine_ls_shell.number_reflns_R_work             587 
_refine_ls_shell.percent_reflns_obs               90.9800 
_refine_ls_shell.percent_reflns_R_free            ? 
_refine_ls_shell.R_factor_all                     ? 
_refine_ls_shell.R_factor_obs                     ? 
_refine_ls_shell.R_factor_R_free                  0.3990 
_refine_ls_shell.R_factor_R_free_error            ? 
_refine_ls_shell.R_factor_R_work                  0.3320 
_refine_ls_shell.redundancy_reflns_all            ? 
_refine_ls_shell.redundancy_reflns_obs            ? 
_refine_ls_shell.wR_factor_all                    ? 
_refine_ls_shell.wR_factor_obs                    ? 
_refine_ls_shell.wR_factor_R_free                 ? 
_refine_ls_shell.wR_factor_R_work                 ? 
_refine_ls_shell.pdbx_total_number_of_bins_used   20 
_refine_ls_shell.pdbx_phase_error                 ? 
_refine_ls_shell.pdbx_fsc_work                    ? 
_refine_ls_shell.pdbx_fsc_free                    ? 
# 
_struct.entry_id                     5ZVQ 
_struct.title                        'Crystal structure of recombination mediator protein RecR' 
_struct.pdbx_model_details           ? 
_struct.pdbx_formula_weight          ? 
_struct.pdbx_formula_weight_method   ? 
_struct.pdbx_model_type_details      ? 
_struct.pdbx_CASP_flag               N 
# 
_struct_keywords.entry_id        5ZVQ 
_struct_keywords.text            'recombination mediator protein, RECOMBINATION' 
_struct_keywords.pdbx_keywords   RECOMBINATION 
# 
loop_
_struct_asym.id 
_struct_asym.pdbx_blank_PDB_chainid_flag 
_struct_asym.pdbx_modified 
_struct_asym.entity_id 
_struct_asym.details 
A N N 1 ? 
B N N 2 ? 
C N N 3 ? 
D N N 4 ? 
# 
loop_
_struct_conf.conf_type_id 
_struct_conf.id 
_struct_conf.pdbx_PDB_helix_id 
_struct_conf.beg_label_comp_id 
_struct_conf.beg_label_asym_id 
_struct_conf.beg_label_seq_id 
_struct_conf.pdbx_beg_PDB_ins_code 
_struct_conf.end_label_comp_id 
_struct_conf.end_label_asym_id 
_struct_conf.end_label_seq_id 
_struct_conf.pdbx_end_PDB_ins_code 
_struct_conf.beg_auth_comp_id 
_struct_conf.beg_auth_asym_id 
_struct_conf.beg_auth_seq_id 
_struct_conf.end_auth_comp_id 
_struct_conf.end_auth_asym_id 
_struct_conf.end_auth_seq_id 
_struct_conf.pdbx_PDB_helix_class 
_struct_conf.details 
_struct_conf.pdbx_PDB_helix_length 
HELX_P HELX_P1 AA1 PRO A 4   ? ARG A 16  ? PRO A 4   ARG A 16  1 ? 13 
HELX_P HELX_P2 AA2 GLY A 21  ? HIS A 35  ? GLY A 21  HIS A 35  1 ? 15 
HELX_P HELX_P3 AA3 HIS A 35  ? ILE A 49  ? HIS A 35  ILE A 49  1 ? 15 
HELX_P HELX_P4 AA4 SER A 85  ? GLY A 96  ? SER A 85  GLY A 96  1 ? 12 
HELX_P HELX_P5 AA5 ASN A 110 ? GLY A 114 ? ASN A 110 GLY A 114 5 ? 5  
HELX_P HELX_P6 AA6 GLY A 124 ? LEU A 129 ? GLY A 124 LEU A 129 5 ? 6  
HELX_P HELX_P7 AA7 THR A 142 ? ARG A 159 ? THR A 142 ARG A 159 1 ? 18 
HELX_P HELX_P8 AA8 ASP A 180 ? GLY A 190 ? ASP A 180 GLY A 190 1 ? 11 
# 
_struct_conf_type.id          HELX_P 
_struct_conf_type.criteria    ? 
_struct_conf_type.reference   ? 
# 
loop_
_struct_conn.id 
_struct_conn.conn_type_id 
_struct_conn.pdbx_leaving_atom_flag 
_struct_conn.pdbx_PDB_id 
_struct_conn.ptnr1_label_asym_id 
_struct_conn.ptnr1_label_comp_id 
_struct_conn.ptnr1_label_seq_id 
_struct_conn.ptnr1_label_atom_id 
_struct_conn.pdbx_ptnr1_label_alt_id 
_struct_conn.pdbx_ptnr1_PDB_ins_code 
_struct_conn.pdbx_ptnr1_standard_comp_id 
_struct_conn.ptnr1_symmetry 
_struct_conn.ptnr2_label_asym_id 
_struct_conn.ptnr2_label_comp_id 
_struct_conn.ptnr2_label_seq_id 
_struct_conn.ptnr2_label_atom_id 
_struct_conn.pdbx_ptnr2_label_alt_id 
_struct_conn.pdbx_ptnr2_PDB_ins_code 
_struct_conn.ptnr1_auth_asym_id 
_struct_conn.ptnr1_auth_comp_id 
_struct_conn.ptnr1_auth_seq_id 
_struct_conn.ptnr2_auth_asym_id 
_struct_conn.ptnr2_auth_comp_id 
_struct_conn.ptnr2_auth_seq_id 
_struct_conn.ptnr2_symmetry 
_struct_conn.pdbx_ptnr3_label_atom_id 
_struct_conn.pdbx_ptnr3_label_seq_id 
_struct_conn.pdbx_ptnr3_label_comp_id 
_struct_conn.pdbx_ptnr3_label_asym_id 
_struct_conn.pdbx_ptnr3_label_alt_id 
_struct_conn.pdbx_ptnr3_PDB_ins_code 
_struct_conn.details 
_struct_conn.pdbx_dist_value 
_struct_conn.pdbx_value_order 
_struct_conn.pdbx_role 
metalc1 metalc ? ? A CYS 55 SG ? ? ? 1_555 B ZN . ZN ? ? A CYS 55 A ZN 201 1_555 ? ? ? ? ? ? ? 2.426 ? ? 
metalc2 metalc ? ? A CYS 58 SG ? ? ? 1_555 B ZN . ZN ? ? A CYS 58 A ZN 201 1_555 ? ? ? ? ? ? ? 2.523 ? ? 
metalc3 metalc ? ? A CYS 67 SG ? ? ? 1_555 B ZN . ZN ? ? A CYS 67 A ZN 201 1_555 ? ? ? ? ? ? ? 2.348 ? ? 
metalc4 metalc ? ? A CYS 70 SG ? ? ? 1_555 B ZN . ZN ? ? A CYS 70 A ZN 201 1_555 ? ? ? ? ? ? ? 2.393 ? ? 
# 
_struct_conn_type.id          metalc 
_struct_conn_type.criteria    ? 
_struct_conn_type.reference   ? 
# 
loop_
_struct_sheet.id 
_struct_sheet.type 
_struct_sheet.number_strands 
_struct_sheet.details 
AA1 ? 2 ? 
AA2 ? 4 ? 
# 
loop_
_struct_sheet_order.sheet_id 
_struct_sheet_order.range_id_1 
_struct_sheet_order.range_id_2 
_struct_sheet_order.offset 
_struct_sheet_order.sense 
AA1 1 2 ? anti-parallel 
AA2 1 2 ? parallel      
AA2 2 3 ? parallel      
AA2 3 4 ? parallel      
# 
loop_
_struct_sheet_range.sheet_id 
_struct_sheet_range.id 
_struct_sheet_range.beg_label_comp_id 
_struct_sheet_range.beg_label_asym_id 
_struct_sheet_range.beg_label_seq_id 
_struct_sheet_range.pdbx_beg_PDB_ins_code 
_struct_sheet_range.end_label_comp_id 
_struct_sheet_range.end_label_asym_id 
_struct_sheet_range.end_label_seq_id 
_struct_sheet_range.pdbx_end_PDB_ins_code 
_struct_sheet_range.beg_auth_comp_id 
_struct_sheet_range.beg_auth_asym_id 
_struct_sheet_range.beg_auth_seq_id 
_struct_sheet_range.end_auth_comp_id 
_struct_sheet_range.end_auth_asym_id 
_struct_sheet_range.end_auth_seq_id 
AA1 1 ARG A 53  ? ALA A 54  ? ARG A 53  ALA A 54  
AA1 2 LEU A 61  ? ALA A 62  ? LEU A 61  ALA A 62  
AA2 1 LEU A 101 ? VAL A 104 ? LEU A 101 VAL A 104 
AA2 2 LEU A 79  ? VAL A 83  ? LEU A 79  VAL A 83  
AA2 3 GLU A 134 ? LEU A 137 ? GLU A 134 LEU A 137 
AA2 4 ARG A 162 ? THR A 164 ? ARG A 162 THR A 164 
# 
loop_
_pdbx_struct_sheet_hbond.sheet_id 
_pdbx_struct_sheet_hbond.range_id_1 
_pdbx_struct_sheet_hbond.range_id_2 
_pdbx_struct_sheet_hbond.range_1_label_atom_id 
_pdbx_struct_sheet_hbond.range_1_label_comp_id 
_pdbx_struct_sheet_hbond.range_1_label_asym_id 
_pdbx_struct_sheet_hbond.range_1_label_seq_id 
_pdbx_struct_sheet_hbond.range_1_PDB_ins_code 
_pdbx_struct_sheet_hbond.range_1_auth_atom_id 
_pdbx_struct_sheet_hbond.range_1_auth_comp_id 
_pdbx_struct_sheet_hbond.range_1_auth_asym_id 
_pdbx_struct_sheet_hbond.range_1_auth_seq_id 
_pdbx_struct_sheet_hbond.range_2_label_atom_id 
_pdbx_struct_sheet_hbond.range_2_label_comp_id 
_pdbx_struct_sheet_hbond.range_2_label_asym_id 
_pdbx_struct_sheet_hbond.range_2_label_seq_id 
_pdbx_struct_sheet_hbond.range_2_PDB_ins_code 
_pdbx_struct_sheet_hbond.range_2_auth_atom_id 
_pdbx_struct_sheet_hbond.range_2_auth_comp_id 
_pdbx_struct_sheet_hbond.range_2_auth_asym_id 
_pdbx_struct_sheet_hbond.range_2_auth_seq_id 
AA1 1 2 N ARG A 53  ? N ARG A 53  O ALA A 62  ? O ALA A 62  
AA2 1 2 O HIS A 103 ? O HIS A 103 N ALA A 81  ? N ALA A 81  
AA2 2 3 N LEU A 80  ? N LEU A 80  O VAL A 136 ? O VAL A 136 
AA2 3 4 N LEU A 137 ? N LEU A 137 O THR A 164 ? O THR A 164 
# 
loop_
_struct_site.id 
_struct_site.pdbx_evidence_code 
_struct_site.pdbx_auth_asym_id 
_struct_site.pdbx_auth_comp_id 
_struct_site.pdbx_auth_seq_id 
_struct_site.pdbx_auth_ins_code 
_struct_site.pdbx_num_residues 
_struct_site.details 
AC1 Software A ZN 201 ? 4 'binding site for residue ZN A 201' 
AC2 Software A CL 202 ? 2 'binding site for residue CL A 202' 
# 
loop_
_struct_site_gen.id 
_struct_site_gen.site_id 
_struct_site_gen.pdbx_num_res 
_struct_site_gen.label_comp_id 
_struct_site_gen.label_asym_id 
_struct_site_gen.label_seq_id 
_struct_site_gen.pdbx_auth_ins_code 
_struct_site_gen.auth_comp_id 
_struct_site_gen.auth_asym_id 
_struct_site_gen.auth_seq_id 
_struct_site_gen.label_atom_id 
_struct_site_gen.label_alt_id 
_struct_site_gen.symmetry 
_struct_site_gen.details 
1 AC1 4 CYS A 55 ? CYS A 55 . ? 1_555 ? 
2 AC1 4 CYS A 58 ? CYS A 58 . ? 1_555 ? 
3 AC1 4 CYS A 67 ? CYS A 67 . ? 1_555 ? 
4 AC1 4 CYS A 70 ? CYS A 70 . ? 1_555 ? 
5 AC2 2 GLY A 21 ? GLY A 21 . ? 1_555 ? 
6 AC2 2 LYS A 23 ? LYS A 23 . ? 1_555 ? 
# 
_atom_sites.entry_id                    5ZVQ 
_atom_sites.fract_transf_matrix[1][1]   -0.00853349 
_atom_sites.fract_transf_matrix[1][2]   -0.01107827 
_atom_sites.fract_transf_matrix[1][3]   -0.02407316 
_atom_sites.fract_transf_matrix[2][1]   -0.00825224 
_atom_sites.fract_transf_matrix[2][2]   -0.00337631 
_atom_sites.fract_transf_matrix[2][3]   0.00447902 
_atom_sites.fract_transf_matrix[3][1]   -0.00346439 
_atom_sites.fract_transf_matrix[3][2]   0.00626931 
_atom_sites.fract_transf_matrix[3][3]   -0.00165702 
_atom_sites.fract_transf_vector[1]      -0.613341 
_atom_sites.fract_transf_vector[2]      0.192775 
_atom_sites.fract_transf_vector[3]      0.129580 
# 
loop_
_atom_type.symbol 
C  
CL 
N  
O  
S  
ZN 
# 
loop_
_atom_site.group_PDB 
_atom_site.id 
_atom_site.type_symbol 
_atom_site.label_atom_id 
_atom_site.label_alt_id 
_atom_site.label_comp_id 
_atom_site.label_asym_id 
_atom_site.label_entity_id 
_atom_site.label_seq_id 
_atom_site.pdbx_PDB_ins_code 
_atom_site.Cartn_x 
_atom_site.Cartn_y 
_atom_site.Cartn_z 
_atom_site.occupancy 
_atom_site.B_iso_or_equiv 
_atom_site.pdbx_formal_charge 
_atom_site.auth_seq_id 
_atom_site.auth_comp_id 
_atom_site.auth_asym_id 
_atom_site.auth_atom_id 
_atom_site.pdbx_PDB_model_num 
ATOM   1    N  N   . MET A 1 1   ? 30.341  15.207  -12.590 1.00 105.28 ? 1   MET A N   1 
ATOM   2    C  CA  . MET A 1 1   ? 30.459  15.108  -14.085 1.00 107.25 ? 1   MET A CA  1 
ATOM   3    C  C   . MET A 1 1   ? 29.890  16.332  -14.811 1.00 109.32 ? 1   MET A C   1 
ATOM   4    O  O   . MET A 1 1   ? 30.621  17.024  -15.526 1.00 116.25 ? 1   MET A O   1 
ATOM   5    C  CB  . MET A 1 1   ? 29.796  13.817  -14.616 1.00 106.71 ? 1   MET A CB  1 
ATOM   6    C  CG  . MET A 1 1   ? 30.709  12.592  -14.597 1.00 106.71 ? 1   MET A CG  1 
ATOM   7    S  SD  . MET A 1 1   ? 30.087  11.082  -15.371 1.00 107.88 ? 1   MET A SD  1 
ATOM   8    C  CE  . MET A 1 1   ? 31.423  9.926   -15.048 1.00 100.59 ? 1   MET A CE  1 
ATOM   9    N  N   . ARG A 1 2   ? 28.596  16.591  -14.621 1.00 104.95 ? 2   ARG A N   1 
ATOM   10   C  CA  . ARG A 1 2   ? 27.869  17.591  -15.413 1.00 102.05 ? 2   ARG A CA  1 
ATOM   11   C  C   . ARG A 1 2   ? 28.173  19.039  -15.023 1.00 97.58  ? 2   ARG A C   1 
ATOM   12   O  O   . ARG A 1 2   ? 28.630  19.314  -13.913 1.00 94.98  ? 2   ARG A O   1 
ATOM   13   C  CB  . ARG A 1 2   ? 26.359  17.348  -15.322 1.00 106.14 ? 2   ARG A CB  1 
ATOM   14   N  N   . TYR A 1 3   ? 27.919  19.942  -15.977 1.00 92.61  ? 3   TYR A N   1 
ATOM   15   C  CA  . TYR A 1 3   ? 28.132  21.394  -15.826 1.00 89.11  ? 3   TYR A CA  1 
ATOM   16   C  C   . TYR A 1 3   ? 26.985  22.349  -16.270 1.00 85.04  ? 3   TYR A C   1 
ATOM   17   O  O   . TYR A 1 3   ? 26.794  23.376  -15.617 1.00 88.73  ? 3   TYR A O   1 
ATOM   18   C  CB  . TYR A 1 3   ? 29.458  21.804  -16.493 1.00 88.67  ? 3   TYR A CB  1 
ATOM   19   C  CG  . TYR A 1 3   ? 30.684  21.276  -15.769 1.00 94.38  ? 3   TYR A CG  1 
ATOM   20   C  CD1 . TYR A 1 3   ? 31.177  21.911  -14.627 1.00 93.15  ? 3   TYR A CD1 1 
ATOM   21   C  CD2 . TYR A 1 3   ? 31.349  20.125  -16.216 1.00 98.92  ? 3   TYR A CD2 1 
ATOM   22   C  CE1 . TYR A 1 3   ? 32.294  21.420  -13.955 1.00 90.49  ? 3   TYR A CE1 1 
ATOM   23   C  CE2 . TYR A 1 3   ? 32.470  19.631  -15.550 1.00 94.13  ? 3   TYR A CE2 1 
ATOM   24   C  CZ  . TYR A 1 3   ? 32.939  20.279  -14.423 1.00 90.18  ? 3   TYR A CZ  1 
ATOM   25   O  OH  . TYR A 1 3   ? 34.049  19.783  -13.777 1.00 85.54  ? 3   TYR A OH  1 
ATOM   26   N  N   . PRO A 1 4   ? 26.232  22.046  -17.361 1.00 80.49  ? 4   PRO A N   1 
ATOM   27   C  CA  . PRO A 1 4   ? 25.072  22.920  -17.634 1.00 80.44  ? 4   PRO A CA  1 
ATOM   28   C  C   . PRO A 1 4   ? 24.040  22.905  -16.503 1.00 81.66  ? 4   PRO A C   1 
ATOM   29   O  O   . PRO A 1 4   ? 23.793  21.844  -15.915 1.00 83.66  ? 4   PRO A O   1 
ATOM   30   C  CB  . PRO A 1 4   ? 24.473  22.328  -18.915 1.00 79.45  ? 4   PRO A CB  1 
ATOM   31   C  CG  . PRO A 1 4   ? 25.604  21.644  -19.578 1.00 79.30  ? 4   PRO A CG  1 
ATOM   32   C  CD  . PRO A 1 4   ? 26.421  21.074  -18.457 1.00 80.78  ? 4   PRO A CD  1 
ATOM   33   N  N   . GLU A 1 5   ? 23.451  24.066  -16.215 1.00 80.96  ? 5   GLU A N   1 
ATOM   34   C  CA  . GLU A 1 5   ? 22.647  24.244  -14.993 1.00 83.03  ? 5   GLU A CA  1 
ATOM   35   C  C   . GLU A 1 5   ? 21.315  23.493  -15.003 1.00 79.85  ? 5   GLU A C   1 
ATOM   36   O  O   . GLU A 1 5   ? 20.986  22.808  -14.033 1.00 76.18  ? 5   GLU A O   1 
ATOM   37   C  CB  . GLU A 1 5   ? 22.420  25.737  -14.672 1.00 87.08  ? 5   GLU A CB  1 
ATOM   38   C  CG  . GLU A 1 5   ? 23.433  26.327  -13.695 1.00 91.12  ? 5   GLU A CG  1 
ATOM   39   C  CD  . GLU A 1 5   ? 23.411  25.642  -12.332 1.00 95.07  ? 5   GLU A CD  1 
ATOM   40   O  OE1 . GLU A 1 5   ? 24.484  25.205  -11.864 1.00 95.75  ? 5   GLU A OE1 1 
ATOM   41   O  OE2 . GLU A 1 5   ? 22.317  25.515  -11.739 1.00 98.76  ? 5   GLU A OE2 1 
ATOM   42   N  N   . SER A 1 6   ? 20.559  23.628  -16.090 1.00 78.50  ? 6   SER A N   1 
ATOM   43   C  CA  . SER A 1 6   ? 19.275  22.933  -16.240 1.00 76.59  ? 6   SER A CA  1 
ATOM   44   C  C   . SER A 1 6   ? 19.434  21.410  -16.249 1.00 75.36  ? 6   SER A C   1 
ATOM   45   O  O   . SER A 1 6   ? 18.586  20.688  -15.716 1.00 76.00  ? 6   SER A O   1 
ATOM   46   C  CB  . SER A 1 6   ? 18.569  23.392  -17.515 1.00 76.90  ? 6   SER A CB  1 
ATOM   47   O  OG  . SER A 1 6   ? 19.444  23.303  -18.618 1.00 77.28  ? 6   SER A OG  1 
ATOM   48   N  N   . LEU A 1 7   ? 20.518  20.933  -16.858 1.00 71.76  ? 7   LEU A N   1 
ATOM   49   C  CA  . LEU A 1 7   ? 20.876  19.519  -16.797 1.00 71.46  ? 7   LEU A CA  1 
ATOM   50   C  C   . LEU A 1 7   ? 21.145  19.082  -15.361 1.00 69.87  ? 7   LEU A C   1 
ATOM   51   O  O   . LEU A 1 7   ? 20.624  18.065  -14.914 1.00 71.59  ? 7   LEU A O   1 
ATOM   52   C  CB  . LEU A 1 7   ? 22.104  19.223  -17.661 1.00 70.32  ? 7   LEU A CB  1 
ATOM   53   C  CG  . LEU A 1 7   ? 22.485  17.745  -17.789 1.00 72.12  ? 7   LEU A CG  1 
ATOM   54   C  CD1 . LEU A 1 7   ? 21.425  16.975  -18.570 1.00 72.59  ? 7   LEU A CD1 1 
ATOM   55   C  CD2 . LEU A 1 7   ? 23.850  17.599  -18.440 1.00 72.25  ? 7   LEU A CD2 1 
ATOM   56   N  N   . LEU A 1 8   ? 21.958  19.852  -14.646 1.00 70.88  ? 8   LEU A N   1 
ATOM   57   C  CA  . LEU A 1 8   ? 22.270  19.539  -13.250 1.00 72.81  ? 8   LEU A CA  1 
ATOM   58   C  C   . LEU A 1 8   ? 21.028  19.656  -12.354 1.00 71.46  ? 8   LEU A C   1 
ATOM   59   O  O   . LEU A 1 8   ? 20.816  18.827  -11.469 1.00 69.16  ? 8   LEU A O   1 
ATOM   60   C  CB  . LEU A 1 8   ? 23.394  20.444  -12.737 1.00 74.86  ? 8   LEU A CB  1 
ATOM   61   C  CG  . LEU A 1 8   ? 24.081  20.015  -11.438 1.00 76.41  ? 8   LEU A CG  1 
ATOM   62   C  CD1 . LEU A 1 8   ? 24.822  18.691  -11.608 1.00 76.03  ? 8   LEU A CD1 1 
ATOM   63   C  CD2 . LEU A 1 8   ? 25.029  21.116  -10.992 1.00 78.30  ? 8   LEU A CD2 1 
ATOM   64   N  N   . LYS A 1 9   ? 20.217  20.686  -12.602 1.00 71.39  ? 9   LYS A N   1 
ATOM   65   C  CA  . LYS A 1 9   ? 18.928  20.878  -11.932 1.00 70.50  ? 9   LYS A CA  1 
ATOM   66   C  C   . LYS A 1 9   ? 17.996  19.670  -12.115 1.00 69.72  ? 9   LYS A C   1 
ATOM   67   O  O   . LYS A 1 9   ? 17.298  19.285  -11.180 1.00 73.17  ? 9   LYS A O   1 
ATOM   68   C  CB  . LYS A 1 9   ? 18.249  22.152  -12.464 1.00 71.30  ? 9   LYS A CB  1 
ATOM   69   C  CG  . LYS A 1 9   ? 16.937  22.523  -11.786 1.00 73.15  ? 9   LYS A CG  1 
ATOM   70   N  N   . LEU A 1 10  ? 17.993  19.091  -13.317 1.00 66.41  ? 10  LEU A N   1 
ATOM   71   C  CA  . LEU A 1 10  ? 17.206  17.894  -13.618 1.00 66.52  ? 10  LEU A CA  1 
ATOM   72   C  C   . LEU A 1 10  ? 17.795  16.664  -12.936 1.00 69.23  ? 10  LEU A C   1 
ATOM   73   O  O   . LEU A 1 10  ? 17.073  15.908  -12.280 1.00 75.47  ? 10  LEU A O   1 
ATOM   74   C  CB  . LEU A 1 10  ? 17.141  17.662  -15.135 1.00 67.20  ? 10  LEU A CB  1 
ATOM   75   C  CG  . LEU A 1 10  ? 16.335  16.465  -15.661 1.00 64.72  ? 10  LEU A CG  1 
ATOM   76   C  CD1 . LEU A 1 10  ? 14.892  16.534  -15.184 1.00 65.78  ? 10  LEU A CD1 1 
ATOM   77   C  CD2 . LEU A 1 10  ? 16.401  16.405  -17.177 1.00 61.01  ? 10  LEU A CD2 1 
ATOM   78   N  N   . THR A 1 11  ? 19.103  16.471  -13.100 1.00 69.02  ? 11  THR A N   1 
ATOM   79   C  CA  . THR A 1 11  ? 19.832  15.359  -12.478 1.00 68.89  ? 11  THR A CA  1 
ATOM   80   C  C   . THR A 1 11  ? 19.678  15.346  -10.958 1.00 71.02  ? 11  THR A C   1 
ATOM   81   O  O   . THR A 1 11  ? 19.556  14.278  -10.354 1.00 67.87  ? 11  THR A O   1 
ATOM   82   C  CB  . THR A 1 11  ? 21.336  15.413  -12.824 1.00 67.59  ? 11  THR A CB  1 
ATOM   83   O  OG1 . THR A 1 11  ? 21.500  15.488  -14.246 1.00 67.05  ? 11  THR A OG1 1 
ATOM   84   C  CG2 . THR A 1 11  ? 22.076  14.178  -12.302 1.00 68.52  ? 11  THR A CG2 1 
ATOM   85   N  N   . ARG A 1 12  ? 19.669  16.533  -10.355 1.00 75.60  ? 12  ARG A N   1 
ATOM   86   C  CA  . ARG A 1 12  ? 19.505  16.673  -8.905  1.00 79.27  ? 12  ARG A CA  1 
ATOM   87   C  C   . ARG A 1 12  ? 18.080  16.327  -8.469  1.00 76.01  ? 12  ARG A C   1 
ATOM   88   O  O   . ARG A 1 12  ? 17.884  15.630  -7.471  1.00 76.91  ? 12  ARG A O   1 
ATOM   89   C  CB  . ARG A 1 12  ? 19.881  18.090  -8.466  1.00 84.40  ? 12  ARG A CB  1 
ATOM   90   C  CG  . ARG A 1 12  ? 20.286  18.222  -7.004  1.00 90.19  ? 12  ARG A CG  1 
ATOM   91   C  CD  . ARG A 1 12  ? 21.627  18.933  -6.878  1.00 94.44  ? 12  ARG A CD  1 
ATOM   92   N  NE  . ARG A 1 12  ? 21.625  20.240  -7.546  1.00 96.52  ? 12  ARG A NE  1 
ATOM   93   C  CZ  . ARG A 1 12  ? 22.713  20.911  -7.941  1.00 96.13  ? 12  ARG A CZ  1 
ATOM   94   N  NH1 . ARG A 1 12  ? 23.942  20.421  -7.756  1.00 93.36  ? 12  ARG A NH1 1 
ATOM   95   N  NH2 . ARG A 1 12  ? 22.566  22.094  -8.539  1.00 94.33  ? 12  ARG A NH2 1 
ATOM   96   N  N   . ALA A 1 13  ? 17.097  16.795  -9.236  1.00 72.26  ? 13  ALA A N   1 
ATOM   97   C  CA  . ALA A 1 13  ? 15.692  16.450  -9.004  1.00 70.58  ? 13  ALA A CA  1 
ATOM   98   C  C   . ALA A 1 13  ? 15.445  14.953  -9.166  1.00 68.14  ? 13  ALA A C   1 
ATOM   99   O  O   . ALA A 1 13  ? 14.751  14.351  -8.351  1.00 67.23  ? 13  ALA A O   1 
ATOM   100  C  CB  . ALA A 1 13  ? 14.784  17.238  -9.938  1.00 71.03  ? 13  ALA A CB  1 
ATOM   101  N  N   . LEU A 1 14  ? 16.014  14.358  -10.214 1.00 66.94  ? 14  LEU A N   1 
ATOM   102  C  CA  . LEU A 1 14  ? 15.924  12.907  -10.421 1.00 66.18  ? 14  LEU A CA  1 
ATOM   103  C  C   . LEU A 1 14  ? 16.545  12.088  -9.279  1.00 68.78  ? 14  LEU A C   1 
ATOM   104  O  O   . LEU A 1 14  ? 16.081  10.986  -8.992  1.00 69.26  ? 14  LEU A O   1 
ATOM   105  C  CB  . LEU A 1 14  ? 16.554  12.501  -11.758 1.00 63.50  ? 14  LEU A CB  1 
ATOM   106  C  CG  . LEU A 1 14  ? 15.778  12.884  -13.027 1.00 62.67  ? 14  LEU A CG  1 
ATOM   107  C  CD1 . LEU A 1 14  ? 16.648  12.711  -14.264 1.00 61.26  ? 14  LEU A CD1 1 
ATOM   108  C  CD2 . LEU A 1 14  ? 14.494  12.078  -13.163 1.00 61.13  ? 14  LEU A CD2 1 
ATOM   109  N  N   . SER A 1 15  ? 17.584  12.625  -8.639  1.00 74.55  ? 15  SER A N   1 
ATOM   110  C  CA  . SER A 1 15  ? 18.243  11.945  -7.507  1.00 78.26  ? 15  SER A CA  1 
ATOM   111  C  C   . SER A 1 15  ? 17.429  11.934  -6.205  1.00 78.15  ? 15  SER A C   1 
ATOM   112  O  O   . SER A 1 15  ? 17.640  11.059  -5.360  1.00 74.83  ? 15  SER A O   1 
ATOM   113  C  CB  . SER A 1 15  ? 19.635  12.526  -7.253  1.00 79.52  ? 15  SER A CB  1 
ATOM   114  O  OG  . SER A 1 15  ? 20.533  12.082  -8.256  1.00 82.64  ? 15  SER A OG  1 
ATOM   115  N  N   . ARG A 1 16  ? 16.507  12.885  -6.047  1.00 78.14  ? 16  ARG A N   1 
ATOM   116  C  CA  . ARG A 1 16  ? 15.561  12.873  -4.918  1.00 77.91  ? 16  ARG A CA  1 
ATOM   117  C  C   . ARG A 1 16  ? 14.591  11.677  -4.926  1.00 77.44  ? 16  ARG A C   1 
ATOM   118  O  O   . ARG A 1 16  ? 13.998  11.367  -3.892  1.00 79.89  ? 16  ARG A O   1 
ATOM   119  C  CB  . ARG A 1 16  ? 14.734  14.159  -4.884  1.00 79.99  ? 16  ARG A CB  1 
ATOM   120  C  CG  . ARG A 1 16  ? 15.517  15.421  -4.571  1.00 84.32  ? 16  ARG A CG  1 
ATOM   121  C  CD  . ARG A 1 16  ? 14.592  16.631  -4.508  1.00 87.14  ? 16  ARG A CD  1 
ATOM   122  N  NE  . ARG A 1 16  ? 13.589  16.518  -3.441  1.00 87.23  ? 16  ARG A NE  1 
ATOM   123  C  CZ  . ARG A 1 16  ? 12.615  17.403  -3.213  1.00 90.48  ? 16  ARG A CZ  1 
ATOM   124  N  NH1 . ARG A 1 16  ? 12.479  18.496  -3.966  1.00 91.35  ? 16  ARG A NH1 1 
ATOM   125  N  NH2 . ARG A 1 16  ? 11.762  17.193  -2.214  1.00 91.77  ? 16  ARG A NH2 1 
ATOM   126  N  N   . LEU A 1 17  ? 14.417  11.031  -6.081  1.00 73.30  ? 17  LEU A N   1 
ATOM   127  C  CA  . LEU A 1 17  ? 13.526  9.880   -6.207  1.00 75.94  ? 17  LEU A CA  1 
ATOM   128  C  C   . LEU A 1 17  ? 14.104  8.650   -5.489  1.00 83.22  ? 17  LEU A C   1 
ATOM   129  O  O   . LEU A 1 17  ? 15.307  8.399   -5.575  1.00 87.83  ? 17  LEU A O   1 
ATOM   130  C  CB  . LEU A 1 17  ? 13.295  9.550   -7.685  1.00 75.16  ? 17  LEU A CB  1 
ATOM   131  C  CG  . LEU A 1 17  ? 12.672  10.639  -8.569  1.00 75.36  ? 17  LEU A CG  1 
ATOM   132  C  CD1 . LEU A 1 17  ? 12.641  10.200  -10.026 1.00 73.63  ? 17  LEU A CD1 1 
ATOM   133  C  CD2 . LEU A 1 17  ? 11.275  11.006  -8.091  1.00 74.74  ? 17  LEU A CD2 1 
ATOM   134  N  N   . PRO A 1 18  ? 13.250  7.873   -4.784  1.00 87.98  ? 18  PRO A N   1 
ATOM   135  C  CA  . PRO A 1 18  ? 13.742  6.722   -4.013  1.00 88.60  ? 18  PRO A CA  1 
ATOM   136  C  C   . PRO A 1 18  ? 14.207  5.552   -4.888  1.00 86.23  ? 18  PRO A C   1 
ATOM   137  O  O   . PRO A 1 18  ? 13.485  5.128   -5.797  1.00 85.63  ? 18  PRO A O   1 
ATOM   138  C  CB  . PRO A 1 18  ? 12.525  6.318   -3.173  1.00 90.49  ? 18  PRO A CB  1 
ATOM   139  C  CG  . PRO A 1 18  ? 11.356  6.737   -3.994  1.00 91.41  ? 18  PRO A CG  1 
ATOM   140  C  CD  . PRO A 1 18  ? 11.782  7.997   -4.695  1.00 90.12  ? 18  PRO A CD  1 
ATOM   141  N  N   . GLY A 1 19  ? 15.399  5.036   -4.596  1.00 83.47  ? 19  GLY A N   1 
ATOM   142  C  CA  . GLY A 1 19  ? 16.007  3.962   -5.379  1.00 81.12  ? 19  GLY A CA  1 
ATOM   143  C  C   . GLY A 1 19  ? 16.574  4.436   -6.707  1.00 80.00  ? 19  GLY A C   1 
ATOM   144  O  O   . GLY A 1 19  ? 16.606  3.675   -7.673  1.00 75.75  ? 19  GLY A O   1 
ATOM   145  N  N   . ILE A 1 20  ? 17.011  5.696   -6.751  1.00 80.92  ? 20  ILE A N   1 
ATOM   146  C  CA  . ILE A 1 20  ? 17.625  6.290   -7.937  1.00 79.18  ? 20  ILE A CA  1 
ATOM   147  C  C   . ILE A 1 20  ? 18.934  6.944   -7.495  1.00 80.53  ? 20  ILE A C   1 
ATOM   148  O  O   . ILE A 1 20  ? 18.928  8.032   -6.916  1.00 80.68  ? 20  ILE A O   1 
ATOM   149  C  CB  . ILE A 1 20  ? 16.693  7.338   -8.598  1.00 79.19  ? 20  ILE A CB  1 
ATOM   150  C  CG1 . ILE A 1 20  ? 15.387  6.692   -9.093  1.00 77.58  ? 20  ILE A CG1 1 
ATOM   151  C  CG2 . ILE A 1 20  ? 17.397  8.059   -9.746  1.00 80.67  ? 20  ILE A CG2 1 
ATOM   152  C  CD1 . ILE A 1 20  ? 15.513  5.860   -10.354 1.00 74.94  ? 20  ILE A CD1 1 
ATOM   153  N  N   . GLY A 1 21  ? 20.050  6.265   -7.752  1.00 82.68  ? 21  GLY A N   1 
ATOM   154  C  CA  . GLY A 1 21  ? 21.372  6.798   -7.427  1.00 84.80  ? 21  GLY A CA  1 
ATOM   155  C  C   . GLY A 1 21  ? 21.814  7.832   -8.449  1.00 86.56  ? 21  GLY A C   1 
ATOM   156  O  O   . GLY A 1 21  ? 21.141  8.010   -9.470  1.00 87.19  ? 21  GLY A O   1 
ATOM   157  N  N   . PRO A 1 22  ? 22.954  8.514   -8.196  1.00 87.32  ? 22  PRO A N   1 
ATOM   158  C  CA  . PRO A 1 22  ? 23.404  9.577   -9.110  1.00 84.00  ? 22  PRO A CA  1 
ATOM   159  C  C   . PRO A 1 22  ? 23.781  9.111   -10.520 1.00 80.28  ? 22  PRO A C   1 
ATOM   160  O  O   . PRO A 1 22  ? 23.693  9.900   -11.457 1.00 79.78  ? 22  PRO A O   1 
ATOM   161  C  CB  . PRO A 1 22  ? 24.626  10.174  -8.392  1.00 84.60  ? 22  PRO A CB  1 
ATOM   162  C  CG  . PRO A 1 22  ? 24.516  9.722   -6.976  1.00 85.81  ? 22  PRO A CG  1 
ATOM   163  C  CD  . PRO A 1 22  ? 23.874  8.370   -7.053  1.00 86.69  ? 22  PRO A CD  1 
ATOM   164  N  N   . LYS A 1 23  ? 24.182  7.848   -10.669 1.00 80.24  ? 23  LYS A N   1 
ATOM   165  C  CA  . LYS A 1 23  ? 24.586  7.313   -11.974 1.00 83.48  ? 23  LYS A CA  1 
ATOM   166  C  C   . LYS A 1 23  ? 23.377  7.130   -12.888 1.00 81.28  ? 23  LYS A C   1 
ATOM   167  O  O   . LYS A 1 23  ? 23.452  7.414   -14.088 1.00 82.46  ? 23  LYS A O   1 
ATOM   168  C  CB  . LYS A 1 23  ? 25.341  5.982   -11.824 1.00 88.55  ? 23  LYS A CB  1 
ATOM   169  C  CG  . LYS A 1 23  ? 26.581  5.874   -12.696 1.00 94.39  ? 23  LYS A CG  1 
ATOM   170  C  CD  . LYS A 1 23  ? 27.738  6.659   -12.095 1.00 97.65  ? 23  LYS A CD  1 
ATOM   171  C  CE  . LYS A 1 23  ? 28.978  6.596   -12.972 1.00 102.76 ? 23  LYS A CE  1 
ATOM   172  N  NZ  . LYS A 1 23  ? 30.111  7.344   -12.359 1.00 104.33 ? 23  LYS A NZ  1 
ATOM   173  N  N   . THR A 1 24  ? 22.276  6.643   -12.317 1.00 78.59  ? 24  THR A N   1 
ATOM   174  C  CA  . THR A 1 24  ? 21.010  6.525   -13.042 1.00 76.65  ? 24  THR A CA  1 
ATOM   175  C  C   . THR A 1 24  ? 20.394  7.900   -13.311 1.00 72.73  ? 24  THR A C   1 
ATOM   176  O  O   . THR A 1 24  ? 19.903  8.159   -14.408 1.00 69.83  ? 24  THR A O   1 
ATOM   177  C  CB  . THR A 1 24  ? 20.007  5.647   -12.277 1.00 76.06  ? 24  THR A CB  1 
ATOM   178  O  OG1 . THR A 1 24  ? 20.593  4.361   -12.045 1.00 76.06  ? 24  THR A OG1 1 
ATOM   179  N  N   . ALA A 1 25  ? 20.437  8.778   -12.312 1.00 70.89  ? 25  ALA A N   1 
ATOM   180  C  CA  . ALA A 1 25  ? 19.999  10.168  -12.469 1.00 72.65  ? 25  ALA A CA  1 
ATOM   181  C  C   . ALA A 1 25  ? 20.628  10.854  -13.689 1.00 75.24  ? 25  ALA A C   1 
ATOM   182  O  O   . ALA A 1 25  ? 19.932  11.536  -14.443 1.00 78.69  ? 25  ALA A O   1 
ATOM   183  C  CB  . ALA A 1 25  ? 20.307  10.962  -11.212 1.00 71.13  ? 25  ALA A CB  1 
ATOM   184  N  N   . GLN A 1 26  ? 21.931  10.653  -13.886 1.00 75.37  ? 26  GLN A N   1 
ATOM   185  C  CA  . GLN A 1 26  ? 22.644  11.243  -15.021 1.00 74.67  ? 26  GLN A CA  1 
ATOM   186  C  C   . GLN A 1 26  ? 22.220  10.634  -16.355 1.00 74.41  ? 26  GLN A C   1 
ATOM   187  O  O   . GLN A 1 26  ? 21.955  11.366  -17.307 1.00 78.65  ? 26  GLN A O   1 
ATOM   188  C  CB  . GLN A 1 26  ? 24.153  11.101  -14.848 1.00 74.76  ? 26  GLN A CB  1 
ATOM   189  C  CG  . GLN A 1 26  ? 24.970  11.761  -15.946 1.00 75.96  ? 26  GLN A CG  1 
ATOM   190  C  CD  . GLN A 1 26  ? 26.456  11.624  -15.713 1.00 78.62  ? 26  GLN A CD  1 
ATOM   191  O  OE1 . GLN A 1 26  ? 27.014  12.283  -14.837 1.00 78.95  ? 26  GLN A OE1 1 
ATOM   192  N  NE2 . GLN A 1 26  ? 27.109  10.767  -16.501 1.00 76.36  ? 26  GLN A NE2 1 
ATOM   193  N  N   . ARG A 1 27  ? 22.170  9.304   -16.424 1.00 73.24  ? 27  ARG A N   1 
ATOM   194  C  CA  . ARG A 1 27  ? 21.768  8.605   -17.651 1.00 75.30  ? 27  ARG A CA  1 
ATOM   195  C  C   . ARG A 1 27  ? 20.382  9.043   -18.120 1.00 74.13  ? 27  ARG A C   1 
ATOM   196  O  O   . ARG A 1 27  ? 20.158  9.215   -19.320 1.00 75.80  ? 27  ARG A O   1 
ATOM   197  C  CB  . ARG A 1 27  ? 21.782  7.084   -17.451 1.00 79.87  ? 27  ARG A CB  1 
ATOM   198  C  CG  . ARG A 1 27  ? 21.614  6.276   -18.737 1.00 84.13  ? 27  ARG A CG  1 
ATOM   199  C  CD  . ARG A 1 27  ? 21.339  4.801   -18.473 1.00 88.83  ? 27  ARG A CD  1 
ATOM   200  N  NE  . ARG A 1 27  ? 22.387  4.179   -17.651 1.00 93.48  ? 27  ARG A NE  1 
ATOM   201  C  CZ  . ARG A 1 27  ? 22.279  3.819   -16.365 1.00 94.44  ? 27  ARG A CZ  1 
ATOM   202  N  NH1 . ARG A 1 27  ? 21.150  3.989   -15.669 1.00 96.28  ? 27  ARG A NH1 1 
ATOM   203  N  NH2 . ARG A 1 27  ? 23.330  3.265   -15.760 1.00 92.23  ? 27  ARG A NH2 1 
ATOM   204  N  N   . LEU A 1 28  ? 19.465  9.210   -17.168 1.00 71.52  ? 28  LEU A N   1 
ATOM   205  C  CA  . LEU A 1 28  ? 18.089  9.612   -17.459 1.00 68.00  ? 28  LEU A CA  1 
ATOM   206  C  C   . LEU A 1 28  ? 17.999  11.075  -17.856 1.00 66.17  ? 28  LEU A C   1 
ATOM   207  O  O   . LEU A 1 28  ? 17.246  11.420  -18.765 1.00 63.97  ? 28  LEU A O   1 
ATOM   208  C  CB  . LEU A 1 28  ? 17.191  9.356   -16.245 1.00 68.99  ? 28  LEU A CB  1 
ATOM   209  C  CG  . LEU A 1 28  ? 17.016  7.886   -15.851 1.00 67.38  ? 28  LEU A CG  1 
ATOM   210  C  CD1 . LEU A 1 28  ? 16.273  7.791   -14.528 1.00 66.45  ? 28  LEU A CD1 1 
ATOM   211  C  CD2 . LEU A 1 28  ? 16.302  7.102   -16.943 1.00 66.42  ? 28  LEU A CD2 1 
ATOM   212  N  N   . ALA A 1 29  ? 18.755  11.922  -17.155 1.00 65.43  ? 29  ALA A N   1 
ATOM   213  C  CA  . ALA A 1 29  ? 18.831  13.354  -17.448 1.00 61.19  ? 29  ALA A CA  1 
ATOM   214  C  C   . ALA A 1 29  ? 19.360  13.602  -18.857 1.00 62.26  ? 29  ALA A C   1 
ATOM   215  O  O   . ALA A 1 29  ? 18.790  14.403  -19.602 1.00 64.57  ? 29  ALA A O   1 
ATOM   216  C  CB  . ALA A 1 29  ? 19.710  14.057  -16.423 1.00 59.73  ? 29  ALA A CB  1 
ATOM   217  N  N   . LEU A 1 30  ? 20.445  12.912  -19.212 1.00 62.95  ? 30  LEU A N   1 
ATOM   218  C  CA  . LEU A 1 30  ? 21.002  12.956  -20.575 1.00 65.03  ? 30  LEU A CA  1 
ATOM   219  C  C   . LEU A 1 30  ? 19.977  12.505  -21.598 1.00 66.38  ? 30  LEU A C   1 
ATOM   220  O  O   . LEU A 1 30  ? 19.778  13.167  -22.615 1.00 71.36  ? 30  LEU A O   1 
ATOM   221  C  CB  . LEU A 1 30  ? 22.256  12.075  -20.701 1.00 68.55  ? 30  LEU A CB  1 
ATOM   222  C  CG  . LEU A 1 30  ? 23.630  12.718  -20.485 1.00 70.91  ? 30  LEU A CG  1 
ATOM   223  C  CD1 . LEU A 1 30  ? 23.613  13.751  -19.370 1.00 73.92  ? 30  LEU A CD1 1 
ATOM   224  C  CD2 . LEU A 1 30  ? 24.675  11.645  -20.210 1.00 71.78  ? 30  LEU A CD2 1 
ATOM   225  N  N   . HIS A 1 31  ? 19.331  11.377  -21.320 1.00 65.47  ? 31  HIS A N   1 
ATOM   226  C  CA  . HIS A 1 31  ? 18.302  10.836  -22.205 1.00 63.83  ? 31  HIS A CA  1 
ATOM   227  C  C   . HIS A 1 31  ? 17.164  11.843  -22.424 1.00 63.68  ? 31  HIS A C   1 
ATOM   228  O  O   . HIS A 1 31  ? 16.720  12.034  -23.555 1.00 65.97  ? 31  HIS A O   1 
ATOM   229  C  CB  . HIS A 1 31  ? 17.756  9.505   -21.660 1.00 62.69  ? 31  HIS A CB  1 
ATOM   230  C  CG  . HIS A 1 31  ? 16.554  9.001   -22.396 1.00 63.59  ? 31  HIS A CG  1 
ATOM   231  N  ND1 . HIS A 1 31  ? 16.647  8.237   -23.538 1.00 65.79  ? 31  HIS A ND1 1 
ATOM   232  C  CD2 . HIS A 1 31  ? 15.230  9.180   -22.170 1.00 65.50  ? 31  HIS A CD2 1 
ATOM   233  C  CE1 . HIS A 1 31  ? 15.432  7.959   -23.979 1.00 68.11  ? 31  HIS A CE1 1 
ATOM   234  N  NE2 . HIS A 1 31  ? 14.553  8.521   -23.167 1.00 66.10  ? 31  HIS A NE2 1 
ATOM   235  N  N   . LEU A 1 32  ? 16.697  12.474  -21.348 1.00 62.21  ? 32  LEU A N   1 
ATOM   236  C  CA  . LEU A 1 32  ? 15.596  13.443  -21.447 1.00 62.00  ? 32  LEU A CA  1 
ATOM   237  C  C   . LEU A 1 32  ? 16.010  14.670  -22.255 1.00 61.98  ? 32  LEU A C   1 
ATOM   238  O  O   . LEU A 1 32  ? 15.228  15.162  -23.067 1.00 61.55  ? 32  LEU A O   1 
ATOM   239  C  CB  . LEU A 1 32  ? 15.075  13.847  -20.059 1.00 59.00  ? 32  LEU A CB  1 
ATOM   240  C  CG  . LEU A 1 32  ? 14.300  12.743  -19.319 1.00 59.66  ? 32  LEU A CG  1 
ATOM   241  C  CD1 . LEU A 1 32  ? 14.174  13.046  -17.826 1.00 59.44  ? 32  LEU A CD1 1 
ATOM   242  C  CD2 . LEU A 1 32  ? 12.931  12.513  -19.948 1.00 58.70  ? 32  LEU A CD2 1 
ATOM   243  N  N   . ALA A 1 33  ? 17.244  15.134  -22.057 1.00 63.78  ? 33  ALA A N   1 
ATOM   244  C  CA  . ALA A 1 33  ? 17.805  16.229  -22.857 1.00 64.23  ? 33  ALA A CA  1 
ATOM   245  C  C   . ALA A 1 33  ? 17.866  15.905  -24.358 1.00 64.75  ? 33  ALA A C   1 
ATOM   246  O  O   . ALA A 1 33  ? 17.592  16.774  -25.182 1.00 64.40  ? 33  ALA A O   1 
ATOM   247  C  CB  . ALA A 1 33  ? 19.183  16.609  -22.342 1.00 64.33  ? 33  ALA A CB  1 
ATOM   248  N  N   . PHE A 1 34  ? 18.205  14.661  -24.701 1.00 65.88  ? 34  PHE A N   1 
ATOM   249  C  CA  . PHE A 1 34  ? 18.280  14.224  -26.103 1.00 69.52  ? 34  PHE A CA  1 
ATOM   250  C  C   . PHE A 1 34  ? 16.952  13.736  -26.693 1.00 71.66  ? 34  PHE A C   1 
ATOM   251  O  O   . PHE A 1 34  ? 16.900  13.376  -27.871 1.00 76.34  ? 34  PHE A O   1 
ATOM   252  C  CB  . PHE A 1 34  ? 19.363  13.146  -26.281 1.00 73.20  ? 34  PHE A CB  1 
ATOM   253  C  CG  . PHE A 1 34  ? 20.764  13.691  -26.286 1.00 75.97  ? 34  PHE A CG  1 
ATOM   254  C  CD1 . PHE A 1 34  ? 21.194  14.518  -27.322 1.00 78.72  ? 34  PHE A CD1 1 
ATOM   255  C  CD2 . PHE A 1 34  ? 21.657  13.385  -25.265 1.00 76.23  ? 34  PHE A CD2 1 
ATOM   256  C  CE1 . PHE A 1 34  ? 22.483  15.033  -27.334 1.00 80.87  ? 34  PHE A CE1 1 
ATOM   257  C  CE2 . PHE A 1 34  ? 22.949  13.894  -25.275 1.00 80.24  ? 34  PHE A CE2 1 
ATOM   258  C  CZ  . PHE A 1 34  ? 23.363  14.720  -26.310 1.00 80.24  ? 34  PHE A CZ  1 
ATOM   259  N  N   . HIS A 1 35  ? 15.889  13.716  -25.890 1.00 72.55  ? 35  HIS A N   1 
ATOM   260  C  CA  . HIS A 1 35  ? 14.551  13.366  -26.371 1.00 70.05  ? 35  HIS A CA  1 
ATOM   261  C  C   . HIS A 1 35  ? 13.565  14.409  -25.845 1.00 69.88  ? 35  HIS A C   1 
ATOM   262  O  O   . HIS A 1 35  ? 12.926  14.216  -24.805 1.00 67.35  ? 35  HIS A O   1 
ATOM   263  C  CB  . HIS A 1 35  ? 14.179  11.943  -25.936 1.00 70.26  ? 35  HIS A CB  1 
ATOM   264  C  CG  . HIS A 1 35  ? 15.133  10.892  -26.425 1.00 72.04  ? 35  HIS A CG  1 
ATOM   265  N  ND1 . HIS A 1 35  ? 16.323  10.613  -25.788 1.00 71.51  ? 35  HIS A ND1 1 
ATOM   266  C  CD2 . HIS A 1 35  ? 15.074  10.059  -27.492 1.00 73.94  ? 35  HIS A CD2 1 
ATOM   267  C  CE1 . HIS A 1 35  ? 16.957  9.652   -26.439 1.00 71.73  ? 35  HIS A CE1 1 
ATOM   268  N  NE2 . HIS A 1 35  ? 16.219  9.297   -27.477 1.00 73.61  ? 35  HIS A NE2 1 
ATOM   269  N  N   . LYS A 1 36  ? 13.476  15.525  -26.572 1.00 71.52  ? 36  LYS A N   1 
ATOM   270  C  CA  . LYS A 1 36  ? 12.610  16.660  -26.196 1.00 75.64  ? 36  LYS A CA  1 
ATOM   271  C  C   . LYS A 1 36  ? 11.131  16.293  -26.102 1.00 75.47  ? 36  LYS A C   1 
ATOM   272  O  O   . LYS A 1 36  ? 10.444  16.730  -25.170 1.00 71.54  ? 36  LYS A O   1 
ATOM   273  C  CB  . LYS A 1 36  ? 12.777  17.852  -27.162 1.00 79.19  ? 36  LYS A CB  1 
ATOM   274  C  CG  . LYS A 1 36  ? 13.517  19.047  -26.574 1.00 82.87  ? 36  LYS A CG  1 
ATOM   275  C  CD  . LYS A 1 36  ? 14.967  18.736  -26.235 1.00 85.60  ? 36  LYS A CD  1 
ATOM   276  C  CE  . LYS A 1 36  ? 15.688  19.979  -25.730 1.00 87.05  ? 36  LYS A CE  1 
ATOM   277  N  NZ  . LYS A 1 36  ? 16.985  19.670  -25.070 1.00 86.34  ? 36  LYS A NZ  1 
ATOM   278  N  N   . GLU A 1 37  ? 10.652  15.506  -27.070 1.00 75.71  ? 37  GLU A N   1 
ATOM   279  C  CA  . GLU A 1 37  ? 9.245   15.093  -27.121 1.00 75.54  ? 37  GLU A CA  1 
ATOM   280  C  C   . GLU A 1 37  ? 8.855   14.319  -25.865 1.00 72.23  ? 37  GLU A C   1 
ATOM   281  O  O   . GLU A 1 37  ? 7.874   14.661  -25.204 1.00 72.44  ? 37  GLU A O   1 
ATOM   282  C  CB  . GLU A 1 37  ? 8.962   14.254  -28.374 1.00 75.61  ? 37  GLU A CB  1 
ATOM   283  N  N   . GLU A 1 38  ? 9.650   13.303  -25.536 1.00 68.36  ? 38  GLU A N   1 
ATOM   284  C  CA  . GLU A 1 38  ? 9.422   12.473  -24.352 1.00 70.24  ? 38  GLU A CA  1 
ATOM   285  C  C   . GLU A 1 38  ? 9.460   13.293  -23.050 1.00 70.78  ? 38  GLU A C   1 
ATOM   286  O  O   . GLU A 1 38  ? 8.627   13.089  -22.163 1.00 73.88  ? 38  GLU A O   1 
ATOM   287  C  CB  . GLU A 1 38  ? 10.444  11.321  -24.308 1.00 72.28  ? 38  GLU A CB  1 
ATOM   288  C  CG  . GLU A 1 38  ? 10.196  10.275  -23.225 1.00 74.58  ? 38  GLU A CG  1 
ATOM   289  C  CD  . GLU A 1 38  ? 11.225  9.149   -23.217 1.00 78.85  ? 38  GLU A CD  1 
ATOM   290  O  OE1 . GLU A 1 38  ? 12.009  9.025   -24.181 1.00 84.89  ? 38  GLU A OE1 1 
ATOM   291  O  OE2 . GLU A 1 38  ? 11.249  8.372   -22.239 1.00 79.57  ? 38  GLU A OE2 1 
ATOM   292  N  N   . ALA A 1 39  ? 10.410  14.223  -22.947 1.00 68.36  ? 39  ALA A N   1 
ATOM   293  C  CA  . ALA A 1 39  ? 10.536  15.073  -21.758 1.00 67.84  ? 39  ALA A CA  1 
ATOM   294  C  C   . ALA A 1 39  ? 9.326   15.987  -21.562 1.00 67.24  ? 39  ALA A C   1 
ATOM   295  O  O   . ALA A 1 39  ? 8.883   16.191  -20.428 1.00 66.49  ? 39  ALA A O   1 
ATOM   296  C  CB  . ALA A 1 39  ? 11.815  15.897  -21.820 1.00 67.21  ? 39  ALA A CB  1 
ATOM   297  N  N   . GLU A 1 40  ? 8.805   16.538  -22.657 1.00 68.99  ? 40  GLU A N   1 
ATOM   298  C  CA  . GLU A 1 40  ? 7.580   17.349  -22.617 1.00 72.03  ? 40  GLU A CA  1 
ATOM   299  C  C   . GLU A 1 40  ? 6.387   16.520  -22.129 1.00 70.29  ? 40  GLU A C   1 
ATOM   300  O  O   . GLU A 1 40  ? 5.624   16.969  -21.266 1.00 70.54  ? 40  GLU A O   1 
ATOM   301  C  CB  . GLU A 1 40  ? 7.273   17.953  -23.993 1.00 73.07  ? 40  GLU A CB  1 
ATOM   302  N  N   . ALA A 1 41  ? 6.252   15.309  -22.668 1.00 67.73  ? 41  ALA A N   1 
ATOM   303  C  CA  . ALA A 1 41  ? 5.208   14.365  -22.239 1.00 68.71  ? 41  ALA A CA  1 
ATOM   304  C  C   . ALA A 1 41  ? 5.275   14.027  -20.741 1.00 70.44  ? 41  ALA A C   1 
ATOM   305  O  O   . ALA A 1 41  ? 4.230   13.885  -20.092 1.00 72.66  ? 41  ALA A O   1 
ATOM   306  C  CB  . ALA A 1 41  ? 5.267   13.092  -23.067 1.00 66.12  ? 41  ALA A CB  1 
ATOM   307  N  N   . LEU A 1 42  ? 6.491   13.909  -20.202 1.00 67.63  ? 42  LEU A N   1 
ATOM   308  C  CA  . LEU A 1 42  ? 6.685   13.636  -18.771 1.00 67.38  ? 42  LEU A CA  1 
ATOM   309  C  C   . LEU A 1 42  ? 6.317   14.836  -17.910 1.00 66.03  ? 42  LEU A C   1 
ATOM   310  O  O   . LEU A 1 42  ? 5.711   14.676  -16.849 1.00 67.81  ? 42  LEU A O   1 
ATOM   311  C  CB  . LEU A 1 42  ? 8.128   13.215  -18.479 1.00 67.86  ? 42  LEU A CB  1 
ATOM   312  C  CG  . LEU A 1 42  ? 8.443   12.773  -17.045 1.00 65.38  ? 42  LEU A CG  1 
ATOM   313  C  CD1 . LEU A 1 42  ? 7.613   11.562  -16.658 1.00 64.56  ? 42  LEU A CD1 1 
ATOM   314  C  CD2 . LEU A 1 42  ? 9.926   12.472  -16.899 1.00 65.40  ? 42  LEU A CD2 1 
ATOM   315  N  N   . ALA A 1 43  ? 6.702   16.025  -18.365 1.00 68.19  ? 43  ALA A N   1 
ATOM   316  C  CA  . ALA A 1 43  ? 6.288   17.286  -17.730 1.00 68.07  ? 43  ALA A CA  1 
ATOM   317  C  C   . ALA A 1 43  ? 4.771   17.496  -17.768 1.00 66.89  ? 43  ALA A C   1 
ATOM   318  O  O   . ALA A 1 43  ? 4.195   18.022  -16.815 1.00 68.21  ? 43  ALA A O   1 
ATOM   319  C  CB  . ALA A 1 43  ? 6.988   18.462  -18.391 1.00 67.99  ? 43  ALA A CB  1 
ATOM   320  N  N   . GLU A 1 44  ? 4.140   17.097  -18.869 1.00 69.19  ? 44  GLU A N   1 
ATOM   321  C  CA  . GLU A 1 44  ? 2.685   17.164  -18.999 1.00 73.73  ? 44  GLU A CA  1 
ATOM   322  C  C   . GLU A 1 44  ? 2.006   16.242  -17.981 1.00 71.73  ? 44  GLU A C   1 
ATOM   323  O  O   . GLU A 1 44  ? 1.074   16.659  -17.284 1.00 66.94  ? 44  GLU A O   1 
ATOM   324  C  CB  . GLU A 1 44  ? 2.257   16.790  -20.422 1.00 81.89  ? 44  GLU A CB  1 
ATOM   325  C  CG  . GLU A 1 44  ? 0.783   17.049  -20.715 1.00 89.50  ? 44  GLU A CG  1 
ATOM   326  C  CD  . GLU A 1 44  ? 0.433   16.926  -22.191 1.00 94.10  ? 44  GLU A CD  1 
ATOM   327  O  OE1 . GLU A 1 44  ? 1.114   17.563  -23.027 1.00 96.51  ? 44  GLU A OE1 1 
ATOM   328  O  OE2 . GLU A 1 44  ? -0.537  16.203  -22.512 1.00 95.83  ? 44  GLU A OE2 1 
ATOM   329  N  N   . ALA A 1 45  ? 2.496   15.002  -17.899 1.00 67.75  ? 45  ALA A N   1 
ATOM   330  C  CA  . ALA A 1 45  ? 2.003   14.010  -16.941 1.00 64.42  ? 45  ALA A CA  1 
ATOM   331  C  C   . ALA A 1 45  ? 2.234   14.408  -15.481 1.00 65.56  ? 45  ALA A C   1 
ATOM   332  O  O   . ALA A 1 45  ? 1.405   14.109  -14.618 1.00 63.30  ? 45  ALA A O   1 
ATOM   333  C  CB  . ALA A 1 45  ? 2.644   12.663  -17.213 1.00 66.14  ? 45  ALA A CB  1 
ATOM   334  N  N   . LEU A 1 46  ? 3.362   15.065  -15.208 1.00 66.08  ? 46  LEU A N   1 
ATOM   335  C  CA  . LEU A 1 46  ? 3.658   15.573  -13.864 1.00 67.95  ? 46  LEU A CA  1 
ATOM   336  C  C   . LEU A 1 46  ? 2.724   16.709  -13.466 1.00 71.01  ? 46  LEU A C   1 
ATOM   337  O  O   . LEU A 1 46  ? 2.249   16.749  -12.332 1.00 70.57  ? 46  LEU A O   1 
ATOM   338  C  CB  . LEU A 1 46  ? 5.115   16.031  -13.753 1.00 67.41  ? 46  LEU A CB  1 
ATOM   339  C  CG  . LEU A 1 46  ? 6.111   14.883  -13.586 1.00 67.62  ? 46  LEU A CG  1 
ATOM   340  C  CD1 . LEU A 1 46  ? 7.513   15.326  -13.976 1.00 68.40  ? 46  LEU A CD1 1 
ATOM   341  C  CD2 . LEU A 1 46  ? 6.091   14.339  -12.161 1.00 67.78  ? 46  LEU A CD2 1 
ATOM   342  N  N   . GLU A 1 47  ? 2.481   17.637  -14.392 1.00 76.92  ? 47  GLU A N   1 
ATOM   343  C  CA  . GLU A 1 47  ? 1.436   18.655  -14.203 1.00 81.89  ? 47  GLU A CA  1 
ATOM   344  C  C   . GLU A 1 47  ? 0.072   17.983  -14.044 1.00 81.94  ? 47  GLU A C   1 
ATOM   345  O  O   . GLU A 1 47  ? -0.704  18.349  -13.162 1.00 82.72  ? 47  GLU A O   1 
ATOM   346  C  CB  . GLU A 1 47  ? 1.401   19.668  -15.363 1.00 87.75  ? 47  GLU A CB  1 
ATOM   347  C  CG  . GLU A 1 47  ? 1.914   21.056  -14.997 1.00 90.57  ? 47  GLU A CG  1 
ATOM   348  C  CD  . GLU A 1 47  ? 1.013   21.780  -14.007 1.00 92.12  ? 47  GLU A CD  1 
ATOM   349  O  OE1 . GLU A 1 47  ? 1.544   22.544  -13.174 1.00 92.62  ? 47  GLU A OE1 1 
ATOM   350  O  OE2 . GLU A 1 47  ? -0.222  21.582  -14.051 1.00 91.12  ? 47  GLU A OE2 1 
ATOM   351  N  N   . GLY A 1 48  ? -0.191  16.988  -14.893 1.00 80.43  ? 48  GLY A N   1 
ATOM   352  C  CA  . GLY A 1 48  ? -1.398  16.176  -14.822 1.00 81.19  ? 48  GLY A CA  1 
ATOM   353  C  C   . GLY A 1 48  ? -1.721  15.596  -13.453 1.00 83.63  ? 48  GLY A C   1 
ATOM   354  O  O   . GLY A 1 48  ? -2.890  15.516  -13.094 1.00 86.52  ? 48  GLY A O   1 
ATOM   355  N  N   . ILE A 1 49  ? -0.699  15.205  -12.685 1.00 81.62  ? 49  ILE A N   1 
ATOM   356  C  CA  . ILE A 1 49  ? -0.904  14.547  -11.382 1.00 81.22  ? 49  ILE A CA  1 
ATOM   357  C  C   . ILE A 1 49  ? -1.053  15.515  -10.192 1.00 78.26  ? 49  ILE A C   1 
ATOM   358  O  O   . ILE A 1 49  ? -1.148  15.074  -9.046  1.00 72.41  ? 49  ILE A O   1 
ATOM   359  C  CB  . ILE A 1 49  ? 0.197   13.468  -11.123 1.00 83.15  ? 49  ILE A CB  1 
ATOM   360  C  CG1 . ILE A 1 49  ? -0.369  12.290  -10.322 1.00 85.37  ? 49  ILE A CG1 1 
ATOM   361  C  CG2 . ILE A 1 49  ? 1.437   14.040  -10.434 1.00 82.60  ? 49  ILE A CG2 1 
ATOM   362  C  CD1 . ILE A 1 49  ? 0.509   11.061  -10.358 1.00 89.47  ? 49  ILE A CD1 1 
ATOM   363  N  N   . LYS A 1 50  ? -1.081  16.822  -10.462 1.00 81.89  ? 50  LYS A N   1 
ATOM   364  C  CA  . LYS A 1 50  ? -1.362  17.833  -9.435  1.00 82.71  ? 50  LYS A CA  1 
ATOM   365  C  C   . LYS A 1 50  ? -2.769  17.659  -8.861  1.00 85.94  ? 50  LYS A C   1 
ATOM   366  O  O   . LYS A 1 50  ? -2.989  17.845  -7.661  1.00 88.62  ? 50  LYS A O   1 
ATOM   367  C  CB  . LYS A 1 50  ? -1.208  19.245  -10.014 1.00 81.50  ? 50  LYS A CB  1 
ATOM   368  N  N   . ARG A 1 51  ? -3.708  17.304  -9.737  1.00 86.89  ? 51  ARG A N   1 
ATOM   369  C  CA  . ARG A 1 51  ? -5.087  16.993  -9.352  1.00 90.13  ? 51  ARG A CA  1 
ATOM   370  C  C   . ARG A 1 51  ? -5.222  15.843  -8.352  1.00 89.12  ? 51  ARG A C   1 
ATOM   371  O  O   . ARG A 1 51  ? -6.024  15.936  -7.421  1.00 95.24  ? 51  ARG A O   1 
ATOM   372  C  CB  . ARG A 1 51  ? -5.934  16.693  -10.605 1.00 96.47  ? 51  ARG A CB  1 
ATOM   373  C  CG  . ARG A 1 51  ? -5.561  15.411  -11.347 1.00 98.51  ? 51  ARG A CG  1 
ATOM   374  C  CD  . ARG A 1 51  ? -6.021  15.402  -12.804 1.00 103.47 ? 51  ARG A CD  1 
ATOM   375  N  NE  . ARG A 1 51  ? -5.369  16.421  -13.633 1.00 108.88 ? 51  ARG A NE  1 
ATOM   376  C  CZ  . ARG A 1 51  ? -5.586  16.604  -14.940 1.00 111.80 ? 51  ARG A CZ  1 
ATOM   377  N  NH1 . ARG A 1 51  ? -6.447  15.837  -15.612 1.00 112.31 ? 51  ARG A NH1 1 
ATOM   378  N  NH2 . ARG A 1 51  ? -4.933  17.568  -15.589 1.00 110.21 ? 51  ARG A NH2 1 
ATOM   379  N  N   . VAL A 1 52  ? -4.437  14.780  -8.536  1.00 85.17  ? 52  VAL A N   1 
ATOM   380  C  CA  . VAL A 1 52  ? -4.592  13.540  -7.760  1.00 84.94  ? 52  VAL A CA  1 
ATOM   381  C  C   . VAL A 1 52  ? -4.426  13.793  -6.263  1.00 87.17  ? 52  VAL A C   1 
ATOM   382  O  O   . VAL A 1 52  ? -3.575  14.582  -5.850  1.00 93.62  ? 52  VAL A O   1 
ATOM   383  C  CB  . VAL A 1 52  ? -3.614  12.437  -8.250  1.00 83.16  ? 52  VAL A CB  1 
ATOM   384  C  CG1 . VAL A 1 52  ? -3.511  11.266  -7.274  1.00 83.48  ? 52  VAL A CG1 1 
ATOM   385  C  CG2 . VAL A 1 52  ? -4.059  11.925  -9.606  1.00 81.62  ? 52  VAL A CG2 1 
ATOM   386  N  N   . ARG A 1 53  ? -5.260  13.133  -5.465  1.00 87.45  ? 53  ARG A N   1 
ATOM   387  C  CA  . ARG A 1 53  ? -5.197  13.251  -4.013  1.00 89.76  ? 53  ARG A CA  1 
ATOM   388  C  C   . ARG A 1 53  ? -5.769  12.018  -3.327  1.00 85.06  ? 53  ARG A C   1 
ATOM   389  O  O   . ARG A 1 53  ? -6.367  11.149  -3.972  1.00 78.68  ? 53  ARG A O   1 
ATOM   390  C  CB  . ARG A 1 53  ? -5.948  14.504  -3.553  1.00 97.04  ? 53  ARG A CB  1 
ATOM   391  C  CG  . ARG A 1 53  ? -7.447  14.494  -3.849  1.00 103.13 ? 53  ARG A CG  1 
ATOM   392  C  CD  . ARG A 1 53  ? -8.031  15.897  -3.861  1.00 107.43 ? 53  ARG A CD  1 
ATOM   393  N  NE  . ARG A 1 53  ? -7.452  16.710  -4.931  1.00 112.70 ? 53  ARG A NE  1 
ATOM   394  C  CZ  . ARG A 1 53  ? -7.679  18.010  -5.123  1.00 119.88 ? 53  ARG A CZ  1 
ATOM   395  N  NH1 . ARG A 1 53  ? -8.496  18.698  -4.322  1.00 123.06 ? 53  ARG A NH1 1 
ATOM   396  N  NH2 . ARG A 1 53  ? -7.080  18.632  -6.137  1.00 121.44 ? 53  ARG A NH2 1 
ATOM   397  N  N   . ALA A 1 54  ? -5.575  11.963  -2.011  1.00 82.76  ? 54  ALA A N   1 
ATOM   398  C  CA  . ALA A 1 54  ? -6.134  10.907  -1.174  1.00 77.77  ? 54  ALA A CA  1 
ATOM   399  C  C   . ALA A 1 54  ? -7.651  10.913  -1.284  1.00 73.97  ? 54  ALA A C   1 
ATOM   400  O  O   . ALA A 1 54  ? -8.260  11.974  -1.322  1.00 73.39  ? 54  ALA A O   1 
ATOM   401  C  CB  . ALA A 1 54  ? -5.714  11.100  0.272   1.00 77.43  ? 54  ALA A CB  1 
ATOM   402  N  N   . CYS A 1 55  ? -8.245  9.726   -1.367  1.00 74.05  ? 55  CYS A N   1 
ATOM   403  C  CA  . CYS A 1 55  ? -9.695  9.582   -1.404  1.00 73.59  ? 55  CYS A CA  1 
ATOM   404  C  C   . CYS A 1 55  ? -10.289 9.996   -0.067  1.00 80.44  ? 55  CYS A C   1 
ATOM   405  O  O   . CYS A 1 55  ? -9.727  9.703   0.994   1.00 81.02  ? 55  CYS A O   1 
ATOM   406  C  CB  . CYS A 1 55  ? -10.088 8.141   -1.721  1.00 74.04  ? 55  CYS A CB  1 
ATOM   407  S  SG  . CYS A 1 55  ? -11.855 7.752   -1.628  1.00 71.17  ? 55  CYS A SG  1 
ATOM   408  N  N   . ARG A 1 56  ? -11.437 10.664  -0.136  1.00 85.43  ? 56  ARG A N   1 
ATOM   409  C  CA  . ARG A 1 56  ? -12.139 11.191  1.038   1.00 86.10  ? 56  ARG A CA  1 
ATOM   410  C  C   . ARG A 1 56  ? -12.452 10.104  2.074   1.00 84.63  ? 56  ARG A C   1 
ATOM   411  O  O   . ARG A 1 56  ? -12.458 10.377  3.275   1.00 79.20  ? 56  ARG A O   1 
ATOM   412  C  CB  . ARG A 1 56  ? -13.429 11.887  0.584   1.00 90.78  ? 56  ARG A CB  1 
ATOM   413  C  CG  . ARG A 1 56  ? -14.162 12.685  1.652   1.00 96.23  ? 56  ARG A CG  1 
ATOM   414  C  CD  . ARG A 1 56  ? -15.080 13.726  1.019   1.00 100.43 ? 56  ARG A CD  1 
ATOM   415  N  NE  . ARG A 1 56  ? -15.966 13.140  0.004   1.00 103.92 ? 56  ARG A NE  1 
ATOM   416  C  CZ  . ARG A 1 56  ? -16.598 13.817  -0.963  1.00 106.66 ? 56  ARG A CZ  1 
ATOM   417  N  NH1 . ARG A 1 56  ? -16.474 15.142  -1.088  1.00 107.06 ? 56  ARG A NH1 1 
ATOM   418  N  NH2 . ARG A 1 56  ? -17.370 13.156  -1.827  1.00 105.20 ? 56  ARG A NH2 1 
ATOM   419  N  N   . GLU A 1 57  ? -12.679 8.877   1.597   1.00 84.31  ? 57  GLU A N   1 
ATOM   420  C  CA  . GLU A 1 57  ? -13.068 7.751   2.442   1.00 86.47  ? 57  GLU A CA  1 
ATOM   421  C  C   . GLU A 1 57  ? -11.920 6.735   2.668   1.00 85.23  ? 57  GLU A C   1 
ATOM   422  O  O   . GLU A 1 57  ? -11.635 6.392   3.817   1.00 83.81  ? 57  GLU A O   1 
ATOM   423  C  CB  . GLU A 1 57  ? -14.320 7.079   1.838   1.00 90.74  ? 57  GLU A CB  1 
ATOM   424  C  CG  . GLU A 1 57  ? -15.511 6.982   2.786   1.00 95.92  ? 57  GLU A CG  1 
ATOM   425  C  CD  . GLU A 1 57  ? -16.148 8.327   3.109   1.00 101.55 ? 57  GLU A CD  1 
ATOM   426  O  OE1 . GLU A 1 57  ? -15.572 9.089   3.917   1.00 103.62 ? 57  GLU A OE1 1 
ATOM   427  O  OE2 . GLU A 1 57  ? -17.239 8.615   2.574   1.00 106.46 ? 57  GLU A OE2 1 
ATOM   428  N  N   . CYS A 1 58  ? -11.266 6.275   1.593   1.00 82.36  ? 58  CYS A N   1 
ATOM   429  C  CA  . CYS A 1 58  ? -10.188 5.254   1.684   1.00 76.72  ? 58  CYS A CA  1 
ATOM   430  C  C   . CYS A 1 58  ? -8.853  5.772   2.196   1.00 71.86  ? 58  CYS A C   1 
ATOM   431  O  O   . CYS A 1 58  ? -8.261  5.182   3.090   1.00 77.38  ? 58  CYS A O   1 
ATOM   432  C  CB  . CYS A 1 58  ? -9.853  4.651   0.315   1.00 78.31  ? 58  CYS A CB  1 
ATOM   433  S  SG  . CYS A 1 58  ? -10.897 3.345   -0.321  1.00 86.41  ? 58  CYS A SG  1 
ATOM   434  N  N   . GLY A 1 59  ? -8.367  6.846   1.581   1.00 67.88  ? 59  GLY A N   1 
ATOM   435  C  CA  . GLY A 1 59  ? -6.934  7.176   1.578   1.00 69.32  ? 59  GLY A CA  1 
ATOM   436  C  C   . GLY A 1 59  ? -6.202  6.640   0.346   1.00 67.84  ? 59  GLY A C   1 
ATOM   437  O  O   . GLY A 1 59  ? -4.978  6.743   0.253   1.00 66.95  ? 59  GLY A O   1 
ATOM   438  N  N   . ASN A 1 60  ? -6.962  6.107   -0.611  1.00 63.68  ? 60  ASN A N   1 
ATOM   439  C  CA  . ASN A 1 60  ? -6.444  5.532   -1.847  1.00 64.32  ? 60  ASN A CA  1 
ATOM   440  C  C   . ASN A 1 60  ? -6.365  6.678   -2.857  1.00 66.55  ? 60  ASN A C   1 
ATOM   441  O  O   . ASN A 1 60  ? -7.109  7.655   -2.750  1.00 64.93  ? 60  ASN A O   1 
ATOM   442  C  CB  . ASN A 1 60  ? -7.392  4.414   -2.322  1.00 62.13  ? 60  ASN A CB  1 
ATOM   443  C  CG  . ASN A 1 60  ? -6.946  3.744   -3.611  1.00 61.77  ? 60  ASN A CG  1 
ATOM   444  O  OD1 . ASN A 1 60  ? -5.809  3.888   -4.052  1.00 63.79  ? 60  ASN A OD1 1 
ATOM   445  N  ND2 . ASN A 1 60  ? -7.856  2.995   -4.221  1.00 60.26  ? 60  ASN A ND2 1 
ATOM   446  N  N   . LEU A 1 61  ? -5.458  6.571   -3.823  1.00 69.19  ? 61  LEU A N   1 
ATOM   447  C  CA  . LEU A 1 61  ? -5.287  7.626   -4.821  1.00 72.81  ? 61  LEU A CA  1 
ATOM   448  C  C   . LEU A 1 61  ? -6.531  7.762   -5.698  1.00 75.94  ? 61  LEU A C   1 
ATOM   449  O  O   . LEU A 1 61  ? -7.082  6.757   -6.164  1.00 74.27  ? 61  LEU A O   1 
ATOM   450  C  CB  . LEU A 1 61  ? -4.054  7.375   -5.690  1.00 73.83  ? 61  LEU A CB  1 
ATOM   451  C  CG  . LEU A 1 61  ? -2.686  7.492   -5.012  1.00 77.49  ? 61  LEU A CG  1 
ATOM   452  C  CD1 . LEU A 1 61  ? -1.598  7.434   -6.073  1.00 81.67  ? 61  LEU A CD1 1 
ATOM   453  C  CD2 . LEU A 1 61  ? -2.544  8.764   -4.183  1.00 78.09  ? 61  LEU A CD2 1 
ATOM   454  N  N   . ALA A 1 62  ? -6.950  9.012   -5.914  1.00 76.09  ? 62  ALA A N   1 
ATOM   455  C  CA  . ALA A 1 62  ? -8.237  9.321   -6.537  1.00 79.23  ? 62  ALA A CA  1 
ATOM   456  C  C   . ALA A 1 62  ? -8.180  10.557  -7.442  1.00 80.74  ? 62  ALA A C   1 
ATOM   457  O  O   . ALA A 1 62  ? -7.493  11.536  -7.134  1.00 77.85  ? 62  ALA A O   1 
ATOM   458  C  CB  . ALA A 1 62  ? -9.280  9.528   -5.454  1.00 79.51  ? 62  ALA A CB  1 
ATOM   459  N  N   . GLU A 1 63  ? -8.895  10.486  -8.565  1.00 86.01  ? 63  GLU A N   1 
ATOM   460  C  CA  . GLU A 1 63  ? -9.159  11.656  -9.405  1.00 94.45  ? 63  GLU A CA  1 
ATOM   461  C  C   . GLU A 1 63  ? -10.274 12.454  -8.732  1.00 95.14  ? 63  GLU A C   1 
ATOM   462  O  O   . GLU A 1 63  ? -11.440 12.047  -8.757  1.00 91.98  ? 63  GLU A O   1 
ATOM   463  C  CB  . GLU A 1 63  ? -9.586  11.249  -10.826 1.00 97.71  ? 63  GLU A CB  1 
ATOM   464  C  CG  . GLU A 1 63  ? -8.471  10.662  -11.690 1.00 99.62  ? 63  GLU A CG  1 
ATOM   465  C  CD  . GLU A 1 63  ? -7.617  11.707  -12.395 1.00 101.03 ? 63  GLU A CD  1 
ATOM   466  O  OE1 . GLU A 1 63  ? -7.010  11.374  -13.437 1.00 102.93 ? 63  GLU A OE1 1 
ATOM   467  O  OE2 . GLU A 1 63  ? -7.543  12.857  -11.918 1.00 99.05  ? 63  GLU A OE2 1 
ATOM   468  N  N   . GLY A 1 64  ? -9.902  13.572  -8.113  1.00 98.57  ? 64  GLY A N   1 
ATOM   469  C  CA  . GLY A 1 64  ? -10.845 14.412  -7.382  1.00 101.40 ? 64  GLY A CA  1 
ATOM   470  C  C   . GLY A 1 64  ? -11.167 13.865  -6.001  1.00 103.05 ? 64  GLY A C   1 
ATOM   471  O  O   . GLY A 1 64  ? -10.275 13.748  -5.155  1.00 105.24 ? 64  GLY A O   1 
ATOM   472  N  N   . GLU A 1 65  ? -12.436 13.509  -5.787  1.00 100.93 ? 65  GLU A N   1 
ATOM   473  C  CA  . GLU A 1 65  ? -12.967 13.226  -4.449  1.00 97.30  ? 65  GLU A CA  1 
ATOM   474  C  C   . GLU A 1 65  ? -12.843 11.758  -4.039  1.00 95.51  ? 65  GLU A C   1 
ATOM   475  O  O   . GLU A 1 65  ? -12.167 11.447  -3.055  1.00 93.19  ? 65  GLU A O   1 
ATOM   476  C  CB  . GLU A 1 65  ? -14.434 13.663  -4.365  1.00 97.31  ? 65  GLU A CB  1 
ATOM   477  N  N   . LEU A 1 66  ? -13.507 10.872  -4.787  1.00 94.80  ? 66  LEU A N   1 
ATOM   478  C  CA  . LEU A 1 66  ? -13.589 9.440   -4.455  1.00 87.80  ? 66  LEU A CA  1 
ATOM   479  C  C   . LEU A 1 66  ? -12.714 8.590   -5.378  1.00 83.45  ? 66  LEU A C   1 
ATOM   480  O  O   . LEU A 1 66  ? -12.621 8.872   -6.574  1.00 82.81  ? 66  LEU A O   1 
ATOM   481  C  CB  . LEU A 1 66  ? -15.039 8.954   -4.544  1.00 85.49  ? 66  LEU A CB  1 
ATOM   482  C  CG  . LEU A 1 66  ? -16.067 9.642   -3.641  1.00 90.11  ? 66  LEU A CG  1 
ATOM   483  C  CD1 . LEU A 1 66  ? -17.474 9.166   -3.984  1.00 90.58  ? 66  LEU A CD1 1 
ATOM   484  C  CD2 . LEU A 1 66  ? -15.769 9.414   -2.164  1.00 88.82  ? 66  LEU A CD2 1 
ATOM   485  N  N   . CYS A 1 67  ? -12.083 7.551   -4.821  1.00 78.88  ? 67  CYS A N   1 
ATOM   486  C  CA  . CYS A 1 67  ? -11.243 6.634   -5.603  1.00 75.95  ? 67  CYS A CA  1 
ATOM   487  C  C   . CYS A 1 67  ? -12.112 5.735   -6.487  1.00 76.51  ? 67  CYS A C   1 
ATOM   488  O  O   . CYS A 1 67  ? -13.310 5.582   -6.218  1.00 79.78  ? 67  CYS A O   1 
ATOM   489  C  CB  . CYS A 1 67  ? -10.360 5.771   -4.685  1.00 73.31  ? 67  CYS A CB  1 
ATOM   490  S  SG  . CYS A 1 67  ? -11.220 4.467   -3.774  1.00 69.29  ? 67  CYS A SG  1 
ATOM   491  N  N   . PRO A 1 68  ? -11.518 5.121   -7.532  1.00 74.01  ? 68  PRO A N   1 
ATOM   492  C  CA  . PRO A 1 68  ? -12.294 4.227   -8.405  1.00 73.37  ? 68  PRO A CA  1 
ATOM   493  C  C   . PRO A 1 68  ? -12.966 3.055   -7.692  1.00 75.22  ? 68  PRO A C   1 
ATOM   494  O  O   . PRO A 1 68  ? -14.018 2.602   -8.147  1.00 80.42  ? 68  PRO A O   1 
ATOM   495  C  CB  . PRO A 1 68  ? -11.253 3.703   -9.398  1.00 70.66  ? 68  PRO A CB  1 
ATOM   496  C  CG  . PRO A 1 68  ? -10.183 4.729   -9.402  1.00 73.75  ? 68  PRO A CG  1 
ATOM   497  C  CD  . PRO A 1 68  ? -10.125 5.246   -7.997  1.00 74.60  ? 68  PRO A CD  1 
ATOM   498  N  N   . ILE A 1 69  ? -12.363 2.572   -6.602  1.00 74.01  ? 69  ILE A N   1 
ATOM   499  C  CA  . ILE A 1 69  ? -12.931 1.469   -5.829  1.00 74.48  ? 69  ILE A CA  1 
ATOM   500  C  C   . ILE A 1 69  ? -14.209 1.918   -5.104  1.00 77.47  ? 69  ILE A C   1 
ATOM   501  O  O   . ILE A 1 69  ? -15.244 1.260   -5.222  1.00 80.57  ? 69  ILE A O   1 
ATOM   502  C  CB  . ILE A 1 69  ? -11.904 0.876   -4.833  1.00 74.77  ? 69  ILE A CB  1 
ATOM   503  C  CG1 . ILE A 1 69  ? -10.698 0.301   -5.590  1.00 71.20  ? 69  ILE A CG1 1 
ATOM   504  C  CG2 . ILE A 1 69  ? -12.538 -0.212  -3.968  1.00 73.79  ? 69  ILE A CG2 1 
ATOM   505  N  N   . CYS A 1 70  ? -14.142 3.037   -4.385  1.00 79.15  ? 70  CYS A N   1 
ATOM   506  C  CA  . CYS A 1 70  ? -15.294 3.528   -3.602  1.00 81.92  ? 70  CYS A CA  1 
ATOM   507  C  C   . CYS A 1 70  ? -16.514 3.909   -4.450  1.00 84.87  ? 70  CYS A C   1 
ATOM   508  O  O   . CYS A 1 70  ? -17.649 3.653   -4.043  1.00 85.01  ? 70  CYS A O   1 
ATOM   509  C  CB  . CYS A 1 70  ? -14.891 4.711   -2.719  1.00 81.00  ? 70  CYS A CB  1 
ATOM   510  S  SG  . CYS A 1 70  ? -13.820 4.232   -1.352  1.00 77.07  ? 70  CYS A SG  1 
ATOM   511  N  N   . GLN A 1 71  ? -16.276 4.504   -5.617  1.00 84.44  ? 71  GLN A N   1 
ATOM   512  C  CA  . GLN A 1 71  ? -17.357 4.862   -6.543  1.00 86.79  ? 71  GLN A CA  1 
ATOM   513  C  C   . GLN A 1 71  ? -17.693 3.770   -7.582  1.00 88.41  ? 71  GLN A C   1 
ATOM   514  O  O   . GLN A 1 71  ? -18.332 4.057   -8.595  1.00 87.47  ? 71  GLN A O   1 
ATOM   515  C  CB  . GLN A 1 71  ? -17.054 6.212   -7.213  1.00 86.81  ? 71  GLN A CB  1 
ATOM   516  C  CG  . GLN A 1 71  ? -16.022 6.192   -8.332  1.00 86.27  ? 71  GLN A CG  1 
ATOM   517  C  CD  . GLN A 1 71  ? -15.520 7.578   -8.700  1.00 88.04  ? 71  GLN A CD  1 
ATOM   518  O  OE1 . GLN A 1 71  ? -14.430 7.720   -9.254  1.00 90.01  ? 71  GLN A OE1 1 
ATOM   519  N  NE2 . GLN A 1 71  ? -16.309 8.607   -8.396  1.00 89.50  ? 71  GLN A NE2 1 
ATOM   520  N  N   . ASP A 1 72  ? -17.267 2.532   -7.328  1.00 93.50  ? 72  ASP A N   1 
ATOM   521  C  CA  . ASP A 1 72  ? -17.745 1.368   -8.070  1.00 93.92  ? 72  ASP A CA  1 
ATOM   522  C  C   . ASP A 1 72  ? -18.958 0.825   -7.330  1.00 93.98  ? 72  ASP A C   1 
ATOM   523  O  O   . ASP A 1 72  ? -18.879 0.554   -6.131  1.00 92.47  ? 72  ASP A O   1 
ATOM   524  C  CB  . ASP A 1 72  ? -16.662 0.291   -8.153  1.00 95.74  ? 72  ASP A CB  1 
ATOM   525  C  CG  . ASP A 1 72  ? -17.019 -0.831  -9.118  1.00 99.86  ? 72  ASP A CG  1 
ATOM   526  O  OD1 . ASP A 1 72  ? -18.106 -1.435  -8.980  1.00 102.07 ? 72  ASP A OD1 1 
ATOM   527  O  OD2 . ASP A 1 72  ? -16.200 -1.117  -10.017 1.00 102.27 ? 72  ASP A OD2 1 
ATOM   528  N  N   . GLU A 1 73  ? -20.067 0.659   -8.050  1.00 95.22  ? 73  GLU A N   1 
ATOM   529  C  CA  . GLU A 1 73  ? -21.316 0.167   -7.458  1.00 89.93  ? 73  GLU A CA  1 
ATOM   530  C  C   . GLU A 1 73  ? -21.308 -1.354  -7.259  1.00 88.18  ? 73  GLU A C   1 
ATOM   531  O  O   . GLU A 1 73  ? -21.897 -1.851  -6.291  1.00 84.09  ? 73  GLU A O   1 
ATOM   532  C  CB  . GLU A 1 73  ? -22.521 0.614   -8.291  1.00 87.86  ? 73  GLU A CB  1 
ATOM   533  C  CG  . GLU A 1 73  ? -22.609 2.133   -8.441  1.00 86.02  ? 73  GLU A CG  1 
ATOM   534  C  CD  . GLU A 1 73  ? -23.985 2.655   -8.849  1.00 83.33  ? 73  GLU A CD  1 
ATOM   535  O  OE1 . GLU A 1 73  ? -24.099 3.883   -9.034  1.00 83.69  ? 73  GLU A OE1 1 
ATOM   536  O  OE2 . GLU A 1 73  ? -24.952 1.870   -8.983  1.00 76.36  ? 73  GLU A OE2 1 
ATOM   537  N  N   . ASP A 1 74  ? -20.638 -2.084  -8.155  1.00 86.88  ? 74  ASP A N   1 
ATOM   538  C  CA  . ASP A 1 74  ? -20.435 -3.535  -7.993  1.00 89.74  ? 74  ASP A CA  1 
ATOM   539  C  C   . ASP A 1 74  ? -19.252 -3.782  -7.048  1.00 90.24  ? 74  ASP A C   1 
ATOM   540  O  O   . ASP A 1 74  ? -18.143 -4.105  -7.485  1.00 96.58  ? 74  ASP A O   1 
ATOM   541  C  CB  . ASP A 1 74  ? -20.216 -4.236  -9.348  1.00 89.26  ? 74  ASP A CB  1 
ATOM   542  C  CG  . ASP A 1 74  ? -21.511 -4.450  -10.114 1.00 88.10  ? 74  ASP A CG  1 
ATOM   543  N  N   . ARG A 1 75  ? -19.511 -3.615  -5.753  1.00 84.32  ? 75  ARG A N   1 
ATOM   544  C  CA  . ARG A 1 75  ? -18.515 -3.792  -4.696  1.00 80.40  ? 75  ARG A CA  1 
ATOM   545  C  C   . ARG A 1 75  ? -19.188 -4.360  -3.456  1.00 78.24  ? 75  ARG A C   1 
ATOM   546  O  O   . ARG A 1 75  ? -20.113 -3.744  -2.925  1.00 79.54  ? 75  ARG A O   1 
ATOM   547  C  CB  . ARG A 1 75  ? -17.872 -2.446  -4.339  1.00 81.91  ? 75  ARG A CB  1 
ATOM   548  C  CG  . ARG A 1 75  ? -16.697 -2.055  -5.221  1.00 81.34  ? 75  ARG A CG  1 
ATOM   549  C  CD  . ARG A 1 75  ? -15.428 -2.799  -4.827  1.00 80.17  ? 75  ARG A CD  1 
ATOM   550  N  NE  . ARG A 1 75  ? -14.609 -3.159  -5.982  1.00 79.48  ? 75  ARG A NE  1 
ATOM   551  C  CZ  . ARG A 1 75  ? -13.427 -3.771  -5.923  1.00 79.04  ? 75  ARG A CZ  1 
ATOM   552  N  NH1 . ARG A 1 75  ? -12.865 -4.097  -4.758  1.00 77.23  ? 75  ARG A NH1 1 
ATOM   553  N  NH2 . ARG A 1 75  ? -12.792 -4.054  -7.054  1.00 78.71  ? 75  ARG A NH2 1 
ATOM   554  N  N   . ASP A 1 76  ? -18.725 -5.518  -2.994  1.00 73.87  ? 76  ASP A N   1 
ATOM   555  C  CA  . ASP A 1 76  ? -19.248 -6.117  -1.768  1.00 75.49  ? 76  ASP A CA  1 
ATOM   556  C  C   . ASP A 1 76  ? -18.869 -5.254  -0.550  1.00 77.90  ? 76  ASP A C   1 
ATOM   557  O  O   . ASP A 1 76  ? -17.808 -5.432  0.056   1.00 79.34  ? 76  ASP A O   1 
ATOM   558  C  CB  . ASP A 1 76  ? -18.741 -7.562  -1.620  1.00 74.84  ? 76  ASP A CB  1 
ATOM   559  C  CG  . ASP A 1 76  ? -19.320 -8.279  -0.402  1.00 76.78  ? 76  ASP A CG  1 
ATOM   560  O  OD1 . ASP A 1 76  ? -20.065 -7.649  0.388   1.00 73.00  ? 76  ASP A OD1 1 
ATOM   561  O  OD2 . ASP A 1 76  ? -19.016 -9.485  -0.236  1.00 78.52  ? 76  ASP A OD2 1 
ATOM   562  N  N   . ARG A 1 77  ? -19.766 -4.341  -0.180  1.00 77.86  ? 77  ARG A N   1 
ATOM   563  C  CA  . ARG A 1 77  ? -19.526 -3.423  0.940   1.00 78.10  ? 77  ARG A CA  1 
ATOM   564  C  C   . ARG A 1 77  ? -19.678 -4.072  2.321   1.00 78.99  ? 77  ARG A C   1 
ATOM   565  O  O   . ARG A 1 77  ? -19.419 -3.417  3.339   1.00 82.18  ? 77  ARG A O   1 
ATOM   566  C  CB  . ARG A 1 77  ? -20.410 -2.179  0.818   1.00 78.51  ? 77  ARG A CB  1 
ATOM   567  C  CG  . ARG A 1 77  ? -20.176 -1.436  -0.494  1.00 78.45  ? 77  ARG A CG  1 
ATOM   568  C  CD  . ARG A 1 77  ? -20.687 0.000   -0.503  1.00 78.74  ? 77  ARG A CD  1 
ATOM   569  N  NE  . ARG A 1 77  ? -19.947 0.793   -1.485  1.00 81.26  ? 77  ARG A NE  1 
ATOM   570  C  CZ  . ARG A 1 77  ? -20.083 0.714   -2.814  1.00 80.43  ? 77  ARG A CZ  1 
ATOM   571  N  NH1 . ARG A 1 77  ? -20.963 -0.116  -3.381  1.00 78.97  ? 77  ARG A NH1 1 
ATOM   572  N  NH2 . ARG A 1 77  ? -19.328 1.486   -3.593  1.00 79.13  ? 77  ARG A NH2 1 
ATOM   573  N  N   . SER A 1 78  ? -20.083 -5.345  2.364   1.00 78.52  ? 78  SER A N   1 
ATOM   574  C  CA  . SER A 1 78  ? -19.996 -6.142  3.594   1.00 79.60  ? 78  SER A CA  1 
ATOM   575  C  C   . SER A 1 78  ? -18.542 -6.453  3.974   1.00 81.39  ? 78  SER A C   1 
ATOM   576  O  O   . SER A 1 78  ? -18.246 -6.668  5.152   1.00 86.65  ? 78  SER A O   1 
ATOM   577  C  CB  . SER A 1 78  ? -20.813 -7.440  3.485   1.00 77.99  ? 78  SER A CB  1 
ATOM   578  O  OG  . SER A 1 78  ? -20.108 -8.463  2.801   1.00 77.85  ? 78  SER A OG  1 
ATOM   579  N  N   . LEU A 1 79  ? -17.649 -6.480  2.980   1.00 82.44  ? 79  LEU A N   1 
ATOM   580  C  CA  . LEU A 1 79  ? -16.220 -6.746  3.193   1.00 80.72  ? 79  LEU A CA  1 
ATOM   581  C  C   . LEU A 1 79  ? -15.408 -5.449  3.208   1.00 75.75  ? 79  LEU A C   1 
ATOM   582  O  O   . LEU A 1 79  ? -15.691 -4.519  2.449   1.00 76.74  ? 79  LEU A O   1 
ATOM   583  C  CB  . LEU A 1 79  ? -15.692 -7.675  2.099   1.00 81.89  ? 79  LEU A CB  1 
ATOM   584  C  CG  . LEU A 1 79  ? -16.431 -9.011  1.940   1.00 86.41  ? 79  LEU A CG  1 
ATOM   585  C  CD1 . LEU A 1 79  ? -15.954 -9.760  0.702   1.00 87.27  ? 79  LEU A CD1 1 
ATOM   586  C  CD2 . LEU A 1 79  ? -16.273 -9.877  3.182   1.00 87.50  ? 79  LEU A CD2 1 
ATOM   587  N  N   . LEU A 1 80  ? -14.411 -5.396  4.089   1.00 73.23  ? 80  LEU A N   1 
ATOM   588  C  CA  . LEU A 1 80  ? -13.481 -4.265  4.169   1.00 71.49  ? 80  LEU A CA  1 
ATOM   589  C  C   . LEU A 1 80  ? -12.066 -4.765  4.439   1.00 67.91  ? 80  LEU A C   1 
ATOM   590  O  O   . LEU A 1 80  ? -11.867 -5.670  5.246   1.00 64.43  ? 80  LEU A O   1 
ATOM   591  C  CB  . LEU A 1 80  ? -13.909 -3.296  5.269   1.00 73.43  ? 80  LEU A CB  1 
ATOM   592  C  CG  . LEU A 1 80  ? -13.103 -1.998  5.409   1.00 75.01  ? 80  LEU A CG  1 
ATOM   593  C  CD1 . LEU A 1 80  ? -13.280 -1.084  4.204   1.00 75.65  ? 80  LEU A CD1 1 
ATOM   594  C  CD2 . LEU A 1 80  ? -13.498 -1.277  6.689   1.00 75.34  ? 80  LEU A CD2 1 
ATOM   595  N  N   . ALA A 1 81  ? -11.085 -4.170  3.767   1.00 65.76  ? 81  ALA A N   1 
ATOM   596  C  CA  . ALA A 1 81  ? -9.690  -4.601  3.879   1.00 62.83  ? 81  ALA A CA  1 
ATOM   597  C  C   . ALA A 1 81  ? -8.834  -3.465  4.409   1.00 57.57  ? 81  ALA A C   1 
ATOM   598  O  O   . ALA A 1 81  ? -8.683  -2.443  3.750   1.00 57.73  ? 81  ALA A O   1 
ATOM   599  C  CB  . ALA A 1 81  ? -9.171  -5.069  2.525   1.00 63.97  ? 81  ALA A CB  1 
ATOM   600  N  N   . VAL A 1 82  ? -8.279  -3.635  5.601   1.00 56.75  ? 82  VAL A N   1 
ATOM   601  C  CA  . VAL A 1 82  ? -7.326  -2.659  6.130   1.00 58.77  ? 82  VAL A CA  1 
ATOM   602  C  C   . VAL A 1 82  ? -5.963  -2.946  5.520   1.00 58.20  ? 82  VAL A C   1 
ATOM   603  O  O   . VAL A 1 82  ? -5.521  -4.095  5.471   1.00 60.19  ? 82  VAL A O   1 
ATOM   604  C  CB  . VAL A 1 82  ? -7.225  -2.691  7.668   1.00 57.66  ? 82  VAL A CB  1 
ATOM   605  C  CG1 . VAL A 1 82  ? -6.190  -1.677  8.156   1.00 59.25  ? 82  VAL A CG1 1 
ATOM   606  C  CG2 . VAL A 1 82  ? -8.588  -2.412  8.290   1.00 58.51  ? 82  VAL A CG2 1 
ATOM   607  N  N   . VAL A 1 83  ? -5.292  -1.889  5.085   1.00 58.06  ? 83  VAL A N   1 
ATOM   608  C  CA  . VAL A 1 83  ? -4.047  -2.012  4.336   1.00 58.33  ? 83  VAL A CA  1 
ATOM   609  C  C   . VAL A 1 83  ? -3.117  -0.845  4.694   1.00 56.45  ? 83  VAL A C   1 
ATOM   610  O  O   . VAL A 1 83  ? -3.597  0.236   5.035   1.00 56.12  ? 83  VAL A O   1 
ATOM   611  C  CB  . VAL A 1 83  ? -4.386  -2.146  2.823   1.00 57.50  ? 83  VAL A CB  1 
ATOM   612  C  CG1 . VAL A 1 83  ? -3.904  -0.972  1.990   1.00 58.45  ? 83  VAL A CG1 1 
ATOM   613  C  CG2 . VAL A 1 83  ? -3.870  -3.464  2.280   1.00 59.42  ? 83  VAL A CG2 1 
ATOM   614  N  N   . GLU A 1 84  ? -1.805  -1.070  4.628   1.00 55.79  ? 84  GLU A N   1 
ATOM   615  C  CA  . GLU A 1 84  ? -0.824  -0.055  5.057   1.00 59.31  ? 84  GLU A CA  1 
ATOM   616  C  C   . GLU A 1 84  ? -0.595  1.053   4.033   1.00 59.55  ? 84  GLU A C   1 
ATOM   617  O  O   . GLU A 1 84  ? -0.352  2.195   4.417   1.00 55.12  ? 84  GLU A O   1 
ATOM   618  C  CB  . GLU A 1 84  ? 0.533   -0.683  5.379   1.00 59.04  ? 84  GLU A CB  1 
ATOM   619  C  CG  . GLU A 1 84  ? 0.573   -1.473  6.668   1.00 59.08  ? 84  GLU A CG  1 
ATOM   620  C  CD  . GLU A 1 84  ? 1.908   -2.170  6.878   1.00 60.93  ? 84  GLU A CD  1 
ATOM   621  O  OE1 . GLU A 1 84  ? 2.950   -1.653  6.426   1.00 59.72  ? 84  GLU A OE1 1 
ATOM   622  O  OE2 . GLU A 1 84  ? 1.915   -3.246  7.510   1.00 61.31  ? 84  GLU A OE2 1 
ATOM   623  N  N   . SER A 1 85  ? -0.629  0.697   2.745   1.00 60.87  ? 85  SER A N   1 
ATOM   624  C  CA  . SER A 1 85  ? -0.310  1.628   1.662   1.00 59.98  ? 85  SER A CA  1 
ATOM   625  C  C   . SER A 1 85  ? -1.075  1.334   0.375   1.00 59.09  ? 85  SER A C   1 
ATOM   626  O  O   . SER A 1 85  ? -1.663  0.267   0.211   1.00 64.37  ? 85  SER A O   1 
ATOM   627  C  CB  . SER A 1 85  ? 1.179   1.547   1.365   1.00 59.00  ? 85  SER A CB  1 
ATOM   628  O  OG  . SER A 1 85  ? 1.498   0.279   0.822   1.00 58.54  ? 85  SER A OG  1 
ATOM   629  N  N   . VAL A 1 86  ? -1.009  2.276   -0.557  1.00 53.91  ? 86  VAL A N   1 
ATOM   630  C  CA  . VAL A 1 86  ? -1.703  2.162   -1.832  1.00 53.61  ? 86  VAL A CA  1 
ATOM   631  C  C   . VAL A 1 86  ? -1.091  1.058   -2.676  1.00 54.72  ? 86  VAL A C   1 
ATOM   632  O  O   . VAL A 1 86  ? -1.814  0.312   -3.337  1.00 56.77  ? 86  VAL A O   1 
ATOM   633  C  CB  . VAL A 1 86  ? -1.722  3.507   -2.595  1.00 50.82  ? 86  VAL A CB  1 
ATOM   634  C  CG1 . VAL A 1 86  ? -2.379  3.359   -3.965  1.00 48.71  ? 86  VAL A CG1 1 
ATOM   635  C  CG2 . VAL A 1 86  ? -2.473  4.534   -1.763  1.00 51.84  ? 86  VAL A CG2 1 
ATOM   636  N  N   . ALA A 1 87  ? 0.233   0.942   -2.637  1.00 57.39  ? 87  ALA A N   1 
ATOM   637  C  CA  . ALA A 1 87  ? 0.932   -0.175  -3.294  1.00 59.18  ? 87  ALA A CA  1 
ATOM   638  C  C   . ALA A 1 87  ? 0.384   -1.551  -2.879  1.00 58.87  ? 87  ALA A C   1 
ATOM   639  O  O   . ALA A 1 87  ? 0.248   -2.442  -3.723  1.00 61.99  ? 87  ALA A O   1 
ATOM   640  C  CB  . ALA A 1 87  ? 2.426   -0.100  -3.031  1.00 57.56  ? 87  ALA A CB  1 
ATOM   641  N  N   . ASP A 1 88  ? 0.062   -1.708  -1.593  1.00 57.45  ? 88  ASP A N   1 
ATOM   642  C  CA  . ASP A 1 88  ? -0.514  -2.962  -1.072  1.00 58.45  ? 88  ASP A CA  1 
ATOM   643  C  C   . ASP A 1 88  ? -1.949  -3.200  -1.528  1.00 58.75  ? 88  ASP A C   1 
ATOM   644  O  O   . ASP A 1 88  ? -2.350  -4.343  -1.751  1.00 56.60  ? 88  ASP A O   1 
ATOM   645  C  CB  . ASP A 1 88  ? -0.490  -2.982  0.459   1.00 59.44  ? 88  ASP A CB  1 
ATOM   646  C  CG  . ASP A 1 88  ? 0.909   -3.090  1.032   1.00 60.27  ? 88  ASP A CG  1 
ATOM   647  O  OD1 . ASP A 1 88  ? 1.849   -3.492  0.311   1.00 61.95  ? 88  ASP A OD1 1 
ATOM   648  O  OD2 . ASP A 1 88  ? 1.058   -2.783  2.229   1.00 63.29  ? 88  ASP A OD2 1 
ATOM   649  N  N   . LEU A 1 89  ? -2.721  -2.117  -1.610  1.00 59.72  ? 89  LEU A N   1 
ATOM   650  C  CA  . LEU A 1 89  ? -4.088  -2.144  -2.120  1.00 55.71  ? 89  LEU A CA  1 
ATOM   651  C  C   . LEU A 1 89  ? -4.077  -2.650  -3.557  1.00 56.30  ? 89  LEU A C   1 
ATOM   652  O  O   . LEU A 1 89  ? -4.811  -3.578  -3.887  1.00 55.22  ? 89  LEU A O   1 
ATOM   653  C  CB  . LEU A 1 89  ? -4.710  -0.738  -2.035  1.00 58.28  ? 89  LEU A CB  1 
ATOM   654  C  CG  . LEU A 1 89  ? -6.185  -0.521  -2.404  1.00 58.43  ? 89  LEU A CG  1 
ATOM   655  C  CD1 . LEU A 1 89  ? -6.778  0.597   -1.563  1.00 58.73  ? 89  LEU A CD1 1 
ATOM   656  C  CD2 . LEU A 1 89  ? -6.378  -0.217  -3.885  1.00 58.66  ? 89  LEU A CD2 1 
ATOM   657  N  N   . TYR A 1 90  ? -3.226  -2.055  -4.396  1.00 57.15  ? 90  TYR A N   1 
ATOM   658  C  CA  . TYR A 1 90  ? -3.075  -2.497  -5.787  1.00 57.59  ? 90  TYR A CA  1 
ATOM   659  C  C   . TYR A 1 90  ? -2.685  -3.965  -5.889  1.00 59.32  ? 90  TYR A C   1 
ATOM   660  O  O   . TYR A 1 90  ? -3.240  -4.682  -6.716  1.00 62.68  ? 90  TYR A O   1 
ATOM   661  C  CB  . TYR A 1 90  ? -2.035  -1.663  -6.539  1.00 56.46  ? 90  TYR A CB  1 
ATOM   662  C  CG  . TYR A 1 90  ? -2.394  -0.217  -6.813  1.00 57.68  ? 90  TYR A CG  1 
ATOM   663  C  CD1 . TYR A 1 90  ? -3.702  0.266   -6.654  1.00 59.06  ? 90  TYR A CD1 1 
ATOM   664  C  CD2 . TYR A 1 90  ? -1.422  0.677   -7.269  1.00 56.91  ? 90  TYR A CD2 1 
ATOM   665  C  CE1 . TYR A 1 90  ? -4.014  1.590   -6.919  1.00 58.03  ? 90  TYR A CE1 1 
ATOM   666  C  CE2 . TYR A 1 90  ? -1.736  2.005   -7.533  1.00 57.01  ? 90  TYR A CE2 1 
ATOM   667  C  CZ  . TYR A 1 90  ? -3.036  2.449   -7.359  1.00 56.03  ? 90  TYR A CZ  1 
ATOM   668  O  OH  . TYR A 1 90  ? -3.379  3.749   -7.614  1.00 55.24  ? 90  TYR A OH  1 
ATOM   669  N  N   . ALA A 1 91  ? -1.742  -4.411  -5.058  1.00 59.98  ? 91  ALA A N   1 
ATOM   670  C  CA  . ALA A 1 91  ? -1.345  -5.821  -5.054  1.00 58.72  ? 91  ALA A CA  1 
ATOM   671  C  C   . ALA A 1 91  ? -2.544  -6.715  -4.743  1.00 60.40  ? 91  ALA A C   1 
ATOM   672  O  O   . ALA A 1 91  ? -2.832  -7.651  -5.491  1.00 62.85  ? 91  ALA A O   1 
ATOM   673  C  CB  . ALA A 1 91  ? -0.218  -6.066  -4.064  1.00 57.11  ? 91  ALA A CB  1 
ATOM   674  N  N   . LEU A 1 92  ? -3.243  -6.399  -3.652  1.00 60.29  ? 92  LEU A N   1 
ATOM   675  C  CA  . LEU A 1 92  ? -4.472  -7.107  -3.262  1.00 62.10  ? 92  LEU A CA  1 
ATOM   676  C  C   . LEU A 1 92  ? -5.490  -7.143  -4.390  1.00 61.99  ? 92  LEU A C   1 
ATOM   677  O  O   . LEU A 1 92  ? -6.052  -8.194  -4.687  1.00 60.77  ? 92  LEU A O   1 
ATOM   678  C  CB  . LEU A 1 92  ? -5.122  -6.465  -2.022  1.00 63.47  ? 92  LEU A CB  1 
ATOM   679  C  CG  . LEU A 1 92  ? -4.875  -7.140  -0.672  1.00 66.00  ? 92  LEU A CG  1 
ATOM   680  C  CD1 . LEU A 1 92  ? -3.419  -7.059  -0.246  1.00 70.32  ? 92  LEU A CD1 1 
ATOM   681  C  CD2 . LEU A 1 92  ? -5.765  -6.510  0.383   1.00 65.69  ? 92  LEU A CD2 1 
ATOM   682  N  N   . GLU A 1 93  ? -5.706  -5.985  -5.006  1.00 65.44  ? 93  GLU A N   1 
ATOM   683  C  CA  . GLU A 1 93  ? -6.678  -5.822  -6.078  1.00 68.04  ? 93  GLU A CA  1 
ATOM   684  C  C   . GLU A 1 93  ? -6.260  -6.581  -7.337  1.00 69.55  ? 93  GLU A C   1 
ATOM   685  O  O   . GLU A 1 93  ? -7.104  -7.178  -8.010  1.00 74.48  ? 93  GLU A O   1 
ATOM   686  C  CB  . GLU A 1 93  ? -6.872  -4.326  -6.380  1.00 71.72  ? 93  GLU A CB  1 
ATOM   687  C  CG  . GLU A 1 93  ? -8.068  -3.976  -7.253  1.00 73.45  ? 93  GLU A CG  1 
ATOM   688  C  CD  . GLU A 1 93  ? -9.382  -4.498  -6.708  1.00 75.69  ? 93  GLU A CD  1 
ATOM   689  O  OE1 . GLU A 1 93  ? -10.258 -4.865  -7.520  1.00 80.63  ? 93  GLU A OE1 1 
ATOM   690  O  OE2 . GLU A 1 93  ? -9.553  -4.557  -5.475  1.00 77.37  ? 93  GLU A OE2 1 
ATOM   691  N  N   . ARG A 1 94  ? -4.965  -6.559  -7.644  1.00 70.62  ? 94  ARG A N   1 
ATOM   692  C  CA  . ARG A 1 94  ? -4.404  -7.383  -8.725  1.00 77.15  ? 94  ARG A CA  1 
ATOM   693  C  C   . ARG A 1 94  ? -4.573  -8.898  -8.510  1.00 76.76  ? 94  ARG A C   1 
ATOM   694  O  O   . ARG A 1 94  ? -4.673  -9.642  -9.489  1.00 78.77  ? 94  ARG A O   1 
ATOM   695  C  CB  . ARG A 1 94  ? -2.912  -7.076  -8.967  1.00 81.16  ? 94  ARG A CB  1 
ATOM   696  C  CG  . ARG A 1 94  ? -2.623  -6.291  -10.237 1.00 83.84  ? 94  ARG A CG  1 
ATOM   697  C  CD  . ARG A 1 94  ? -1.251  -6.635  -10.815 1.00 85.66  ? 94  ARG A CD  1 
ATOM   698  N  NE  . ARG A 1 94  ? -1.002  -5.941  -12.083 1.00 88.33  ? 94  ARG A NE  1 
ATOM   699  C  CZ  . ARG A 1 94  ? -0.023  -6.229  -12.946 1.00 91.07  ? 94  ARG A CZ  1 
ATOM   700  N  NH1 . ARG A 1 94  ? 0.096   -5.512  -14.062 1.00 92.90  ? 94  ARG A NH1 1 
ATOM   701  N  NH2 . ARG A 1 94  ? 0.837   -7.223  -12.720 1.00 93.03  ? 94  ARG A NH2 1 
ATOM   702  N  N   . SER A 1 95  ? -4.584  -9.350  -7.251  1.00 71.84  ? 95  SER A N   1 
ATOM   703  C  CA  . SER A 1 95  ? -4.762  -10.782 -6.932  1.00 73.35  ? 95  SER A CA  1 
ATOM   704  C  C   . SER A 1 95  ? -6.076  -11.352 -7.475  1.00 73.45  ? 95  SER A C   1 
ATOM   705  O  O   . SER A 1 95  ? -6.150  -12.538 -7.808  1.00 71.77  ? 95  SER A O   1 
ATOM   706  C  CB  . SER A 1 95  ? -4.684  -11.046 -5.414  1.00 71.76  ? 95  SER A CB  1 
ATOM   707  O  OG  . SER A 1 95  ? -5.901  -10.730 -4.749  1.00 66.99  ? 95  SER A OG  1 
ATOM   708  N  N   . GLY A 1 96  ? -7.104  -10.507 -7.525  1.00 73.01  ? 96  GLY A N   1 
ATOM   709  C  CA  . GLY A 1 96  ? -8.399  -10.879 -8.073  1.00 73.46  ? 96  GLY A CA  1 
ATOM   710  C  C   . GLY A 1 96  ? -9.326  -11.598 -7.110  1.00 75.51  ? 96  GLY A C   1 
ATOM   711  O  O   . GLY A 1 96  ? -10.478 -11.835 -7.467  1.00 79.95  ? 96  GLY A O   1 
ATOM   712  N  N   . GLU A 1 97  ? -8.859  -11.914 -5.893  1.00 71.96  ? 97  GLU A N   1 
ATOM   713  C  CA  . GLU A 1 97  ? -9.642  -12.686 -4.918  1.00 70.92  ? 97  GLU A CA  1 
ATOM   714  C  C   . GLU A 1 97  ? -10.322 -11.813 -3.856  1.00 68.97  ? 97  GLU A C   1 
ATOM   715  O  O   . GLU A 1 97  ? -10.593 -12.282 -2.750  1.00 68.87  ? 97  GLU A O   1 
ATOM   716  C  CB  . GLU A 1 97  ? -8.749  -13.735 -4.237  1.00 72.13  ? 97  GLU A CB  1 
ATOM   717  C  CG  . GLU A 1 97  ? -8.126  -14.759 -5.183  1.00 76.34  ? 97  GLU A CG  1 
ATOM   718  C  CD  . GLU A 1 97  ? -9.137  -15.678 -5.867  1.00 79.85  ? 97  GLU A CD  1 
ATOM   719  O  OE1 . GLU A 1 97  ? -10.306 -15.762 -5.423  1.00 80.39  ? 97  GLU A OE1 1 
ATOM   720  O  OE2 . GLU A 1 97  ? -8.751  -16.331 -6.865  1.00 81.05  ? 97  GLU A OE2 1 
ATOM   721  N  N   . PHE A 1 98  ? -10.625 -10.563 -4.203  1.00 66.99  ? 98  PHE A N   1 
ATOM   722  C  CA  . PHE A 1 98  ? -11.224 -9.621  -3.269  1.00 68.83  ? 98  PHE A CA  1 
ATOM   723  C  C   . PHE A 1 98  ? -12.033 -8.565  -4.024  1.00 71.34  ? 98  PHE A C   1 
ATOM   724  O  O   . PHE A 1 98  ? -11.487 -7.840  -4.856  1.00 71.03  ? 98  PHE A O   1 
ATOM   725  C  CB  . PHE A 1 98  ? -10.132 -8.955  -2.426  1.00 67.77  ? 98  PHE A CB  1 
ATOM   726  C  CG  . PHE A 1 98  ? -10.660 -8.171  -1.256  1.00 65.99  ? 98  PHE A CG  1 
ATOM   727  C  CD1 . PHE A 1 98  ? -11.168 -8.822  -0.140  1.00 64.84  ? 98  PHE A CD1 1 
ATOM   728  C  CD2 . PHE A 1 98  ? -10.639 -6.777  -1.263  1.00 67.97  ? 98  PHE A CD2 1 
ATOM   729  C  CE1 . PHE A 1 98  ? -11.654 -8.104  0.943   1.00 66.77  ? 98  PHE A CE1 1 
ATOM   730  C  CE2 . PHE A 1 98  ? -11.124 -6.050  -0.183  1.00 67.46  ? 98  PHE A CE2 1 
ATOM   731  C  CZ  . PHE A 1 98  ? -11.634 -6.713  0.921   1.00 67.67  ? 98  PHE A CZ  1 
ATOM   732  N  N   . ARG A 1 99  ? -13.337 -8.510  -3.737  1.00 74.04  ? 99  ARG A N   1 
ATOM   733  C  CA  . ARG A 1 99  ? -14.246 -7.497  -4.282  1.00 74.73  ? 99  ARG A CA  1 
ATOM   734  C  C   . ARG A 1 99  ? -14.842 -6.599  -3.180  1.00 74.34  ? 99  ARG A C   1 
ATOM   735  O  O   . ARG A 1 99  ? -15.883 -5.976  -3.383  1.00 79.55  ? 99  ARG A O   1 
ATOM   736  C  CB  . ARG A 1 99  ? -15.365 -8.183  -5.079  1.00 74.29  ? 99  ARG A CB  1 
ATOM   737  N  N   . GLY A 1 100 ? -14.181 -6.527  -2.022  1.00 70.22  ? 100 GLY A N   1 
ATOM   738  C  CA  . GLY A 1 100 ? -14.595 -5.646  -0.935  1.00 69.34  ? 100 GLY A CA  1 
ATOM   739  C  C   . GLY A 1 100 ? -14.148 -4.204  -1.111  1.00 71.89  ? 100 GLY A C   1 
ATOM   740  O  O   . GLY A 1 100 ? -13.729 -3.797  -2.197  1.00 73.54  ? 100 GLY A O   1 
ATOM   741  N  N   . LEU A 1 101 ? -14.266 -3.429  -0.036  1.00 71.99  ? 101 LEU A N   1 
ATOM   742  C  CA  . LEU A 1 101 ? -13.706 -2.074  0.032   1.00 71.85  ? 101 LEU A CA  1 
ATOM   743  C  C   . LEU A 1 101 ? -12.376 -2.117  0.783   1.00 68.94  ? 101 LEU A C   1 
ATOM   744  O  O   . LEU A 1 101 ? -12.013 -3.143  1.366   1.00 69.75  ? 101 LEU A O   1 
ATOM   745  C  CB  . LEU A 1 101 ? -14.682 -1.115  0.725   1.00 73.95  ? 101 LEU A CB  1 
ATOM   746  C  CG  . LEU A 1 101 ? -15.998 -0.808  -0.009  1.00 76.24  ? 101 LEU A CG  1 
ATOM   747  C  CD1 . LEU A 1 101 ? -16.983 -0.115  0.922   1.00 76.27  ? 101 LEU A CD1 1 
ATOM   748  C  CD2 . LEU A 1 101 ? -15.761 0.038   -1.253  1.00 74.76  ? 101 LEU A CD2 1 
ATOM   749  N  N   . TYR A 1 102 ? -11.653 -1.002  0.757   1.00 64.88  ? 102 TYR A N   1 
ATOM   750  C  CA  . TYR A 1 102 ? -10.355 -0.881  1.420   1.00 61.71  ? 102 TYR A CA  1 
ATOM   751  C  C   . TYR A 1 102 ? -10.329 0.314   2.358   1.00 59.88  ? 102 TYR A C   1 
ATOM   752  O  O   . TYR A 1 102 ? -11.024 1.301   2.121   1.00 58.70  ? 102 TYR A O   1 
ATOM   753  C  CB  . TYR A 1 102 ? -9.255  -0.672  0.386   1.00 60.68  ? 102 TYR A CB  1 
ATOM   754  C  CG  . TYR A 1 102 ? -9.052  -1.815  -0.568  1.00 59.29  ? 102 TYR A CG  1 
ATOM   755  C  CD1 . TYR A 1 102 ? -8.340  -2.955  -0.181  1.00 59.95  ? 102 TYR A CD1 1 
ATOM   756  C  CD2 . TYR A 1 102 ? -9.535  -1.748  -1.871  1.00 58.73  ? 102 TYR A CD2 1 
ATOM   757  C  CE1 . TYR A 1 102 ? -8.135  -4.006  -1.062  1.00 58.30  ? 102 TYR A CE1 1 
ATOM   758  C  CE2 . TYR A 1 102 ? -9.340  -2.792  -2.762  1.00 60.27  ? 102 TYR A CE2 1 
ATOM   759  C  CZ  . TYR A 1 102 ? -8.637  -3.919  -2.356  1.00 59.77  ? 102 TYR A CZ  1 
ATOM   760  O  OH  . TYR A 1 102 ? -8.438  -4.952  -3.239  1.00 56.65  ? 102 TYR A OH  1 
ATOM   761  N  N   . HIS A 1 103 ? -9.521  0.227   3.413   1.00 59.51  ? 103 HIS A N   1 
ATOM   762  C  CA  . HIS A 1 103 ? -9.121  1.408   4.183   1.00 61.73  ? 103 HIS A CA  1 
ATOM   763  C  C   . HIS A 1 103 ? -7.604  1.499   4.210   1.00 61.36  ? 103 HIS A C   1 
ATOM   764  O  O   . HIS A 1 103 ? -6.934  0.580   4.690   1.00 63.95  ? 103 HIS A O   1 
ATOM   765  C  CB  . HIS A 1 103 ? -9.653  1.380   5.615   1.00 63.05  ? 103 HIS A CB  1 
ATOM   766  C  CG  . HIS A 1 103 ? -9.446  2.675   6.338   1.00 65.43  ? 103 HIS A CG  1 
ATOM   767  N  ND1 . HIS A 1 103 ? -10.233 3.786   6.111   1.00 65.70  ? 103 HIS A ND1 1 
ATOM   768  C  CD2 . HIS A 1 103 ? -8.513  3.053   7.245   1.00 64.46  ? 103 HIS A CD2 1 
ATOM   769  C  CE1 . HIS A 1 103 ? -9.806  4.784   6.865   1.00 66.08  ? 103 HIS A CE1 1 
ATOM   770  N  NE2 . HIS A 1 103 ? -8.762  4.367   7.560   1.00 66.20  ? 103 HIS A NE2 1 
ATOM   771  N  N   . VAL A 1 104 ? -7.066  2.602   3.692   1.00 59.54  ? 104 VAL A N   1 
ATOM   772  C  CA  . VAL A 1 104 ? -5.619  2.776   3.573   1.00 60.97  ? 104 VAL A CA  1 
ATOM   773  C  C   . VAL A 1 104 ? -5.101  3.594   4.753   1.00 62.60  ? 104 VAL A C   1 
ATOM   774  O  O   . VAL A 1 104 ? -5.435  4.778   4.909   1.00 61.62  ? 104 VAL A O   1 
ATOM   775  C  CB  . VAL A 1 104 ? -5.227  3.435   2.226   1.00 59.18  ? 104 VAL A CB  1 
ATOM   776  C  CG1 . VAL A 1 104 ? -3.736  3.755   2.173   1.00 58.88  ? 104 VAL A CG1 1 
ATOM   777  C  CG2 . VAL A 1 104 ? -5.608  2.524   1.062   1.00 57.35  ? 104 VAL A CG2 1 
ATOM   778  N  N   . LEU A 1 105 ? -4.278  2.944   5.575   1.00 63.55  ? 105 LEU A N   1 
ATOM   779  C  CA  . LEU A 1 105 ? -3.542  3.607   6.650   1.00 65.00  ? 105 LEU A CA  1 
ATOM   780  C  C   . LEU A 1 105 ? -2.411  4.424   6.028   1.00 68.17  ? 105 LEU A C   1 
ATOM   781  O  O   . LEU A 1 105 ? -2.186  4.372   4.819   1.00 73.29  ? 105 LEU A O   1 
ATOM   782  C  CB  . LEU A 1 105 ? -2.940  2.567   7.602   1.00 64.70  ? 105 LEU A CB  1 
ATOM   783  C  CG  . LEU A 1 105 ? -3.859  1.522   8.246   1.00 65.30  ? 105 LEU A CG  1 
ATOM   784  C  CD1 . LEU A 1 105 ? -3.037  0.375   8.825   1.00 64.24  ? 105 LEU A CD1 1 
ATOM   785  C  CD2 . LEU A 1 105 ? -4.737  2.161   9.311   1.00 64.58  ? 105 LEU A CD2 1 
ATOM   786  N  N   . GLY A 1 106 ? -1.673  5.154   6.852   1.00 70.22  ? 106 GLY A N   1 
ATOM   787  C  CA  . GLY A 1 106 ? -0.471  5.855   6.382   1.00 71.72  ? 106 GLY A CA  1 
ATOM   788  C  C   . GLY A 1 106 ? 0.809   5.053   6.552   1.00 68.21  ? 106 GLY A C   1 
ATOM   789  O  O   . GLY A 1 106 ? 1.891   5.580   6.332   1.00 72.22  ? 106 GLY A O   1 
ATOM   790  N  N   . GLY A 1 107 ? 0.691   3.783   6.935   1.00 68.76  ? 107 GLY A N   1 
ATOM   791  C  CA  . GLY A 1 107 ? 1.837   2.963   7.330   1.00 70.95  ? 107 GLY A CA  1 
ATOM   792  C  C   . GLY A 1 107 ? 1.439   1.997   8.433   1.00 71.82  ? 107 GLY A C   1 
ATOM   793  O  O   . GLY A 1 107 ? 0.284   1.574   8.508   1.00 70.75  ? 107 GLY A O   1 
ATOM   794  N  N   . ALA A 1 108 ? 2.395   1.664   9.297   1.00 72.48  ? 108 ALA A N   1 
ATOM   795  C  CA  . ALA A 1 108 ? 2.185   0.704   10.376  1.00 74.95  ? 108 ALA A CA  1 
ATOM   796  C  C   . ALA A 1 108 ? 2.602   1.297   11.716  1.00 79.28  ? 108 ALA A C   1 
ATOM   797  O  O   . ALA A 1 108 ? 3.325   2.295   11.761  1.00 81.51  ? 108 ALA A O   1 
ATOM   798  C  CB  . ALA A 1 108 ? 2.975   -0.564  10.097  1.00 74.19  ? 108 ALA A CB  1 
ATOM   799  N  N   . LEU A 1 109 ? 2.149   0.667   12.799  1.00 81.47  ? 109 LEU A N   1 
ATOM   800  C  CA  . LEU A 1 109 ? 2.546   1.056   14.152  1.00 82.98  ? 109 LEU A CA  1 
ATOM   801  C  C   . LEU A 1 109 ? 4.014   0.701   14.364  1.00 85.87  ? 109 LEU A C   1 
ATOM   802  O  O   . LEU A 1 109 ? 4.462   -0.366  13.939  1.00 87.77  ? 109 LEU A O   1 
ATOM   803  C  CB  . LEU A 1 109 ? 1.694   0.346   15.207  1.00 83.43  ? 109 LEU A CB  1 
ATOM   804  C  CG  . LEU A 1 109 ? 0.174   0.548   15.192  1.00 85.21  ? 109 LEU A CG  1 
ATOM   805  C  CD1 . LEU A 1 109 ? -0.472  -0.293  16.285  1.00 84.30  ? 109 LEU A CD1 1 
ATOM   806  C  CD2 . LEU A 1 109 ? -0.210  2.010   15.365  1.00 85.63  ? 109 LEU A CD2 1 
ATOM   807  N  N   . ASN A 1 110 ? 4.754   1.607   15.005  1.00 87.56  ? 110 ASN A N   1 
ATOM   808  C  CA  . ASN A 1 110 ? 6.187   1.426   15.249  1.00 89.68  ? 110 ASN A CA  1 
ATOM   809  C  C   . ASN A 1 110 ? 6.637   2.328   16.418  1.00 92.97  ? 110 ASN A C   1 
ATOM   810  O  O   . ASN A 1 110 ? 6.978   3.497   16.205  1.00 93.69  ? 110 ASN A O   1 
ATOM   811  C  CB  . ASN A 1 110 ? 6.987   1.725   13.968  1.00 88.06  ? 110 ASN A CB  1 
ATOM   812  C  CG  . ASN A 1 110 ? 8.418   1.202   14.018  1.00 87.74  ? 110 ASN A CG  1 
ATOM   813  O  OD1 . ASN A 1 110 ? 8.955   0.878   15.082  1.00 84.91  ? 110 ASN A OD1 1 
ATOM   814  N  ND2 . ASN A 1 110 ? 9.047   1.124   12.851  1.00 87.09  ? 110 ASN A ND2 1 
ATOM   815  N  N   . PRO A 1 111 ? 6.614   1.791   17.660  1.00 93.78  ? 111 PRO A N   1 
ATOM   816  C  CA  . PRO A 1 111 ? 7.096   2.530   18.835  1.00 92.36  ? 111 PRO A CA  1 
ATOM   817  C  C   . PRO A 1 111 ? 8.512   3.086   18.684  1.00 89.76  ? 111 PRO A C   1 
ATOM   818  O  O   . PRO A 1 111 ? 8.765   4.214   19.098  1.00 89.50  ? 111 PRO A O   1 
ATOM   819  C  CB  . PRO A 1 111 ? 7.047   1.481   19.950  1.00 92.36  ? 111 PRO A CB  1 
ATOM   820  C  CG  . PRO A 1 111 ? 5.942   0.574   19.547  1.00 92.02  ? 111 PRO A CG  1 
ATOM   821  C  CD  . PRO A 1 111 ? 6.013   0.499   18.049  1.00 92.51  ? 111 PRO A CD  1 
ATOM   822  N  N   . LEU A 1 112 ? 9.400   2.317   18.059  1.00 91.35  ? 112 LEU A N   1 
ATOM   823  C  CA  . LEU A 1 112 ? 10.793  2.733   17.855  1.00 94.33  ? 112 LEU A CA  1 
ATOM   824  C  C   . LEU A 1 112 ? 10.946  3.971   16.956  1.00 93.51  ? 112 LEU A C   1 
ATOM   825  O  O   . LEU A 1 112 ? 11.946  4.678   17.066  1.00 95.18  ? 112 LEU A O   1 
ATOM   826  C  CB  . LEU A 1 112 ? 11.630  1.572   17.296  1.00 96.05  ? 112 LEU A CB  1 
ATOM   827  C  CG  . LEU A 1 112 ? 11.741  0.297   18.151  1.00 100.49 ? 112 LEU A CG  1 
ATOM   828  C  CD1 . LEU A 1 112 ? 12.448  -0.803  17.369  1.00 101.66 ? 112 LEU A CD1 1 
ATOM   829  C  CD2 . LEU A 1 112 ? 12.445  0.557   19.479  1.00 101.29 ? 112 LEU A CD2 1 
ATOM   830  N  N   . GLU A 1 113 ? 9.972   4.220   16.075  1.00 94.49  ? 113 GLU A N   1 
ATOM   831  C  CA  . GLU A 1 113 ? 9.949   5.424   15.223  1.00 96.09  ? 113 GLU A CA  1 
ATOM   832  C  C   . GLU A 1 113 ? 8.839   6.423   15.613  1.00 90.78  ? 113 GLU A C   1 
ATOM   833  O  O   . GLU A 1 113 ? 8.530   7.338   14.845  1.00 83.18  ? 113 GLU A O   1 
ATOM   834  C  CB  . GLU A 1 113 ? 9.787   5.027   13.746  1.00 98.76  ? 113 GLU A CB  1 
ATOM   835  C  CG  . GLU A 1 113 ? 10.739  3.942   13.252  1.00 101.57 ? 113 GLU A CG  1 
ATOM   836  C  CD  . GLU A 1 113 ? 12.209  4.309   13.375  1.00 105.96 ? 113 GLU A CD  1 
ATOM   837  O  OE1 . GLU A 1 113 ? 12.543  5.513   13.318  1.00 111.18 ? 113 GLU A OE1 1 
ATOM   838  O  OE2 . GLU A 1 113 ? 13.037  3.383   13.516  1.00 105.30 ? 113 GLU A OE2 1 
ATOM   839  N  N   . GLY A 1 114 ? 8.261   6.264   16.805  1.00 88.86  ? 114 GLY A N   1 
ATOM   840  C  CA  . GLY A 1 114 ? 7.170   7.124   17.277  1.00 88.93  ? 114 GLY A CA  1 
ATOM   841  C  C   . GLY A 1 114 ? 5.932   7.162   16.396  1.00 88.84  ? 114 GLY A C   1 
ATOM   842  O  O   . GLY A 1 114 ? 5.267   8.200   16.311  1.00 86.06  ? 114 GLY A O   1 
ATOM   843  N  N   . ILE A 1 115 ? 5.623   6.036   15.749  1.00 89.08  ? 115 ILE A N   1 
ATOM   844  C  CA  . ILE A 1 115 ? 4.476   5.928   14.849  1.00 87.86  ? 115 ILE A CA  1 
ATOM   845  C  C   . ILE A 1 115 ? 3.357   5.189   15.581  1.00 88.11  ? 115 ILE A C   1 
ATOM   846  O  O   . ILE A 1 115 ? 3.545   4.055   16.032  1.00 84.79  ? 115 ILE A O   1 
ATOM   847  C  CB  . ILE A 1 115 ? 4.833   5.189   13.541  1.00 91.38  ? 115 ILE A CB  1 
ATOM   848  C  CG1 . ILE A 1 115 ? 6.128   5.744   12.942  1.00 91.32  ? 115 ILE A CG1 1 
ATOM   849  C  CG2 . ILE A 1 115 ? 3.712   5.330   12.516  1.00 93.30  ? 115 ILE A CG2 1 
ATOM   850  N  N   . GLY A 1 116 ? 2.198   5.841   15.676  1.00 88.43  ? 116 GLY A N   1 
ATOM   851  C  CA  . GLY A 1 116 ? 1.066   5.361   16.465  1.00 89.84  ? 116 GLY A CA  1 
ATOM   852  C  C   . GLY A 1 116 ? -0.269  5.907   15.967  1.00 92.13  ? 116 GLY A C   1 
ATOM   853  O  O   . GLY A 1 116 ? -0.293  6.742   15.062  1.00 92.94  ? 116 GLY A O   1 
ATOM   854  N  N   . PRO A 1 117 ? -1.387  5.466   16.583  1.00 93.95  ? 117 PRO A N   1 
ATOM   855  C  CA  . PRO A 1 117 ? -2.777  5.707   16.146  1.00 95.57  ? 117 PRO A CA  1 
ATOM   856  C  C   . PRO A 1 117 ? -3.109  7.074   15.537  1.00 97.08  ? 117 PRO A C   1 
ATOM   857  O  O   . PRO A 1 117 ? -3.907  7.145   14.597  1.00 98.55  ? 117 PRO A O   1 
ATOM   858  C  CB  . PRO A 1 117 ? -3.573  5.522   17.437  1.00 96.25  ? 117 PRO A CB  1 
ATOM   859  C  CG  . PRO A 1 117 ? -2.800  4.504   18.198  1.00 96.17  ? 117 PRO A CG  1 
ATOM   860  C  CD  . PRO A 1 117 ? -1.352  4.706   17.850  1.00 93.37  ? 117 PRO A CD  1 
ATOM   861  N  N   . LYS A 1 118 ? -2.508  8.133   16.075  1.00 99.35  ? 118 LYS A N   1 
ATOM   862  C  CA  . LYS A 1 118 ? -2.733  9.508   15.600  1.00 98.97  ? 118 LYS A CA  1 
ATOM   863  C  C   . LYS A 1 118 ? -2.076  9.770   14.241  1.00 96.11  ? 118 LYS A C   1 
ATOM   864  O  O   . LYS A 1 118 ? -2.628  10.504  13.415  1.00 92.21  ? 118 LYS A O   1 
ATOM   865  C  CB  . LYS A 1 118 ? -2.194  10.526  16.619  1.00 101.10 ? 118 LYS A CB  1 
ATOM   866  C  CG  . LYS A 1 118 ? -2.792  10.416  18.023  1.00 100.28 ? 118 LYS A CG  1 
ATOM   867  C  CD  . LYS A 1 118 ? -1.792  10.780  19.122  1.00 101.14 ? 118 LYS A CD  1 
ATOM   868  C  CE  . LYS A 1 118 ? -1.912  9.861   20.339  1.00 101.18 ? 118 LYS A CE  1 
ATOM   869  N  NZ  . LYS A 1 118 ? -1.488  8.450   20.084  1.00 95.08  ? 118 LYS A NZ  1 
ATOM   870  N  N   . GLU A 1 119 ? -0.907  9.167   14.018  1.00 94.31  ? 119 GLU A N   1 
ATOM   871  C  CA  . GLU A 1 119 ? -0.121  9.388   12.795  1.00 94.14  ? 119 GLU A CA  1 
ATOM   872  C  C   . GLU A 1 119 ? -0.680  8.629   11.589  1.00 89.53  ? 119 GLU A C   1 
ATOM   873  O  O   . GLU A 1 119 ? -0.541  9.084   10.455  1.00 93.74  ? 119 GLU A O   1 
ATOM   874  C  CB  . GLU A 1 119 ? 1.353   9.010   13.007  1.00 96.47  ? 119 GLU A CB  1 
ATOM   875  C  CG  . GLU A 1 119 ? 2.105   9.913   13.984  1.00 98.75  ? 119 GLU A CG  1 
ATOM   876  C  CD  . GLU A 1 119 ? 1.951   9.493   15.438  1.00 100.36 ? 119 GLU A CD  1 
ATOM   877  O  OE1 . GLU A 1 119 ? 2.348   8.360   15.769  1.00 97.23  ? 119 GLU A OE1 1 
ATOM   878  O  OE2 . GLU A 1 119 ? 1.436   10.287  16.252  1.00 101.55 ? 119 GLU A OE2 1 
ATOM   879  N  N   . LEU A 1 120 ? -1.301  7.479   11.840  1.00 85.53  ? 120 LEU A N   1 
ATOM   880  C  CA  . LEU A 1 120 ? -1.951  6.692   10.793  1.00 84.73  ? 120 LEU A CA  1 
ATOM   881  C  C   . LEU A 1 120 ? -3.364  7.223   10.541  1.00 84.75  ? 120 LEU A C   1 
ATOM   882  O  O   . LEU A 1 120 ? -3.985  7.781   11.444  1.00 85.10  ? 120 LEU A O   1 
ATOM   883  C  CB  . LEU A 1 120 ? -2.027  5.221   11.211  1.00 82.78  ? 120 LEU A CB  1 
ATOM   884  C  CG  . LEU A 1 120 ? -0.728  4.550   11.665  1.00 82.23  ? 120 LEU A CG  1 
ATOM   885  C  CD1 . LEU A 1 120 ? -1.031  3.155   12.183  1.00 82.78  ? 120 LEU A CD1 1 
ATOM   886  C  CD2 . LEU A 1 120 ? 0.297   4.503   10.543  1.00 83.67  ? 120 LEU A CD2 1 
ATOM   887  N  N   . ASN A 1 121 ? -3.863  7.058   9.316   1.00 85.89  ? 121 ASN A N   1 
ATOM   888  C  CA  . ASN A 1 121 ? -5.274  7.317   9.000   1.00 88.84  ? 121 ASN A CA  1 
ATOM   889  C  C   . ASN A 1 121 ? -6.147  6.215   9.638   1.00 89.28  ? 121 ASN A C   1 
ATOM   890  O  O   . ASN A 1 121 ? -6.610  5.296   8.953   1.00 94.03  ? 121 ASN A O   1 
ATOM   891  C  CB  . ASN A 1 121 ? -5.477  7.392   7.473   1.00 89.76  ? 121 ASN A CB  1 
ATOM   892  C  CG  . ASN A 1 121 ? -6.938  7.581   7.069   1.00 92.06  ? 121 ASN A CG  1 
ATOM   893  O  OD1 . ASN A 1 121 ? -7.716  8.226   7.772   1.00 92.31  ? 121 ASN A OD1 1 
ATOM   894  N  ND2 . ASN A 1 121 ? -7.315  7.011   5.927   1.00 90.00  ? 121 ASN A ND2 1 
ATOM   895  N  N   . LEU A 1 122 ? -6.372  6.333   10.949  1.00 85.51  ? 122 LEU A N   1 
ATOM   896  C  CA  . LEU A 1 122 ? -6.977  5.262   11.749  1.00 84.89  ? 122 LEU A CA  1 
ATOM   897  C  C   . LEU A 1 122 ? -8.395  5.580   12.224  1.00 88.04  ? 122 LEU A C   1 
ATOM   898  O  O   . LEU A 1 122 ? -9.299  4.762   12.045  1.00 86.15  ? 122 LEU A O   1 
ATOM   899  C  CB  . LEU A 1 122 ? -6.076  4.940   12.945  1.00 84.55  ? 122 LEU A CB  1 
ATOM   900  C  CG  . LEU A 1 122 ? -6.060  3.464   13.360  1.00 83.83  ? 122 LEU A CG  1 
ATOM   901  C  CD1 . LEU A 1 122 ? -4.805  3.124   14.149  1.00 83.60  ? 122 LEU A CD1 1 
ATOM   902  C  CD2 . LEU A 1 122 ? -7.312  3.091   14.145  1.00 86.33  ? 122 LEU A CD2 1 
ATOM   903  N  N   . GLU A 1 123 ? -8.587  6.757   12.824  1.00 90.10  ? 123 GLU A N   1 
ATOM   904  C  CA  . GLU A 1 123 ? -9.908  7.179   13.325  1.00 90.11  ? 123 GLU A CA  1 
ATOM   905  C  C   . GLU A 1 123 ? -11.015 7.131   12.256  1.00 88.44  ? 123 GLU A C   1 
ATOM   906  O  O   . GLU A 1 123 ? -12.177 6.858   12.573  1.00 89.04  ? 123 GLU A O   1 
ATOM   907  C  CB  . GLU A 1 123 ? -9.832  8.583   13.937  1.00 90.61  ? 123 GLU A CB  1 
ATOM   908  N  N   . GLY A 1 124 ? -10.648 7.386   11.000  1.00 85.02  ? 124 GLY A N   1 
ATOM   909  C  CA  . GLY A 1 124 ? -11.573 7.270   9.868   1.00 81.81  ? 124 GLY A CA  1 
ATOM   910  C  C   . GLY A 1 124 ? -12.153 5.884   9.630   1.00 78.24  ? 124 GLY A C   1 
ATOM   911  O  O   . GLY A 1 124 ? -13.272 5.768   9.135   1.00 78.75  ? 124 GLY A O   1 
ATOM   912  N  N   . LEU A 1 125 ? -11.393 4.842   9.972   1.00 75.38  ? 125 LEU A N   1 
ATOM   913  C  CA  . LEU A 1 125 ? -11.830 3.441   9.825   1.00 74.34  ? 125 LEU A CA  1 
ATOM   914  C  C   . LEU A 1 125 ? -13.126 3.121   10.565  1.00 76.34  ? 125 LEU A C   1 
ATOM   915  O  O   . LEU A 1 125 ? -14.038 2.509   9.998   1.00 78.39  ? 125 LEU A O   1 
ATOM   916  C  CB  . LEU A 1 125 ? -10.731 2.498   10.330  1.00 73.40  ? 125 LEU A CB  1 
ATOM   917  C  CG  . LEU A 1 125 ? -10.986 0.991   10.402  1.00 70.62  ? 125 LEU A CG  1 
ATOM   918  C  CD1 . LEU A 1 125 ? -11.476 0.423   9.082   1.00 70.12  ? 125 LEU A CD1 1 
ATOM   919  C  CD2 . LEU A 1 125 ? -9.707  0.313   10.844  1.00 71.32  ? 125 LEU A CD2 1 
ATOM   920  N  N   . PHE A 1 126 ? -13.204 3.554   11.822  1.00 76.64  ? 126 PHE A N   1 
ATOM   921  C  CA  . PHE A 1 126 ? -14.333 3.213   12.692  1.00 79.08  ? 126 PHE A CA  1 
ATOM   922  C  C   . PHE A 1 126 ? -15.648 3.899   12.308  1.00 81.93  ? 126 PHE A C   1 
ATOM   923  O  O   . PHE A 1 126 ? -16.718 3.453   12.732  1.00 83.06  ? 126 PHE A O   1 
ATOM   924  C  CB  . PHE A 1 126 ? -13.997 3.513   14.154  1.00 80.90  ? 126 PHE A CB  1 
ATOM   925  C  CG  . PHE A 1 126 ? -12.716 2.872   14.627  1.00 82.59  ? 126 PHE A CG  1 
ATOM   926  C  CD1 . PHE A 1 126 ? -12.557 1.488   14.579  1.00 81.23  ? 126 PHE A CD1 1 
ATOM   927  C  CD2 . PHE A 1 126 ? -11.664 3.653   15.114  1.00 84.06  ? 126 PHE A CD2 1 
ATOM   928  C  CE1 . PHE A 1 126 ? -11.377 0.892   15.009  1.00 82.89  ? 126 PHE A CE1 1 
ATOM   929  C  CE2 . PHE A 1 126 ? -10.482 3.061   15.546  1.00 84.41  ? 126 PHE A CE2 1 
ATOM   930  C  CZ  . PHE A 1 126 ? -10.339 1.680   15.495  1.00 83.86  ? 126 PHE A CZ  1 
ATOM   931  N  N   . ARG A 1 127 ? -15.569 4.951   11.491  1.00 85.64  ? 127 ARG A N   1 
ATOM   932  C  CA  . ARG A 1 127 ? -16.757 5.654   10.989  1.00 87.66  ? 127 ARG A CA  1 
ATOM   933  C  C   . ARG A 1 127 ? -17.435 4.914   9.830   1.00 87.55  ? 127 ARG A C   1 
ATOM   934  O  O   . ARG A 1 127 ? -18.569 5.247   9.479   1.00 84.28  ? 127 ARG A O   1 
ATOM   935  C  CB  . ARG A 1 127 ? -16.398 7.074   10.523  1.00 92.76  ? 127 ARG A CB  1 
ATOM   936  C  CG  . ARG A 1 127 ? -15.533 7.885   11.485  1.00 99.36  ? 127 ARG A CG  1 
ATOM   937  C  CD  . ARG A 1 127 ? -15.329 9.320   11.005  1.00 103.97 ? 127 ARG A CD  1 
ATOM   938  N  NE  . ARG A 1 127 ? -13.932 9.757   11.124  1.00 105.28 ? 127 ARG A NE  1 
ATOM   939  C  CZ  . ARG A 1 127 ? -13.286 10.014  12.266  1.00 104.40 ? 127 ARG A CZ  1 
ATOM   940  N  NH1 . ARG A 1 127 ? -13.886 9.883   13.450  1.00 105.96 ? 127 ARG A NH1 1 
ATOM   941  N  NH2 . ARG A 1 127 ? -12.013 10.404  12.227  1.00 102.42 ? 127 ARG A NH2 1 
ATOM   942  N  N   . ARG A 1 128 ? -16.747 3.927   9.239   1.00 88.84  ? 128 ARG A N   1 
ATOM   943  C  CA  . ARG A 1 128 ? -17.222 3.237   8.027   1.00 90.05  ? 128 ARG A CA  1 
ATOM   944  C  C   . ARG A 1 128 ? -17.652 1.779   8.241   1.00 87.03  ? 128 ARG A C   1 
ATOM   945  O  O   . ARG A 1 128 ? -17.622 0.980   7.298   1.00 82.62  ? 128 ARG A O   1 
ATOM   946  C  CB  . ARG A 1 128 ? -16.124 3.259   6.961   1.00 89.51  ? 128 ARG A CB  1 
ATOM   947  C  CG  . ARG A 1 128 ? -15.334 4.551   6.875   1.00 86.67  ? 128 ARG A CG  1 
ATOM   948  C  CD  . ARG A 1 128 ? -14.731 4.695   5.493   1.00 85.81  ? 128 ARG A CD  1 
ATOM   949  N  NE  . ARG A 1 128 ? -13.891 3.549   5.154   1.00 83.96  ? 128 ARG A NE  1 
ATOM   950  C  CZ  . ARG A 1 128 ? -13.660 3.078   3.925   1.00 79.99  ? 128 ARG A CZ  1 
ATOM   951  N  NH1 . ARG A 1 128 ? -12.873 2.025   3.782   1.00 81.51  ? 128 ARG A NH1 1 
ATOM   952  N  NH2 . ARG A 1 128 ? -14.201 3.625   2.837   1.00 80.03  ? 128 ARG A NH2 1 
ATOM   953  N  N   . LEU A 1 129 ? -18.084 1.439   9.451   1.00 86.76  ? 129 LEU A N   1 
ATOM   954  C  CA  . LEU A 1 129 ? -18.411 0.049   9.784   1.00 88.96  ? 129 LEU A CA  1 
ATOM   955  C  C   . LEU A 1 129 ? -19.870 -0.344  9.494   1.00 90.59  ? 129 LEU A C   1 
ATOM   956  O  O   . LEU A 1 129 ? -20.276 -1.461  9.820   1.00 89.50  ? 129 LEU A O   1 
ATOM   957  C  CB  . LEU A 1 129 ? -18.064 -0.222  11.252  1.00 88.71  ? 129 LEU A CB  1 
ATOM   958  C  CG  . LEU A 1 129 ? -16.588 -0.035  11.621  1.00 88.85  ? 129 LEU A CG  1 
ATOM   959  C  CD1 . LEU A 1 129 ? -16.408 -0.038  13.132  1.00 89.12  ? 129 LEU A CD1 1 
ATOM   960  C  CD2 . LEU A 1 129 ? -15.719 -1.104  10.970  1.00 87.97  ? 129 LEU A CD2 1 
ATOM   961  N  N   . GLU A 1 130 ? -20.635 0.542   8.849   1.00 92.21  ? 130 GLU A N   1 
ATOM   962  C  CA  . GLU A 1 130 ? -22.075 0.339   8.666   1.00 96.13  ? 130 GLU A CA  1 
ATOM   963  C  C   . GLU A 1 130 ? -22.331 -0.777  7.659   1.00 93.33  ? 130 GLU A C   1 
ATOM   964  O  O   . GLU A 1 130 ? -21.930 -0.678  6.497   1.00 95.37  ? 130 GLU A O   1 
ATOM   965  C  CB  . GLU A 1 130 ? -22.763 1.629   8.188   1.00 103.22 ? 130 GLU A CB  1 
ATOM   966  C  CG  . GLU A 1 130 ? -22.606 2.851   9.094   1.00 107.97 ? 130 GLU A CG  1 
ATOM   967  C  CD  . GLU A 1 130 ? -23.288 2.697   10.444  1.00 109.73 ? 130 GLU A CD  1 
ATOM   968  O  OE1 . GLU A 1 130 ? -24.375 3.285   10.629  1.00 111.92 ? 130 GLU A OE1 1 
ATOM   969  O  OE2 . GLU A 1 130 ? -22.740 1.989   11.318  1.00 108.10 ? 130 GLU A OE2 1 
ATOM   970  N  N   . GLY A 1 131 ? -22.996 -1.838  8.114   1.00 87.93  ? 131 GLY A N   1 
ATOM   971  C  CA  . GLY A 1 131 ? -23.236 -3.020  7.296   1.00 85.29  ? 131 GLY A CA  1 
ATOM   972  C  C   . GLY A 1 131 ? -21.963 -3.705  6.821   1.00 84.73  ? 131 GLY A C   1 
ATOM   973  O  O   . GLY A 1 131 ? -21.910 -4.175  5.687   1.00 85.85  ? 131 GLY A O   1 
ATOM   974  N  N   . VAL A 1 132 ? -20.943 -3.748  7.681   1.00 81.55  ? 132 VAL A N   1 
ATOM   975  C  CA  . VAL A 1 132 ? -19.673 -4.412  7.373   1.00 83.40  ? 132 VAL A CA  1 
ATOM   976  C  C   . VAL A 1 132 ? -19.606 -5.755  8.110   1.00 83.02  ? 132 VAL A C   1 
ATOM   977  O  O   . VAL A 1 132 ? -19.334 -5.809  9.313   1.00 80.26  ? 132 VAL A O   1 
ATOM   978  C  CB  . VAL A 1 132 ? -18.452 -3.526  7.731   1.00 85.14  ? 132 VAL A CB  1 
ATOM   979  C  CG1 . VAL A 1 132 ? -17.139 -4.277  7.509   1.00 83.42  ? 132 VAL A CG1 1 
ATOM   980  C  CG2 . VAL A 1 132 ? -18.465 -2.249  6.901   1.00 85.27  ? 132 VAL A CG2 1 
ATOM   981  N  N   . GLU A 1 133 ? -19.872 -6.826  7.365   1.00 82.74  ? 133 GLU A N   1 
ATOM   982  C  CA  . GLU A 1 133 ? -19.778 -8.205  7.847   1.00 84.82  ? 133 GLU A CA  1 
ATOM   983  C  C   . GLU A 1 133 ? -18.384 -8.526  8.397   1.00 81.39  ? 133 GLU A C   1 
ATOM   984  O  O   . GLU A 1 133 ? -18.243 -8.935  9.552   1.00 78.03  ? 133 GLU A O   1 
ATOM   985  C  CB  . GLU A 1 133 ? -20.106 -9.162  6.685   1.00 89.44  ? 133 GLU A CB  1 
ATOM   986  C  CG  . GLU A 1 133 ? -19.991 -10.658 6.982   1.00 94.22  ? 133 GLU A CG  1 
ATOM   987  C  CD  . GLU A 1 133 ? -19.209 -11.426 5.917   1.00 96.70  ? 133 GLU A CD  1 
ATOM   988  O  OE1 . GLU A 1 133 ? -18.381 -12.286 6.296   1.00 93.56  ? 133 GLU A OE1 1 
ATOM   989  O  OE2 . GLU A 1 133 ? -19.413 -11.174 4.707   1.00 98.81  ? 133 GLU A OE2 1 
ATOM   990  N  N   . GLU A 1 134 ? -17.372 -8.335  7.553   1.00 81.44  ? 134 GLU A N   1 
ATOM   991  C  CA  . GLU A 1 134 ? -16.004 -8.782  7.823   1.00 79.46  ? 134 GLU A CA  1 
ATOM   992  C  C   . GLU A 1 134 ? -15.000 -7.661  7.554   1.00 74.33  ? 134 GLU A C   1 
ATOM   993  O  O   . GLU A 1 134 ? -15.150 -6.912  6.585   1.00 75.44  ? 134 GLU A O   1 
ATOM   994  C  CB  . GLU A 1 134 ? -15.680 -9.985  6.922   1.00 80.33  ? 134 GLU A CB  1 
ATOM   995  C  CG  . GLU A 1 134 ? -14.382 -10.720 7.253   1.00 80.25  ? 134 GLU A CG  1 
ATOM   996  C  CD  . GLU A 1 134 ? -13.984 -11.747 6.203   1.00 79.54  ? 134 GLU A CD  1 
ATOM   997  O  OE1 . GLU A 1 134 ? -14.599 -11.784 5.116   1.00 81.95  ? 134 GLU A OE1 1 
ATOM   998  O  OE2 . GLU A 1 134 ? -13.040 -12.522 6.460   1.00 76.55  ? 134 GLU A OE2 1 
ATOM   999  N  N   . VAL A 1 135 ? -13.985 -7.558  8.412   1.00 70.32  ? 135 VAL A N   1 
ATOM   1000 C  CA  . VAL A 1 135 ? -12.830 -6.689  8.172   1.00 68.44  ? 135 VAL A CA  1 
ATOM   1001 C  C   . VAL A 1 135 ? -11.585 -7.572  8.039   1.00 68.13  ? 135 VAL A C   1 
ATOM   1002 O  O   . VAL A 1 135 ? -11.251 -8.320  8.960   1.00 65.98  ? 135 VAL A O   1 
ATOM   1003 C  CB  . VAL A 1 135 ? -12.649 -5.648  9.296   1.00 70.78  ? 135 VAL A CB  1 
ATOM   1004 C  CG1 . VAL A 1 135 ? -11.331 -4.886  9.145   1.00 72.87  ? 135 VAL A CG1 1 
ATOM   1005 C  CG2 . VAL A 1 135 ? -13.820 -4.675  9.302   1.00 70.44  ? 135 VAL A CG2 1 
ATOM   1006 N  N   . VAL A 1 136 ? -10.916 -7.490  6.887   1.00 65.30  ? 136 VAL A N   1 
ATOM   1007 C  CA  . VAL A 1 136 ? -9.678  -8.225  6.640   1.00 62.75  ? 136 VAL A CA  1 
ATOM   1008 C  C   . VAL A 1 136 ? -8.503  -7.340  7.055   1.00 62.45  ? 136 VAL A C   1 
ATOM   1009 O  O   . VAL A 1 136 ? -8.262  -6.294  6.450   1.00 64.70  ? 136 VAL A O   1 
ATOM   1010 C  CB  . VAL A 1 136 ? -9.528  -8.622  5.155   1.00 63.70  ? 136 VAL A CB  1 
ATOM   1011 C  CG1 . VAL A 1 136 ? -8.285  -9.485  4.950   1.00 63.22  ? 136 VAL A CG1 1 
ATOM   1012 C  CG2 . VAL A 1 136 ? -10.777 -9.353  4.668   1.00 67.08  ? 136 VAL A CG2 1 
ATOM   1013 N  N   . LEU A 1 137 ? -7.780  -7.756  8.090   1.00 60.34  ? 137 LEU A N   1 
ATOM   1014 C  CA  . LEU A 1 137 ? -6.599  -7.026  8.539   1.00 60.95  ? 137 LEU A CA  1 
ATOM   1015 C  C   . LEU A 1 137 ? -5.426  -7.418  7.646   1.00 62.29  ? 137 LEU A C   1 
ATOM   1016 O  O   . LEU A 1 137 ? -4.622  -8.284  8.005   1.00 64.50  ? 137 LEU A O   1 
ATOM   1017 C  CB  . LEU A 1 137 ? -6.313  -7.320  10.016  1.00 60.11  ? 137 LEU A CB  1 
ATOM   1018 C  CG  . LEU A 1 137 ? -7.450  -7.012  10.998  1.00 59.60  ? 137 LEU A CG  1 
ATOM   1019 C  CD1 . LEU A 1 137 ? -7.056  -7.463  12.395  1.00 60.82  ? 137 LEU A CD1 1 
ATOM   1020 C  CD2 . LEU A 1 137 ? -7.824  -5.537  10.988  1.00 57.78  ? 137 LEU A CD2 1 
ATOM   1021 N  N   . ALA A 1 138 ? -5.344  -6.776  6.474   1.00 62.45  ? 138 ALA A N   1 
ATOM   1022 C  CA  . ALA A 1 138 ? -4.334  -7.095  5.449   1.00 60.85  ? 138 ALA A CA  1 
ATOM   1023 C  C   . ALA A 1 138 ? -3.114  -6.175  5.528   1.00 59.94  ? 138 ALA A C   1 
ATOM   1024 O  O   . ALA A 1 138 ? -2.627  -5.654  4.521   1.00 61.89  ? 138 ALA A O   1 
ATOM   1025 C  CB  . ALA A 1 138 ? -4.955  -7.055  4.059   1.00 61.58  ? 138 ALA A CB  1 
ATOM   1026 N  N   . THR A 1 139 ? -2.611  -6.003  6.742   1.00 59.46  ? 139 THR A N   1 
ATOM   1027 C  CA  . THR A 1 139 ? -1.371  -5.294  6.986   1.00 58.99  ? 139 THR A CA  1 
ATOM   1028 C  C   . THR A 1 139 ? -0.224  -6.233  6.617   1.00 58.35  ? 139 THR A C   1 
ATOM   1029 O  O   . THR A 1 139 ? -0.443  -7.424  6.362   1.00 58.08  ? 139 THR A O   1 
ATOM   1030 C  CB  . THR A 1 139 ? -1.266  -4.886  8.468   1.00 59.06  ? 139 THR A CB  1 
ATOM   1031 O  OG1 . THR A 1 139 ? -1.401  -6.047  9.303   1.00 58.01  ? 139 THR A OG1 1 
ATOM   1032 C  CG2 . THR A 1 139 ? -2.366  -3.897  8.818   1.00 57.46  ? 139 THR A CG2 1 
ATOM   1033 N  N   . SER A 1 140 ? 0.994   -5.709  6.610   1.00 59.15  ? 140 SER A N   1 
ATOM   1034 C  CA  . SER A 1 140 ? 2.175   -6.498  6.261   1.00 61.52  ? 140 SER A CA  1 
ATOM   1035 C  C   . SER A 1 140 ? 2.386   -7.634  7.252   1.00 64.29  ? 140 SER A C   1 
ATOM   1036 O  O   . SER A 1 140 ? 1.912   -7.580  8.386   1.00 68.58  ? 140 SER A O   1 
ATOM   1037 C  CB  . SER A 1 140 ? 3.418   -5.616  6.224   1.00 60.88  ? 140 SER A CB  1 
ATOM   1038 O  OG  . SER A 1 140 ? 3.612   -4.967  7.469   1.00 59.38  ? 140 SER A OG  1 
ATOM   1039 N  N   . MET A 1 141 ? 3.116   -8.653  6.817   1.00 68.69  ? 141 MET A N   1 
ATOM   1040 C  CA  . MET A 1 141 ? 3.366   -9.839  7.629   1.00 72.66  ? 141 MET A CA  1 
ATOM   1041 C  C   . MET A 1 141 ? 4.725   -9.674  8.315   1.00 74.96  ? 141 MET A C   1 
ATOM   1042 O  O   . MET A 1 141 ? 5.609   -10.527 8.211   1.00 80.70  ? 141 MET A O   1 
ATOM   1043 C  CB  . MET A 1 141 ? 3.314   -11.102 6.751   1.00 77.07  ? 141 MET A CB  1 
ATOM   1044 C  CG  . MET A 1 141 ? 2.139   -11.169 5.773   1.00 77.21  ? 141 MET A CG  1 
ATOM   1045 S  SD  . MET A 1 141 ? 0.495   -11.049 6.504   1.00 78.00  ? 141 MET A SD  1 
ATOM   1046 C  CE  . MET A 1 141 ? 0.171   -12.776 6.837   1.00 81.03  ? 141 MET A CE  1 
ATOM   1047 N  N   . THR A 1 142 ? 4.858   -8.563  9.036   1.00 75.79  ? 142 THR A N   1 
ATOM   1048 C  CA  . THR A 1 142 ? 6.101   -8.133  9.667   1.00 75.77  ? 142 THR A CA  1 
ATOM   1049 C  C   . THR A 1 142 ? 5.842   -7.997  11.164  1.00 79.13  ? 142 THR A C   1 
ATOM   1050 O  O   . THR A 1 142 ? 4.726   -8.243  11.629  1.00 81.37  ? 142 THR A O   1 
ATOM   1051 C  CB  . THR A 1 142 ? 6.553   -6.772  9.098   1.00 75.98  ? 142 THR A CB  1 
ATOM   1052 O  OG1 . THR A 1 142 ? 5.523   -5.789  9.303   1.00 73.81  ? 142 THR A OG1 1 
ATOM   1053 C  CG2 . THR A 1 142 ? 6.858   -6.882  7.610   1.00 76.04  ? 142 THR A CG2 1 
ATOM   1054 N  N   . VAL A 1 143 ? 6.863   -7.601  11.918  1.00 81.35  ? 143 VAL A N   1 
ATOM   1055 C  CA  . VAL A 1 143 ? 6.690   -7.304  13.343  1.00 83.51  ? 143 VAL A CA  1 
ATOM   1056 C  C   . VAL A 1 143 ? 5.767   -6.091  13.504  1.00 82.32  ? 143 VAL A C   1 
ATOM   1057 O  O   . VAL A 1 143 ? 4.929   -6.056  14.405  1.00 82.44  ? 143 VAL A O   1 
ATOM   1058 C  CB  . VAL A 1 143 ? 8.040   -7.029  14.059  1.00 85.82  ? 143 VAL A CB  1 
ATOM   1059 C  CG1 . VAL A 1 143 ? 7.813   -6.730  15.543  1.00 86.67  ? 143 VAL A CG1 1 
ATOM   1060 C  CG2 . VAL A 1 143 ? 9.001   -8.205  13.882  1.00 87.02  ? 143 VAL A CG2 1 
ATOM   1061 N  N   . GLU A 1 144 ? 5.914   -5.124  12.600  1.00 81.23  ? 144 GLU A N   1 
ATOM   1062 C  CA  . GLU A 1 144 ? 5.192   -3.855  12.672  1.00 84.86  ? 144 GLU A CA  1 
ATOM   1063 C  C   . GLU A 1 144 ? 3.743   -4.040  12.212  1.00 85.62  ? 144 GLU A C   1 
ATOM   1064 O  O   . GLU A 1 144 ? 2.809   -3.534  12.842  1.00 83.83  ? 144 GLU A O   1 
ATOM   1065 C  CB  . GLU A 1 144 ? 5.886   -2.787  11.815  1.00 87.96  ? 144 GLU A CB  1 
ATOM   1066 C  CG  . GLU A 1 144 ? 7.280   -2.374  12.292  1.00 91.61  ? 144 GLU A CG  1 
ATOM   1067 C  CD  . GLU A 1 144 ? 8.379   -3.401  12.021  1.00 92.07  ? 144 GLU A CD  1 
ATOM   1068 O  OE1 . GLU A 1 144 ? 8.344   -4.083  10.970  1.00 89.06  ? 144 GLU A OE1 1 
ATOM   1069 O  OE2 . GLU A 1 144 ? 9.287   -3.529  12.873  1.00 91.67  ? 144 GLU A OE2 1 
ATOM   1070 N  N   . GLY A 1 145 ? 3.570   -4.764  11.108  1.00 83.78  ? 145 GLY A N   1 
ATOM   1071 C  CA  . GLY A 1 145 ? 2.248   -5.076  10.587  1.00 80.69  ? 145 GLY A CA  1 
ATOM   1072 C  C   . GLY A 1 145 ? 1.442   -5.992  11.489  1.00 78.70  ? 145 GLY A C   1 
ATOM   1073 O  O   . GLY A 1 145 ? 0.222   -5.852  11.571  1.00 78.05  ? 145 GLY A O   1 
ATOM   1074 N  N   . GLU A 1 146 ? 2.114   -6.930  12.158  1.00 77.38  ? 146 GLU A N   1 
ATOM   1075 C  CA  . GLU A 1 146 ? 1.446   -7.806  13.126  1.00 79.65  ? 146 GLU A CA  1 
ATOM   1076 C  C   . GLU A 1 146 ? 0.984   -7.029  14.356  1.00 79.30  ? 146 GLU A C   1 
ATOM   1077 O  O   . GLU A 1 146 ? -0.125  -7.244  14.837  1.00 80.25  ? 146 GLU A O   1 
ATOM   1078 C  CB  . GLU A 1 146 ? 2.347   -8.979  13.548  1.00 79.39  ? 146 GLU A CB  1 
ATOM   1079 C  CG  . GLU A 1 146 ? 1.623   -10.099 14.294  1.00 78.77  ? 146 GLU A CG  1 
ATOM   1080 C  CD  . GLU A 1 146 ? 0.533   -10.761 13.460  1.00 79.31  ? 146 GLU A CD  1 
ATOM   1081 O  OE1 . GLU A 1 146 ? 0.817   -11.161 12.311  1.00 76.59  ? 146 GLU A OE1 1 
ATOM   1082 O  OE2 . GLU A 1 146 ? -0.612  -10.876 13.947  1.00 79.01  ? 146 GLU A OE2 1 
ATOM   1083 N  N   . ALA A 1 147 ? 1.833   -6.132  14.855  1.00 83.15  ? 147 ALA A N   1 
ATOM   1084 C  CA  . ALA A 1 147 ? 1.477   -5.249  15.974  1.00 84.66  ? 147 ALA A CA  1 
ATOM   1085 C  C   . ALA A 1 147 ? 0.277   -4.373  15.630  1.00 82.57  ? 147 ALA A C   1 
ATOM   1086 O  O   . ALA A 1 147 ? -0.613  -4.177  16.462  1.00 89.64  ? 147 ALA A O   1 
ATOM   1087 C  CB  . ALA A 1 147 ? 2.662   -4.380  16.368  1.00 86.20  ? 147 ALA A CB  1 
ATOM   1088 N  N   . THR A 1 148 ? 0.265   -3.853  14.405  1.00 77.24  ? 148 THR A N   1 
ATOM   1089 C  CA  . THR A 1 148 ? -0.872  -3.103  13.871  1.00 74.72  ? 148 THR A CA  1 
ATOM   1090 C  C   . THR A 1 148 ? -2.136  -3.966  13.811  1.00 75.11  ? 148 THR A C   1 
ATOM   1091 O  O   . THR A 1 148 ? -3.213  -3.511  14.192  1.00 71.83  ? 148 THR A O   1 
ATOM   1092 C  CB  . THR A 1 148 ? -0.561  -2.557  12.459  1.00 71.84  ? 148 THR A CB  1 
ATOM   1093 O  OG1 . THR A 1 148 ? 0.683   -1.851  12.488  1.00 70.82  ? 148 THR A OG1 1 
ATOM   1094 C  CG2 . THR A 1 148 ? -1.658  -1.626  11.966  1.00 71.52  ? 148 THR A CG2 1 
ATOM   1095 N  N   . ALA A 1 149 ? -1.990  -5.205  13.341  1.00 74.61  ? 149 ALA A N   1 
ATOM   1096 C  CA  . ALA A 1 149 ? -3.112  -6.138  13.237  1.00 77.21  ? 149 ALA A CA  1 
ATOM   1097 C  C   . ALA A 1 149 ? -3.761  -6.397  14.591  1.00 79.77  ? 149 ALA A C   1 
ATOM   1098 O  O   . ALA A 1 149 ? -4.976  -6.237  14.738  1.00 79.76  ? 149 ALA A O   1 
ATOM   1099 C  CB  . ALA A 1 149 ? -2.660  -7.451  12.614  1.00 79.39  ? 149 ALA A CB  1 
ATOM   1100 N  N   . LEU A 1 150 ? -2.944  -6.772  15.577  1.00 83.90  ? 150 LEU A N   1 
ATOM   1101 C  CA  . LEU A 1 150 ? -3.429  -7.060  16.935  1.00 83.08  ? 150 LEU A CA  1 
ATOM   1102 C  C   . LEU A 1 150 ? -4.167  -5.875  17.558  1.00 81.33  ? 150 LEU A C   1 
ATOM   1103 O  O   . LEU A 1 150 ? -5.192  -6.063  18.215  1.00 84.52  ? 150 LEU A O   1 
ATOM   1104 C  CB  . LEU A 1 150 ? -2.281  -7.510  17.851  1.00 83.90  ? 150 LEU A CB  1 
ATOM   1105 C  CG  . LEU A 1 150 ? -1.641  -8.873  17.547  1.00 87.57  ? 150 LEU A CG  1 
ATOM   1106 C  CD1 . LEU A 1 150 ? -0.439  -9.116  18.453  1.00 90.51  ? 150 LEU A CD1 1 
ATOM   1107 C  CD2 . LEU A 1 150 ? -2.643  -10.013 17.686  1.00 88.27  ? 150 LEU A CD2 1 
ATOM   1108 N  N   . TYR A 1 151 ? -3.653  -4.664  17.337  1.00 80.19  ? 151 TYR A N   1 
ATOM   1109 C  CA  . TYR A 1 151 ? -4.298  -3.444  17.830  1.00 81.72  ? 151 TYR A CA  1 
ATOM   1110 C  C   . TYR A 1 151 ? -5.658  -3.210  17.176  1.00 82.72  ? 151 TYR A C   1 
ATOM   1111 O  O   . TYR A 1 151 ? -6.633  -2.901  17.866  1.00 86.66  ? 151 TYR A O   1 
ATOM   1112 C  CB  . TYR A 1 151 ? -3.404  -2.218  17.616  1.00 80.80  ? 151 TYR A CB  1 
ATOM   1113 C  CG  . TYR A 1 151 ? -4.091  -0.915  17.955  1.00 79.89  ? 151 TYR A CG  1 
ATOM   1114 C  CD1 . TYR A 1 151 ? -4.321  -0.550  19.284  1.00 82.62  ? 151 TYR A CD1 1 
ATOM   1115 C  CD2 . TYR A 1 151 ? -4.533  -0.053  16.949  1.00 80.35  ? 151 TYR A CD2 1 
ATOM   1116 C  CE1 . TYR A 1 151 ? -4.961  0.643   19.599  1.00 84.79  ? 151 TYR A CE1 1 
ATOM   1117 C  CE2 . TYR A 1 151 ? -5.172  1.141   17.253  1.00 82.50  ? 151 TYR A CE2 1 
ATOM   1118 C  CZ  . TYR A 1 151 ? -5.385  1.488   18.577  1.00 84.25  ? 151 TYR A CZ  1 
ATOM   1119 O  OH  . TYR A 1 151 ? -6.019  2.671   18.874  1.00 84.12  ? 151 TYR A OH  1 
ATOM   1120 N  N   . LEU A 1 152 ? -5.713  -3.339  15.852  1.00 82.88  ? 152 LEU A N   1 
ATOM   1121 C  CA  . LEU A 1 152 ? -6.982  -3.220  15.127  1.00 82.28  ? 152 LEU A CA  1 
ATOM   1122 C  C   . LEU A 1 152 ? -7.964  -4.310  15.545  1.00 80.92  ? 152 LEU A C   1 
ATOM   1123 O  O   . LEU A 1 152 ? -9.154  -4.043  15.656  1.00 78.64  ? 152 LEU A O   1 
ATOM   1124 C  CB  . LEU A 1 152 ? -6.784  -3.258  13.600  1.00 84.87  ? 152 LEU A CB  1 
ATOM   1125 C  CG  . LEU A 1 152 ? -6.486  -1.957  12.838  1.00 88.39  ? 152 LEU A CG  1 
ATOM   1126 C  CD1 . LEU A 1 152 ? -7.523  -0.881  13.127  1.00 88.65  ? 152 LEU A CD1 1 
ATOM   1127 C  CD2 . LEU A 1 152 ? -5.090  -1.423  13.120  1.00 89.41  ? 152 LEU A CD2 1 
ATOM   1128 N  N   . ALA A 1 153 ? -7.462  -5.524  15.776  1.00 81.47  ? 153 ALA A N   1 
ATOM   1129 C  CA  . ALA A 1 153 ? -8.301  -6.652  16.194  1.00 82.01  ? 153 ALA A CA  1 
ATOM   1130 C  C   . ALA A 1 153 ? -8.970  -6.377  17.538  1.00 84.19  ? 153 ALA A C   1 
ATOM   1131 O  O   . ALA A 1 153 ? -10.188 -6.535  17.678  1.00 82.97  ? 153 ALA A O   1 
ATOM   1132 C  CB  . ALA A 1 153 ? -7.477  -7.932  16.264  1.00 81.59  ? 153 ALA A CB  1 
ATOM   1133 N  N   . GLU A 1 154 ? -8.163  -5.953  18.512  1.00 84.70  ? 154 GLU A N   1 
ATOM   1134 C  CA  . GLU A 1 154 ? -8.652  -5.570  19.839  1.00 86.07  ? 154 GLU A CA  1 
ATOM   1135 C  C   . GLU A 1 154 ? -9.730  -4.494  19.741  1.00 86.05  ? 154 GLU A C   1 
ATOM   1136 O  O   . GLU A 1 154 ? -10.825 -4.652  20.281  1.00 90.87  ? 154 GLU A O   1 
ATOM   1137 C  CB  . GLU A 1 154 ? -7.497  -5.063  20.708  1.00 86.07  ? 154 GLU A CB  1 
ATOM   1138 N  N   . GLU A 1 155 ? -9.412  -3.423  19.019  1.00 83.39  ? 155 GLU A N   1 
ATOM   1139 C  CA  . GLU A 1 155 ? -10.327 -2.293  18.832  1.00 84.07  ? 155 GLU A CA  1 
ATOM   1140 C  C   . GLU A 1 155 ? -11.577 -2.628  18.011  1.00 83.81  ? 155 GLU A C   1 
ATOM   1141 O  O   . GLU A 1 155 ? -12.628 -2.039  18.252  1.00 82.55  ? 155 GLU A O   1 
ATOM   1142 C  CB  . GLU A 1 155 ? -9.593  -1.111  18.180  1.00 85.04  ? 155 GLU A CB  1 
ATOM   1143 C  CG  . GLU A 1 155 ? -8.484  -0.498  19.030  1.00 85.70  ? 155 GLU A CG  1 
ATOM   1144 C  CD  . GLU A 1 155 ? -8.995  0.223   20.268  1.00 85.90  ? 155 GLU A CD  1 
ATOM   1145 O  OE1 . GLU A 1 155 ? -10.017 0.941   20.172  1.00 82.81  ? 155 GLU A OE1 1 
ATOM   1146 O  OE2 . GLU A 1 155 ? -8.365  0.074   21.339  1.00 83.01  ? 155 GLU A OE2 1 
ATOM   1147 N  N   . LEU A 1 156 ? -11.462 -3.551  17.050  1.00 85.35  ? 156 LEU A N   1 
ATOM   1148 C  CA  . LEU A 1 156 ? -12.604 -3.947  16.200  1.00 86.57  ? 156 LEU A CA  1 
ATOM   1149 C  C   . LEU A 1 156 ? -13.537 -4.943  16.881  1.00 88.51  ? 156 LEU A C   1 
ATOM   1150 O  O   . LEU A 1 156 ? -14.752 -4.861  16.709  1.00 83.94  ? 156 LEU A O   1 
ATOM   1151 C  CB  . LEU A 1 156 ? -12.140 -4.524  14.857  1.00 85.30  ? 156 LEU A CB  1 
ATOM   1152 C  CG  . LEU A 1 156 ? -11.637 -3.498  13.836  1.00 84.15  ? 156 LEU A CG  1 
ATOM   1153 C  CD1 . LEU A 1 156 ? -10.779 -4.161  12.771  1.00 82.60  ? 156 LEU A CD1 1 
ATOM   1154 C  CD2 . LEU A 1 156 ? -12.792 -2.737  13.195  1.00 84.37  ? 156 LEU A CD2 1 
ATOM   1155 N  N   . LYS A 1 157 ? -12.970 -5.889  17.627  1.00 96.14  ? 157 LYS A N   1 
ATOM   1156 C  CA  . LYS A 1 157 ? -13.770 -6.842  18.410  1.00 102.95 ? 157 LYS A CA  1 
ATOM   1157 C  C   . LYS A 1 157 ? -14.582 -6.139  19.510  1.00 104.93 ? 157 LYS A C   1 
ATOM   1158 O  O   . LYS A 1 157 ? -15.700 -6.558  19.819  1.00 101.95 ? 157 LYS A O   1 
ATOM   1159 C  CB  . LYS A 1 157 ? -12.884 -7.949  18.998  1.00 106.74 ? 157 LYS A CB  1 
ATOM   1160 C  CG  . LYS A 1 157 ? -12.339 -8.903  17.939  1.00 110.25 ? 157 LYS A CG  1 
ATOM   1161 C  CD  . LYS A 1 157 ? -11.174 -9.749  18.440  1.00 111.72 ? 157 LYS A CD  1 
ATOM   1162 C  CE  . LYS A 1 157 ? -11.639 -10.881 19.341  1.00 113.69 ? 157 LYS A CE  1 
ATOM   1163 N  NZ  . LYS A 1 157 ? -10.521 -11.804 19.668  1.00 114.52 ? 157 LYS A NZ  1 
ATOM   1164 N  N   . LYS A 1 158 ? -14.021 -5.070  20.082  1.00 107.13 ? 158 LYS A N   1 
ATOM   1165 C  CA  . LYS A 1 158 ? -14.767 -4.185  20.991  1.00 107.54 ? 158 LYS A CA  1 
ATOM   1166 C  C   . LYS A 1 158 ? -16.032 -3.609  20.345  1.00 106.46 ? 158 LYS A C   1 
ATOM   1167 O  O   . LYS A 1 158 ? -17.091 -3.584  20.972  1.00 111.74 ? 158 LYS A O   1 
ATOM   1168 C  CB  . LYS A 1 158 ? -13.885 -3.030  21.494  1.00 105.83 ? 158 LYS A CB  1 
ATOM   1169 C  CG  . LYS A 1 158 ? -12.963 -3.402  22.645  1.00 105.80 ? 158 LYS A CG  1 
ATOM   1170 C  CD  . LYS A 1 158 ? -12.431 -2.173  23.372  1.00 105.34 ? 158 LYS A CD  1 
ATOM   1171 C  CE  . LYS A 1 158 ? -11.519 -1.334  22.491  1.00 105.30 ? 158 LYS A CE  1 
ATOM   1172 N  NZ  . LYS A 1 158 ? -10.798 -0.288  23.266  1.00 106.59 ? 158 LYS A NZ  1 
ATOM   1173 N  N   . ARG A 1 159 ? -15.913 -3.160  19.096  1.00 103.49 ? 159 ARG A N   1 
ATOM   1174 C  CA  . ARG A 1 159 ? -17.026 -2.530  18.370  1.00 101.50 ? 159 ARG A CA  1 
ATOM   1175 C  C   . ARG A 1 159 ? -17.897 -3.509  17.553  1.00 95.94  ? 159 ARG A C   1 
ATOM   1176 O  O   . ARG A 1 159 ? -18.655 -3.078  16.682  1.00 93.03  ? 159 ARG A O   1 
ATOM   1177 C  CB  . ARG A 1 159 ? -16.494 -1.399  17.475  1.00 103.14 ? 159 ARG A CB  1 
ATOM   1178 C  CG  . ARG A 1 159 ? -15.607 -0.408  18.217  1.00 103.73 ? 159 ARG A CG  1 
ATOM   1179 C  CD  . ARG A 1 159 ? -15.408 0.890   17.452  1.00 103.51 ? 159 ARG A CD  1 
ATOM   1180 N  NE  . ARG A 1 159 ? -14.288 1.668   17.995  1.00 103.56 ? 159 ARG A NE  1 
ATOM   1181 C  CZ  . ARG A 1 159 ? -14.132 2.994   17.891  1.00 105.69 ? 159 ARG A CZ  1 
ATOM   1182 N  NH1 . ARG A 1 159 ? -15.029 3.762   17.264  1.00 104.64 ? 159 ARG A NH1 1 
ATOM   1183 N  NH2 . ARG A 1 159 ? -13.058 3.568   18.435  1.00 103.41 ? 159 ARG A NH2 1 
ATOM   1184 N  N   . GLY A 1 160 ? -17.798 -4.810  17.830  1.00 92.52  ? 160 GLY A N   1 
ATOM   1185 C  CA  . GLY A 1 160 ? -18.758 -5.784  17.312  1.00 93.48  ? 160 GLY A CA  1 
ATOM   1186 C  C   . GLY A 1 160 ? -18.658 -6.047  15.824  1.00 94.08  ? 160 GLY A C   1 
ATOM   1187 O  O   . GLY A 1 160 ? -19.567 -5.708  15.062  1.00 93.21  ? 160 GLY A O   1 
ATOM   1188 N  N   . VAL A 1 161 ? -17.538 -6.641  15.420  1.00 96.47  ? 161 VAL A N   1 
ATOM   1189 C  CA  . VAL A 1 161 ? -17.325 -7.092  14.038  1.00 93.75  ? 161 VAL A CA  1 
ATOM   1190 C  C   . VAL A 1 161 ? -16.170 -8.101  14.007  1.00 89.10  ? 161 VAL A C   1 
ATOM   1191 O  O   . VAL A 1 161 ? -15.164 -7.915  14.703  1.00 87.68  ? 161 VAL A O   1 
ATOM   1192 C  CB  . VAL A 1 161 ? -17.070 -5.906  13.064  1.00 94.49  ? 161 VAL A CB  1 
ATOM   1193 C  CG1 . VAL A 1 161 ? -15.861 -5.076  13.485  1.00 94.91  ? 161 VAL A CG1 1 
ATOM   1194 C  CG2 . VAL A 1 161 ? -16.917 -6.397  11.629  1.00 96.05  ? 161 VAL A CG2 1 
ATOM   1195 N  N   . ARG A 1 162 ? -16.333 -9.168  13.223  1.00 84.97  ? 162 ARG A N   1 
ATOM   1196 C  CA  A ARG A 1 162 ? -15.310 -10.213 13.114  0.50 84.30  ? 162 ARG A CA  1 
ATOM   1197 C  CA  B ARG A 1 162 ? -15.308 -10.211 13.117  0.50 83.42  ? 162 ARG A CA  1 
ATOM   1198 C  C   . ARG A 1 162 ? -14.133 -9.735  12.261  1.00 84.18  ? 162 ARG A C   1 
ATOM   1199 O  O   . ARG A 1 162 ? -14.312 -8.947  11.322  1.00 85.23  ? 162 ARG A O   1 
ATOM   1200 C  CB  A ARG A 1 162 ? -15.900 -11.523 12.562  0.50 83.65  ? 162 ARG A CB  1 
ATOM   1201 C  CB  B ARG A 1 162 ? -15.892 -11.529 12.580  0.50 81.63  ? 162 ARG A CB  1 
ATOM   1202 C  CG  A ARG A 1 162 ? -16.253 -11.534 11.077  0.50 83.59  ? 162 ARG A CG  1 
ATOM   1203 C  CG  B ARG A 1 162 ? -16.421 -11.509 11.150  0.50 80.41  ? 162 ARG A CG  1 
ATOM   1204 C  CD  A ARG A 1 162 ? -16.773 -12.900 10.658  0.50 82.80  ? 162 ARG A CD  1 
ATOM   1205 C  CD  B ARG A 1 162 ? -16.915 -12.888 10.746  0.50 78.73  ? 162 ARG A CD  1 
ATOM   1206 N  NE  A ARG A 1 162 ? -18.175 -13.082 11.011  0.50 81.48  ? 162 ARG A NE  1 
ATOM   1207 N  NE  B ARG A 1 162 ? -15.824 -13.856 10.681  0.50 76.67  ? 162 ARG A NE  1 
ATOM   1208 C  CZ  A ARG A 1 162 ? -19.157 -13.184 10.124  0.50 80.24  ? 162 ARG A CZ  1 
ATOM   1209 C  CZ  B ARG A 1 162 ? -15.289 -14.297 9.549   0.50 74.39  ? 162 ARG A CZ  1 
ATOM   1210 N  NH1 A ARG A 1 162 ? -18.884 -13.135 8.828   0.50 81.33  ? 162 ARG A NH1 1 
ATOM   1211 N  NH1 B ARG A 1 162 ? -15.753 -13.863 8.385   0.50 73.35  ? 162 ARG A NH1 1 
ATOM   1212 N  NH2 A ARG A 1 162 ? -20.407 -13.343 10.529  0.50 80.16  ? 162 ARG A NH2 1 
ATOM   1213 N  NH2 B ARG A 1 162 ? -14.300 -15.177 9.580   0.50 72.67  ? 162 ARG A NH2 1 
ATOM   1214 N  N   . VAL A 1 163 ? -12.936 -10.215 12.596  1.00 80.05  ? 163 VAL A N   1 
ATOM   1215 C  CA  . VAL A 1 163 ? -11.711 -9.851  11.889  1.00 74.80  ? 163 VAL A CA  1 
ATOM   1216 C  C   . VAL A 1 163 ? -10.945 -11.091 11.464  1.00 71.69  ? 163 VAL A C   1 
ATOM   1217 O  O   . VAL A 1 163 ? -10.871 -12.073 12.211  1.00 69.80  ? 163 VAL A O   1 
ATOM   1218 C  CB  . VAL A 1 163 ? -10.791 -8.926  12.723  1.00 76.37  ? 163 VAL A CB  1 
ATOM   1219 C  CG1 . VAL A 1 163 ? -11.381 -7.528  12.784  1.00 79.32  ? 163 VAL A CG1 1 
ATOM   1220 C  CG2 . VAL A 1 163 ? -10.548 -9.466  14.129  1.00 75.81  ? 163 VAL A CG2 1 
ATOM   1221 N  N   . THR A 1 164 ? -10.381 -11.031 10.258  1.00 68.72  ? 164 THR A N   1 
ATOM   1222 C  CA  . THR A 1 164 ? -9.582  -12.117 9.707   1.00 66.77  ? 164 THR A CA  1 
ATOM   1223 C  C   . THR A 1 164 ? -8.212  -11.616 9.293   1.00 65.32  ? 164 THR A C   1 
ATOM   1224 O  O   . THR A 1 164 ? -8.039  -10.440 8.983   1.00 67.32  ? 164 THR A O   1 
ATOM   1225 C  CB  . THR A 1 164 ? -10.269 -12.771 8.491   1.00 67.59  ? 164 THR A CB  1 
ATOM   1226 O  OG1 . THR A 1 164 ? -10.634 -11.768 7.529   1.00 64.87  ? 164 THR A OG1 1 
ATOM   1227 C  CG2 . THR A 1 164 ? -11.507 -13.529 8.938   1.00 67.98  ? 164 THR A CG2 1 
ATOM   1228 N  N   . ARG A 1 165 ? -7.248  -12.531 9.293   1.00 64.59  ? 165 ARG A N   1 
ATOM   1229 C  CA  . ARG A 1 165 ? -5.878  -12.247 8.884   1.00 64.21  ? 165 ARG A CA  1 
ATOM   1230 C  C   . ARG A 1 165 ? -5.505  -13.157 7.709   1.00 62.41  ? 165 ARG A C   1 
ATOM   1231 O  O   . ARG A 1 165 ? -5.693  -14.379 7.799   1.00 62.32  ? 165 ARG A O   1 
ATOM   1232 C  CB  . ARG A 1 165 ? -4.937  -12.520 10.053  1.00 64.23  ? 165 ARG A CB  1 
ATOM   1233 C  CG  . ARG A 1 165 ? -3.509  -12.037 9.849   1.00 64.37  ? 165 ARG A CG  1 
ATOM   1234 C  CD  . ARG A 1 165 ? -3.318  -10.617 10.339  1.00 65.07  ? 165 ARG A CD  1 
ATOM   1235 N  NE  . ARG A 1 165 ? -1.896  -10.269 10.411  1.00 67.38  ? 165 ARG A NE  1 
ATOM   1236 C  CZ  . ARG A 1 165 ? -1.222  -9.487  9.562   1.00 67.54  ? 165 ARG A CZ  1 
ATOM   1237 N  NH1 . ARG A 1 165 ? -1.808  -8.909  8.509   1.00 67.29  ? 165 ARG A NH1 1 
ATOM   1238 N  NH2 . ARG A 1 165 ? 0.074   -9.271  9.782   1.00 68.84  ? 165 ARG A NH2 1 
ATOM   1239 N  N   . PRO A 1 166 ? -4.954  -12.584 6.614   1.00 59.41  ? 166 PRO A N   1 
ATOM   1240 C  CA  . PRO A 1 166 ? -4.418  -13.437 5.548   1.00 59.38  ? 166 PRO A CA  1 
ATOM   1241 C  C   . PRO A 1 166 ? -3.378  -14.423 6.065   1.00 60.09  ? 166 PRO A C   1 
ATOM   1242 O  O   . PRO A 1 166 ? -2.712  -14.156 7.066   1.00 62.42  ? 166 PRO A O   1 
ATOM   1243 C  CB  . PRO A 1 166 ? -3.788  -12.440 4.578   1.00 59.16  ? 166 PRO A CB  1 
ATOM   1244 C  CG  . PRO A 1 166 ? -4.554  -11.186 4.788   1.00 60.09  ? 166 PRO A CG  1 
ATOM   1245 C  CD  . PRO A 1 166 ? -4.869  -11.158 6.255   1.00 59.76  ? 166 PRO A CD  1 
ATOM   1246 N  N   . ALA A 1 167 ? -3.258  -15.555 5.386   1.00 62.86  ? 167 ALA A N   1 
ATOM   1247 C  CA  . ALA A 1 167 ? -2.467  -16.681 5.879   1.00 62.22  ? 167 ALA A CA  1 
ATOM   1248 C  C   . ALA A 1 167 ? -0.967  -16.460 5.773   1.00 62.15  ? 167 ALA A C   1 
ATOM   1249 O  O   . ALA A 1 167 ? -0.460  -16.110 4.710   1.00 64.50  ? 167 ALA A O   1 
ATOM   1250 C  CB  . ALA A 1 167 ? -2.840  -17.943 5.117   1.00 62.86  ? 167 ALA A CB  1 
ATOM   1251 N  N   . TYR A 1 168 ? -0.264  -16.679 6.880   1.00 63.57  ? 168 TYR A N   1 
ATOM   1252 C  CA  . TYR A 1 168 ? 1.169   -16.967 6.838   1.00 65.02  ? 168 TYR A CA  1 
ATOM   1253 C  C   . TYR A 1 168 ? 1.331   -18.382 6.283   1.00 65.16  ? 168 TYR A C   1 
ATOM   1254 O  O   . TYR A 1 168 ? 0.534   -19.267 6.607   1.00 66.99  ? 168 TYR A O   1 
ATOM   1255 C  CB  . TYR A 1 168 ? 1.794   -16.928 8.230   1.00 66.81  ? 168 TYR A CB  1 
ATOM   1256 C  CG  . TYR A 1 168 ? 1.968   -15.559 8.829   1.00 70.75  ? 168 TYR A CG  1 
ATOM   1257 C  CD1 . TYR A 1 168 ? 0.896   -14.894 9.430   1.00 72.54  ? 168 TYR A CD1 1 
ATOM   1258 C  CD2 . TYR A 1 168 ? 3.215   -14.936 8.835   1.00 73.56  ? 168 TYR A CD2 1 
ATOM   1259 C  CE1 . TYR A 1 168 ? 1.060   -13.642 10.001  1.00 75.09  ? 168 TYR A CE1 1 
ATOM   1260 C  CE2 . TYR A 1 168 ? 3.390   -13.686 9.409   1.00 75.02  ? 168 TYR A CE2 1 
ATOM   1261 C  CZ  . TYR A 1 168 ? 2.310   -13.041 9.987   1.00 76.67  ? 168 TYR A CZ  1 
ATOM   1262 O  OH  . TYR A 1 168 ? 2.478   -11.799 10.551  1.00 80.83  ? 168 TYR A OH  1 
ATOM   1263 N  N   . GLY A 1 169 ? 2.365   -18.593 5.468   1.00 65.43  ? 169 GLY A N   1 
ATOM   1264 C  CA  . GLY A 1 169 ? 2.664   -19.917 4.912   1.00 66.00  ? 169 GLY A CA  1 
ATOM   1265 C  C   . GLY A 1 169 ? 3.675   -19.872 3.780   1.00 66.45  ? 169 GLY A C   1 
ATOM   1266 O  O   . GLY A 1 169 ? 4.374   -18.875 3.612   1.00 63.93  ? 169 GLY A O   1 
ATOM   1267 N  N   . LEU A 1 170 ? 3.745   -20.956 3.006   1.00 68.12  ? 170 LEU A N   1 
ATOM   1268 C  CA  . LEU A 1 170 ? 4.662   -21.040 1.863   1.00 70.96  ? 170 LEU A CA  1 
ATOM   1269 C  C   . LEU A 1 170 ? 4.091   -20.309 0.648   1.00 72.40  ? 170 LEU A C   1 
ATOM   1270 O  O   . LEU A 1 170 ? 2.880   -20.344 0.431   1.00 71.97  ? 170 LEU A O   1 
ATOM   1271 C  CB  . LEU A 1 170 ? 4.933   -22.496 1.453   1.00 70.73  ? 170 LEU A CB  1 
ATOM   1272 C  CG  . LEU A 1 170 ? 5.789   -23.468 2.287   1.00 69.43  ? 170 LEU A CG  1 
ATOM   1273 C  CD1 . LEU A 1 170 ? 6.864   -22.738 3.082   1.00 70.67  ? 170 LEU A CD1 1 
ATOM   1274 C  CD2 . LEU A 1 170 ? 4.949   -24.360 3.191   1.00 68.42  ? 170 LEU A CD2 1 
ATOM   1275 N  N   . PRO A 1 171 ? 4.962   -19.674 -0.163  1.00 76.16  ? 171 PRO A N   1 
ATOM   1276 C  CA  . PRO A 1 171 ? 4.497   -19.069 -1.412  1.00 77.85  ? 171 PRO A CA  1 
ATOM   1277 C  C   . PRO A 1 171 ? 4.328   -20.122 -2.504  1.00 76.13  ? 171 PRO A C   1 
ATOM   1278 O  O   . PRO A 1 171 ? 4.925   -21.193 -2.414  1.00 75.38  ? 171 PRO A O   1 
ATOM   1279 C  CB  . PRO A 1 171 ? 5.626   -18.100 -1.761  1.00 78.19  ? 171 PRO A CB  1 
ATOM   1280 C  CG  . PRO A 1 171 ? 6.845   -18.779 -1.247  1.00 79.01  ? 171 PRO A CG  1 
ATOM   1281 C  CD  . PRO A 1 171 ? 6.424   -19.545 -0.018  1.00 78.69  ? 171 PRO A CD  1 
ATOM   1282 N  N   . VAL A 1 172 ? 3.520   -19.812 -3.517  1.00 77.89  ? 172 VAL A N   1 
ATOM   1283 C  CA  . VAL A 1 172 ? 3.285   -20.722 -4.651  1.00 77.65  ? 172 VAL A CA  1 
ATOM   1284 C  C   . VAL A 1 172 ? 4.592   -20.945 -5.417  1.00 76.12  ? 172 VAL A C   1 
ATOM   1285 O  O   . VAL A 1 172 ? 5.381   -20.017 -5.601  1.00 70.19  ? 172 VAL A O   1 
ATOM   1286 C  CB  . VAL A 1 172 ? 2.174   -20.191 -5.591  1.00 77.95  ? 172 VAL A CB  1 
ATOM   1287 C  CG1 . VAL A 1 172 ? 2.117   -20.958 -6.910  1.00 78.22  ? 172 VAL A CG1 1 
ATOM   1288 C  CG2 . VAL A 1 172 ? 0.826   -20.268 -4.889  1.00 79.96  ? 172 VAL A CG2 1 
ATOM   1289 N  N   . GLY A 1 173 ? 4.813   -22.193 -5.832  1.00 79.41  ? 173 GLY A N   1 
ATOM   1290 C  CA  . GLY A 1 173 ? 6.055   -22.605 -6.488  1.00 79.34  ? 173 GLY A CA  1 
ATOM   1291 C  C   . GLY A 1 173 ? 7.268   -22.659 -5.571  1.00 79.51  ? 173 GLY A C   1 
ATOM   1292 O  O   . GLY A 1 173 ? 8.398   -22.705 -6.051  1.00 79.91  ? 173 GLY A O   1 
ATOM   1293 N  N   . GLY A 1 174 ? 7.041   -22.677 -4.257  1.00 80.34  ? 174 GLY A N   1 
ATOM   1294 C  CA  . GLY A 1 174 ? 8.124   -22.622 -3.273  1.00 82.50  ? 174 GLY A CA  1 
ATOM   1295 C  C   . GLY A 1 174 ? 8.582   -23.996 -2.807  1.00 83.38  ? 174 GLY A C   1 
ATOM   1296 O  O   . GLY A 1 174 ? 7.762   -24.892 -2.554  1.00 77.17  ? 174 GLY A O   1 
ATOM   1297 N  N   . SER A 1 175 ? 9.899   -24.159 -2.692  1.00 83.07  ? 175 SER A N   1 
ATOM   1298 C  CA  . SER A 1 175 ? 10.491  -25.367 -2.122  1.00 86.08  ? 175 SER A CA  1 
ATOM   1299 C  C   . SER A 1 175 ? 10.663  -25.199 -0.614  1.00 86.29  ? 175 SER A C   1 
ATOM   1300 O  O   . SER A 1 175 ? 10.878  -24.082 -0.122  1.00 86.71  ? 175 SER A O   1 
ATOM   1301 C  CB  . SER A 1 175 ? 11.850  -25.645 -2.760  1.00 86.15  ? 175 SER A CB  1 
ATOM   1302 O  OG  . SER A 1 175 ? 12.811  -24.690 -2.344  1.00 83.30  ? 175 SER A OG  1 
ATOM   1303 N  N   . LEU A 1 176 ? 10.600  -26.317 0.104   1.00 83.80  ? 176 LEU A N   1 
ATOM   1304 C  CA  . LEU A 1 176 ? 10.740  -26.310 1.558   1.00 81.15  ? 176 LEU A CA  1 
ATOM   1305 C  C   . LEU A 1 176 ? 12.185  -26.016 1.957   1.00 75.61  ? 176 LEU A C   1 
ATOM   1306 O  O   . LEU A 1 176 ? 12.436  -25.268 2.897   1.00 72.04  ? 176 LEU A O   1 
ATOM   1307 C  CB  . LEU A 1 176 ? 10.302  -27.651 2.165   1.00 84.10  ? 176 LEU A CB  1 
ATOM   1308 C  CG  . LEU A 1 176 ? 8.853   -28.150 2.038   1.00 87.86  ? 176 LEU A CG  1 
ATOM   1309 C  CD1 . LEU A 1 176 ? 7.858   -27.004 2.150   1.00 91.60  ? 176 LEU A CD1 1 
ATOM   1310 C  CD2 . LEU A 1 176 ? 8.602   -28.935 0.756   1.00 93.82  ? 176 LEU A CD2 1 
ATOM   1311 N  N   . GLU A 1 177 ? 13.120  -26.614 1.224   1.00 74.01  ? 177 GLU A N   1 
ATOM   1312 C  CA  . GLU A 1 177 ? 14.558  -26.488 1.477   1.00 73.59  ? 177 GLU A CA  1 
ATOM   1313 C  C   . GLU A 1 177 ? 15.036  -25.041 1.606   1.00 75.20  ? 177 GLU A C   1 
ATOM   1314 O  O   . GLU A 1 177 ? 15.848  -24.735 2.480   1.00 78.68  ? 177 GLU A O   1 
ATOM   1315 C  CB  . GLU A 1 177 ? 15.326  -27.189 0.348   1.00 73.02  ? 177 GLU A CB  1 
ATOM   1316 C  CG  . GLU A 1 177 ? 16.834  -27.260 0.529   1.00 73.30  ? 177 GLU A CG  1 
ATOM   1317 C  CD  . GLU A 1 177 ? 17.553  -27.797 -0.695  1.00 69.05  ? 177 GLU A CD  1 
ATOM   1318 O  OE1 . GLU A 1 177 ? 16.917  -28.483 -1.535  1.00 63.68  ? 177 GLU A OE1 1 
ATOM   1319 O  OE2 . GLU A 1 177 ? 18.767  -27.525 -0.806  1.00 67.11  ? 177 GLU A OE2 1 
ATOM   1320 N  N   . TYR A 1 178 ? 14.526  -24.162 0.744   1.00 78.94  ? 178 TYR A N   1 
ATOM   1321 C  CA  . TYR A 1 178 ? 14.979  -22.766 0.680   1.00 81.45  ? 178 TYR A CA  1 
ATOM   1322 C  C   . TYR A 1 178 ? 14.100  -21.763 1.437   1.00 75.34  ? 178 TYR A C   1 
ATOM   1323 O  O   . TYR A 1 178 ? 14.479  -20.605 1.574   1.00 75.10  ? 178 TYR A O   1 
ATOM   1324 C  CB  . TYR A 1 178 ? 15.156  -22.338 -0.785  1.00 86.15  ? 178 TYR A CB  1 
ATOM   1325 C  CG  . TYR A 1 178 ? 16.091  -23.245 -1.577  1.00 92.39  ? 178 TYR A CG  1 
ATOM   1326 C  CD1 . TYR A 1 178 ? 17.353  -23.592 -1.080  1.00 96.84  ? 178 TYR A CD1 1 
ATOM   1327 C  CD2 . TYR A 1 178 ? 15.717  -23.756 -2.822  1.00 96.59  ? 178 TYR A CD2 1 
ATOM   1328 C  CE1 . TYR A 1 178 ? 18.205  -24.423 -1.796  1.00 101.42 ? 178 TYR A CE1 1 
ATOM   1329 C  CE2 . TYR A 1 178 ? 16.562  -24.586 -3.547  1.00 100.97 ? 178 TYR A CE2 1 
ATOM   1330 C  CZ  . TYR A 1 178 ? 17.806  -24.917 -3.032  1.00 105.18 ? 178 TYR A CZ  1 
ATOM   1331 O  OH  . TYR A 1 178 ? 18.653  -25.741 -3.746  1.00 109.13 ? 178 TYR A OH  1 
ATOM   1332 N  N   . ALA A 1 179 ? 12.946  -22.200 1.935   1.00 73.57  ? 179 ALA A N   1 
ATOM   1333 C  CA  . ALA A 1 179 ? 12.128  -21.377 2.832   1.00 73.38  ? 179 ALA A CA  1 
ATOM   1334 C  C   . ALA A 1 179 ? 12.796  -21.244 4.204   1.00 74.04  ? 179 ALA A C   1 
ATOM   1335 O  O   . ALA A 1 179 ? 13.494  -22.160 4.644   1.00 75.78  ? 179 ALA A O   1 
ATOM   1336 C  CB  . ALA A 1 179 ? 10.743  -21.985 2.987   1.00 72.27  ? 179 ALA A CB  1 
ATOM   1337 N  N   . ASP A 1 180 ? 12.576  -20.112 4.871   1.00 73.38  ? 180 ASP A N   1 
ATOM   1338 C  CA  . ASP A 1 180 ? 13.106  -19.895 6.226   1.00 74.76  ? 180 ASP A CA  1 
ATOM   1339 C  C   . ASP A 1 180 ? 12.305  -20.692 7.251   1.00 75.66  ? 180 ASP A C   1 
ATOM   1340 O  O   . ASP A 1 180 ? 11.152  -21.048 7.008   1.00 74.60  ? 180 ASP A O   1 
ATOM   1341 C  CB  . ASP A 1 180 ? 13.139  -18.403 6.601   1.00 78.01  ? 180 ASP A CB  1 
ATOM   1342 C  CG  . ASP A 1 180 ? 11.760  -17.817 6.820   1.00 79.30  ? 180 ASP A CG  1 
ATOM   1343 O  OD1 . ASP A 1 180 ? 11.078  -17.523 5.818   1.00 84.52  ? 180 ASP A OD1 1 
ATOM   1344 O  OD2 . ASP A 1 180 ? 11.365  -17.649 7.993   1.00 78.55  ? 180 ASP A OD2 1 
ATOM   1345 N  N   . GLU A 1 181 ? 12.926  -20.948 8.400   1.00 73.70  ? 181 GLU A N   1 
ATOM   1346 C  CA  . GLU A 1 181 ? 12.376  -21.866 9.402   1.00 73.24  ? 181 GLU A CA  1 
ATOM   1347 C  C   . GLU A 1 181 ? 11.106  -21.349 10.073  1.00 71.34  ? 181 GLU A C   1 
ATOM   1348 O  O   . GLU A 1 181 ? 10.272  -22.144 10.502  1.00 69.35  ? 181 GLU A O   1 
ATOM   1349 C  CB  . GLU A 1 181 ? 13.419  -22.197 10.479  1.00 78.42  ? 181 GLU A CB  1 
ATOM   1350 C  CG  . GLU A 1 181 ? 14.528  -23.151 10.037  1.00 82.21  ? 181 GLU A CG  1 
ATOM   1351 C  CD  . GLU A 1 181 ? 15.696  -22.491 9.314   1.00 84.70  ? 181 GLU A CD  1 
ATOM   1352 O  OE1 . GLU A 1 181 ? 15.828  -21.246 9.339   1.00 84.11  ? 181 GLU A OE1 1 
ATOM   1353 O  OE2 . GLU A 1 181 ? 16.503  -23.241 8.719   1.00 91.37  ? 181 GLU A OE2 1 
ATOM   1354 N  N   . VAL A 1 182 ? 10.957  -20.030 10.155  1.00 71.16  ? 182 VAL A N   1 
ATOM   1355 C  CA  . VAL A 1 182 ? 9.797   -19.425 10.813  1.00 71.65  ? 182 VAL A CA  1 
ATOM   1356 C  C   . VAL A 1 182 ? 8.569   -19.569 9.907   1.00 67.40  ? 182 VAL A C   1 
ATOM   1357 O  O   . VAL A 1 182 ? 7.520   -20.041 10.341  1.00 63.40  ? 182 VAL A O   1 
ATOM   1358 C  CB  . VAL A 1 182 ? 10.039  -17.935 11.168  1.00 74.88  ? 182 VAL A CB  1 
ATOM   1359 C  CG1 . VAL A 1 182 ? 8.928   -17.410 12.072  1.00 74.74  ? 182 VAL A CG1 1 
ATOM   1360 C  CG2 . VAL A 1 182 ? 11.396  -17.747 11.855  1.00 76.12  ? 182 VAL A CG2 1 
ATOM   1361 N  N   . THR A 1 183 ? 8.721   -19.162 8.650   1.00 68.77  ? 183 THR A N   1 
ATOM   1362 C  CA  . THR A 1 183 ? 7.677   -19.286 7.631   1.00 70.36  ? 183 THR A CA  1 
ATOM   1363 C  C   . THR A 1 183 ? 7.222   -20.735 7.475   1.00 70.37  ? 183 THR A C   1 
ATOM   1364 O  O   . THR A 1 183 ? 6.025   -21.022 7.421   1.00 68.23  ? 183 THR A O   1 
ATOM   1365 C  CB  . THR A 1 183 ? 8.183   -18.751 6.277   1.00 72.33  ? 183 THR A CB  1 
ATOM   1366 O  OG1 . THR A 1 183 ? 8.496   -17.359 6.407   1.00 72.79  ? 183 THR A OG1 1 
ATOM   1367 C  CG2 . THR A 1 183 ? 7.137   -18.927 5.180   1.00 73.37  ? 183 THR A CG2 1 
ATOM   1368 N  N   . LEU A 1 184 ? 8.192   -21.640 7.425   1.00 71.95  ? 184 LEU A N   1 
ATOM   1369 C  CA  . LEU A 1 184 ? 7.917   -23.068 7.337   1.00 70.54  ? 184 LEU A CA  1 
ATOM   1370 C  C   . LEU A 1 184 ? 7.153   -23.571 8.566   1.00 69.00  ? 184 LEU A C   1 
ATOM   1371 O  O   . LEU A 1 184 ? 6.211   -24.352 8.436   1.00 68.44  ? 184 LEU A O   1 
ATOM   1372 C  CB  . LEU A 1 184 ? 9.225   -23.840 7.159   1.00 70.65  ? 184 LEU A CB  1 
ATOM   1373 C  CG  . LEU A 1 184 ? 9.131   -25.327 6.821   1.00 74.28  ? 184 LEU A CG  1 
ATOM   1374 C  CD1 . LEU A 1 184 ? 8.246   -25.570 5.606   1.00 75.13  ? 184 LEU A CD1 1 
ATOM   1375 C  CD2 . LEU A 1 184 ? 10.528  -25.885 6.594   1.00 74.22  ? 184 LEU A CD2 1 
ATOM   1376 N  N   . GLY A 1 185 ? 7.558   -23.111 9.749   1.00 67.64  ? 185 GLY A N   1 
ATOM   1377 C  CA  . GLY A 1 185 ? 6.905   -23.482 11.003  1.00 67.44  ? 185 GLY A CA  1 
ATOM   1378 C  C   . GLY A 1 185 ? 5.463   -23.021 11.113  1.00 70.16  ? 185 GLY A C   1 
ATOM   1379 O  O   . GLY A 1 185 ? 4.615   -23.755 11.631  1.00 66.38  ? 185 GLY A O   1 
ATOM   1380 N  N   . ARG A 1 186 ? 5.189   -21.804 10.634  1.00 70.81  ? 186 ARG A N   1 
ATOM   1381 C  CA  . ARG A 1 186 ? 3.818   -21.290 10.564  1.00 73.30  ? 186 ARG A CA  1 
ATOM   1382 C  C   . ARG A 1 186 ? 2.974   -22.061 9.546   1.00 71.95  ? 186 ARG A C   1 
ATOM   1383 O  O   . ARG A 1 186 ? 1.799   -22.323 9.795   1.00 74.17  ? 186 ARG A O   1 
ATOM   1384 C  CB  . ARG A 1 186 ? 3.795   -19.791 10.236  1.00 77.85  ? 186 ARG A CB  1 
ATOM   1385 C  CG  . ARG A 1 186 ? 4.369   -18.908 11.341  1.00 83.42  ? 186 ARG A CG  1 
ATOM   1386 C  CD  . ARG A 1 186 ? 3.597   -17.605 11.508  1.00 88.79  ? 186 ARG A CD  1 
ATOM   1387 N  NE  . ARG A 1 186 ? 4.059   -16.826 12.663  1.00 94.27  ? 186 ARG A NE  1 
ATOM   1388 C  CZ  . ARG A 1 186 ? 3.468   -15.724 13.138  1.00 94.66  ? 186 ARG A CZ  1 
ATOM   1389 N  NH1 . ARG A 1 186 ? 2.368   -15.228 12.568  1.00 95.37  ? 186 ARG A NH1 1 
ATOM   1390 N  NH2 . ARG A 1 186 ? 3.983   -15.105 14.199  1.00 94.89  ? 186 ARG A NH2 1 
ATOM   1391 N  N   . ALA A 1 187 ? 3.577   -22.418 8.411   1.00 67.94  ? 187 ALA A N   1 
ATOM   1392 C  CA  . ALA A 1 187 ? 2.895   -23.200 7.378   1.00 66.61  ? 187 ALA A CA  1 
ATOM   1393 C  C   . ALA A 1 187 ? 2.428   -24.556 7.894   1.00 66.00  ? 187 ALA A C   1 
ATOM   1394 O  O   . ALA A 1 187 ? 1.326   -24.997 7.557   1.00 65.83  ? 187 ALA A O   1 
ATOM   1395 C  CB  . ALA A 1 187 ? 3.791   -23.390 6.164   1.00 66.78  ? 187 ALA A CB  1 
ATOM   1396 N  N   . LEU A 1 188 ? 3.270   -25.210 8.696   1.00 66.22  ? 188 LEU A N   1 
ATOM   1397 C  CA  . LEU A 1 188 ? 2.908   -26.470 9.358   1.00 68.04  ? 188 LEU A CA  1 
ATOM   1398 C  C   . LEU A 1 188 ? 1.796   -26.285 10.392  1.00 69.93  ? 188 LEU A C   1 
ATOM   1399 O  O   . LEU A 1 188 ? 0.826   -27.044 10.404  1.00 67.95  ? 188 LEU A O   1 
ATOM   1400 C  CB  . LEU A 1 188 ? 4.130   -27.107 10.032  1.00 67.61  ? 188 LEU A CB  1 
ATOM   1401 C  CG  . LEU A 1 188 ? 5.212   -27.669 9.105   1.00 68.48  ? 188 LEU A CG  1 
ATOM   1402 C  CD1 . LEU A 1 188 ? 6.493   -27.938 9.879   1.00 69.65  ? 188 LEU A CD1 1 
ATOM   1403 C  CD2 . LEU A 1 188 ? 4.737   -28.937 8.407   1.00 68.38  ? 188 LEU A CD2 1 
ATOM   1404 N  N   . GLU A 1 189 ? 1.937   -25.281 11.254  1.00 70.06  ? 189 GLU A N   1 
ATOM   1405 C  CA  . GLU A 1 189 ? 0.959   -25.051 12.323  1.00 71.62  ? 189 GLU A CA  1 
ATOM   1406 C  C   . GLU A 1 189 ? -0.418  -24.672 11.762  1.00 70.02  ? 189 GLU A C   1 
ATOM   1407 O  O   . GLU A 1 189 ? -1.448  -25.078 12.306  1.00 63.94  ? 189 GLU A O   1 
ATOM   1408 C  CB  . GLU A 1 189 ? 1.453   -23.980 13.318  1.00 74.48  ? 189 GLU A CB  1 
ATOM   1409 C  CG  . GLU A 1 189 ? 1.119   -24.290 14.771  1.00 77.61  ? 189 GLU A CG  1 
ATOM   1410 C  CD  . GLU A 1 189 ? 1.852   -25.522 15.283  1.00 81.26  ? 189 GLU A CD  1 
ATOM   1411 O  OE1 . GLU A 1 189 ? 3.101   -25.516 15.263  1.00 86.35  ? 189 GLU A OE1 1 
ATOM   1412 O  OE2 . GLU A 1 189 ? 1.185   -26.500 15.697  1.00 79.48  ? 189 GLU A OE2 1 
ATOM   1413 N  N   . GLY A 1 190 ? -0.427  -23.922 10.661  1.00 67.56  ? 190 GLY A N   1 
ATOM   1414 C  CA  . GLY A 1 190 ? -1.664  -23.528 9.997   1.00 68.26  ? 190 GLY A CA  1 
ATOM   1415 C  C   . GLY A 1 190 ? -2.104  -24.459 8.883   1.00 68.73  ? 190 GLY A C   1 
ATOM   1416 O  O   . GLY A 1 190 ? -2.815  -24.023 7.973   1.00 65.79  ? 190 GLY A O   1 
ATOM   1417 N  N   . ARG A 1 191 ? -1.704  -25.732 8.951   1.00 70.21  ? 191 ARG A N   1 
ATOM   1418 C  CA  . ARG A 1 191 ? -2.030  -26.710 7.909   1.00 71.13  ? 191 ARG A CA  1 
ATOM   1419 C  C   . ARG A 1 191 ? -3.503  -27.083 7.948   1.00 72.32  ? 191 ARG A C   1 
ATOM   1420 O  O   . ARG A 1 191 ? -4.107  -27.146 9.020   1.00 72.40  ? 191 ARG A O   1 
ATOM   1421 C  CB  . ARG A 1 191 ? -1.143  -27.963 8.007   1.00 69.89  ? 191 ARG A CB  1 
ATOM   1422 C  CG  . ARG A 1 191 ? -1.376  -28.901 9.188   1.00 68.83  ? 191 ARG A CG  1 
ATOM   1423 C  CD  . ARG A 1 191 ? -0.306  -29.984 9.169   1.00 68.76  ? 191 ARG A CD  1 
ATOM   1424 N  NE  . ARG A 1 191 ? -0.353  -30.884 10.318  1.00 67.53  ? 191 ARG A NE  1 
ATOM   1425 C  CZ  . ARG A 1 191 ? 0.276   -30.698 11.479  1.00 68.05  ? 191 ARG A CZ  1 
ATOM   1426 N  NH1 . ARG A 1 191 ? 0.155   -31.612 12.438  1.00 67.77  ? 191 ARG A NH1 1 
ATOM   1427 N  NH2 . ARG A 1 191 ? 1.027   -29.617 11.706  1.00 67.62  ? 191 ARG A NH2 1 
ATOM   1428 N  N   . ARG A 1 192 ? -4.061  -27.325 6.764   1.00 78.16  ? 192 ARG A N   1 
ATOM   1429 C  CA  . ARG A 1 192 ? -5.501  -27.509 6.573   1.00 84.07  ? 192 ARG A CA  1 
ATOM   1430 C  C   . ARG A 1 192 ? -5.800  -28.937 6.109   1.00 82.52  ? 192 ARG A C   1 
ATOM   1431 O  O   . ARG A 1 192 ? -4.950  -29.554 5.465   1.00 84.61  ? 192 ARG A O   1 
ATOM   1432 C  CB  . ARG A 1 192 ? -6.022  -26.512 5.526   1.00 88.38  ? 192 ARG A CB  1 
ATOM   1433 C  CG  . ARG A 1 192 ? -5.480  -25.088 5.654   1.00 91.23  ? 192 ARG A CG  1 
ATOM   1434 C  CD  . ARG A 1 192 ? -5.727  -24.469 7.026   1.00 93.31  ? 192 ARG A CD  1 
ATOM   1435 N  NE  . ARG A 1 192 ? -7.147  -24.409 7.357   1.00 96.20  ? 192 ARG A NE  1 
ATOM   1436 C  CZ  . ARG A 1 192 ? -8.018  -23.527 6.863   1.00 99.73  ? 192 ARG A CZ  1 
ATOM   1437 N  NH1 . ARG A 1 192 ? -9.292  -23.586 7.250   1.00 101.35 ? 192 ARG A NH1 1 
ATOM   1438 N  NH2 . ARG A 1 192 ? -7.643  -22.589 5.989   1.00 99.86  ? 192 ARG A NH2 1 
ATOM   1439 N  N   . PRO A 1 193 ? -7.007  -29.466 6.417   1.00 81.76  ? 193 PRO A N   1 
ATOM   1440 C  CA  . PRO A 1 193 ? -7.388  -30.766 5.845   1.00 79.98  ? 193 PRO A CA  1 
ATOM   1441 C  C   . PRO A 1 193 ? -7.577  -30.721 4.327   1.00 77.69  ? 193 PRO A C   1 
ATOM   1442 O  O   . PRO A 1 193 ? -7.799  -29.653 3.761   1.00 76.01  ? 193 PRO A O   1 
ATOM   1443 C  CB  . PRO A 1 193 ? -8.724  -31.087 6.536   1.00 78.24  ? 193 PRO A CB  1 
ATOM   1444 C  CG  . PRO A 1 193 ? -8.770  -30.214 7.738   1.00 78.87  ? 193 PRO A CG  1 
ATOM   1445 C  CD  . PRO A 1 193 ? -8.029  -28.972 7.358   1.00 80.40  ? 193 PRO A CD  1 
ATOM   1446 N  N   . VAL A 1 194 ? -7.481  -31.885 3.690   1.00 81.70  ? 194 VAL A N   1 
ATOM   1447 C  CA  . VAL A 1 194 ? -7.714  -32.029 2.248   1.00 82.38  ? 194 VAL A CA  1 
ATOM   1448 C  C   . VAL A 1 194 ? -8.312  -33.405 1.946   1.00 81.19  ? 194 VAL A C   1 
ATOM   1449 O  O   . VAL A 1 194 ? -8.640  -33.715 0.801   1.00 83.16  ? 194 VAL A O   1 
ATOM   1450 C  CB  . VAL A 1 194 ? -6.415  -31.823 1.421   1.00 81.38  ? 194 VAL A CB  1 
ATOM   1451 C  CG1 . VAL A 1 194 ? -6.028  -30.352 1.373   1.00 80.73  ? 194 VAL A CG1 1 
ATOM   1452 C  CG2 . VAL A 1 194 ? -5.262  -32.663 1.965   1.00 79.62  ? 194 VAL A CG2 1 
HETATM 1453 ZN ZN  . ZN  B 2 .   ? -11.715 5.330   -1.647  1.00 67.85  ? 201 ZN  A ZN  1 
HETATM 1454 CL CL  . CL  C 3 .   ? 23.654  4.582   -9.237  1.00 99.71  ? 202 CL  A CL  1 
HETATM 1455 O  O   . HOH D 4 .   ? -0.579  12.779  -15.290 1.00 60.31  ? 301 HOH A O   1 
HETATM 1456 O  O   . HOH D 4 .   ? -3.642  8.278   1.780   1.00 60.88  ? 302 HOH A O   1 
HETATM 1457 O  O   . HOH D 4 .   ? 17.655  8.580   -4.590  1.00 43.16  ? 303 HOH A O   1 
HETATM 1458 O  O   . HOH D 4 .   ? -0.427  -3.551  4.251   1.00 59.02  ? 304 HOH A O   1 
HETATM 1459 O  O   . HOH D 4 .   ? 0.105   12.413  15.453  1.00 75.13  ? 305 HOH A O   1 
HETATM 1460 O  O   . HOH D 4 .   ? 32.158  17.225  -17.686 1.00 62.84  ? 306 HOH A O   1 
HETATM 1461 O  O   . HOH D 4 .   ? 12.107  14.542  -8.127  1.00 94.67  ? 307 HOH A O   1 
HETATM 1462 O  O   . HOH D 4 .   ? -8.032  8.549   10.406  1.00 68.57  ? 308 HOH A O   1 
HETATM 1463 O  O   . HOH D 4 .   ? 7.410   10.726  -21.724 1.00 64.36  ? 309 HOH A O   1 
HETATM 1464 O  O   . HOH D 4 .   ? -9.128  -8.257  -6.095  1.00 76.08  ? 310 HOH A O   1 
HETATM 1465 O  O   . HOH D 4 .   ? -6.097  -8.933  -11.687 1.00 87.47  ? 311 HOH A O   1 
HETATM 1466 O  O   . HOH D 4 .   ? -12.141 1.126   -0.861  1.00 60.42  ? 312 HOH A O   1 
HETATM 1467 O  O   . HOH D 4 .   ? 1.887   -2.738  -5.879  1.00 58.48  ? 313 HOH A O   1 
HETATM 1468 O  O   . HOH D 4 .   ? 3.447   3.305   18.693  1.00 56.17  ? 314 HOH A O   1 
HETATM 1469 O  O   . HOH D 4 .   ? 3.726   -1.477  0.674   1.00 58.06  ? 315 HOH A O   1 
HETATM 1470 O  O   . HOH D 4 .   ? 20.184  -29.805 -0.023  1.00 60.35  ? 316 HOH A O   1 
HETATM 1471 O  O   . HOH D 4 .   ? -3.666  -21.290 7.561   1.00 56.38  ? 317 HOH A O   1 
HETATM 1472 O  O   . HOH D 4 .   ? 14.192  -28.088 -2.541  1.00 76.06  ? 318 HOH A O   1 
HETATM 1473 O  O   . HOH D 4 .   ? 15.439  18.106  -1.740  1.00 74.98  ? 319 HOH A O   1 
HETATM 1474 O  O   . HOH D 4 .   ? 11.482  -21.609 -2.574  1.00 63.92  ? 320 HOH A O   1 
HETATM 1475 O  O   . HOH D 4 .   ? 25.206  14.709  -14.183 1.00 67.24  ? 321 HOH A O   1 
HETATM 1476 O  O   . HOH D 4 .   ? 15.297  16.311  -28.984 1.00 65.55  ? 322 HOH A O   1 
HETATM 1477 O  O   . HOH D 4 .   ? 9.658   -7.675  10.383  1.00 67.35  ? 323 HOH A O   1 
HETATM 1478 O  O   . HOH D 4 .   ? -5.519  19.927  -10.360 1.00 64.29  ? 324 HOH A O   1 
HETATM 1479 O  O   . HOH D 4 .   ? 27.450  10.285  -12.031 1.00 63.67  ? 325 HOH A O   1 
HETATM 1480 O  O   . HOH D 4 .   ? -23.433 -4.298  2.522   1.00 71.33  ? 326 HOH A O   1 
HETATM 1481 O  O   . HOH D 4 .   ? 0.287   5.138   1.061   1.00 51.08  ? 327 HOH A O   1 
HETATM 1482 O  O   . HOH D 4 .   ? 14.195  2.514   -2.238  1.00 62.45  ? 328 HOH A O   1 
HETATM 1483 O  O   . HOH D 4 .   ? 9.816   -18.914 2.564   1.00 67.15  ? 329 HOH A O   1 
HETATM 1484 O  O   . HOH D 4 .   ? -3.441  -28.532 13.860  1.00 60.47  ? 330 HOH A O   1 
# 
loop_
_pdbx_poly_seq_scheme.asym_id 
_pdbx_poly_seq_scheme.entity_id 
_pdbx_poly_seq_scheme.seq_id 
_pdbx_poly_seq_scheme.mon_id 
_pdbx_poly_seq_scheme.ndb_seq_num 
_pdbx_poly_seq_scheme.pdb_seq_num 
_pdbx_poly_seq_scheme.auth_seq_num 
_pdbx_poly_seq_scheme.pdb_mon_id 
_pdbx_poly_seq_scheme.auth_mon_id 
_pdbx_poly_seq_scheme.pdb_strand_id 
_pdbx_poly_seq_scheme.pdb_ins_code 
_pdbx_poly_seq_scheme.hetero 
A 1 1   MET 1   1   1   MET MET A . n 
A 1 2   ARG 2   2   2   ARG ARG A . n 
A 1 3   TYR 3   3   3   TYR TYR A . n 
A 1 4   PRO 4   4   4   PRO PRO A . n 
A 1 5   GLU 5   5   5   GLU GLU A . n 
A 1 6   SER 6   6   6   SER SER A . n 
A 1 7   LEU 7   7   7   LEU LEU A . n 
A 1 8   LEU 8   8   8   LEU LEU A . n 
A 1 9   LYS 9   9   9   LYS LYS A . n 
A 1 10  LEU 10  10  10  LEU LEU A . n 
A 1 11  THR 11  11  11  THR THR A . n 
A 1 12  ARG 12  12  12  ARG ARG A . n 
A 1 13  ALA 13  13  13  ALA ALA A . n 
A 1 14  LEU 14  14  14  LEU LEU A . n 
A 1 15  SER 15  15  15  SER SER A . n 
A 1 16  ARG 16  16  16  ARG ARG A . n 
A 1 17  LEU 17  17  17  LEU LEU A . n 
A 1 18  PRO 18  18  18  PRO PRO A . n 
A 1 19  GLY 19  19  19  GLY GLY A . n 
A 1 20  ILE 20  20  20  ILE ILE A . n 
A 1 21  GLY 21  21  21  GLY GLY A . n 
A 1 22  PRO 22  22  22  PRO PRO A . n 
A 1 23  LYS 23  23  23  LYS LYS A . n 
A 1 24  THR 24  24  24  THR THR A . n 
A 1 25  ALA 25  25  25  ALA ALA A . n 
A 1 26  GLN 26  26  26  GLN GLN A . n 
A 1 27  ARG 27  27  27  ARG ARG A . n 
A 1 28  LEU 28  28  28  LEU LEU A . n 
A 1 29  ALA 29  29  29  ALA ALA A . n 
A 1 30  LEU 30  30  30  LEU LEU A . n 
A 1 31  HIS 31  31  31  HIS HIS A . n 
A 1 32  LEU 32  32  32  LEU LEU A . n 
A 1 33  ALA 33  33  33  ALA ALA A . n 
A 1 34  PHE 34  34  34  PHE PHE A . n 
A 1 35  HIS 35  35  35  HIS HIS A . n 
A 1 36  LYS 36  36  36  LYS LYS A . n 
A 1 37  GLU 37  37  37  GLU GLU A . n 
A 1 38  GLU 38  38  38  GLU GLU A . n 
A 1 39  ALA 39  39  39  ALA ALA A . n 
A 1 40  GLU 40  40  40  GLU GLU A . n 
A 1 41  ALA 41  41  41  ALA ALA A . n 
A 1 42  LEU 42  42  42  LEU LEU A . n 
A 1 43  ALA 43  43  43  ALA ALA A . n 
A 1 44  GLU 44  44  44  GLU GLU A . n 
A 1 45  ALA 45  45  45  ALA ALA A . n 
A 1 46  LEU 46  46  46  LEU LEU A . n 
A 1 47  GLU 47  47  47  GLU GLU A . n 
A 1 48  GLY 48  48  48  GLY GLY A . n 
A 1 49  ILE 49  49  49  ILE ILE A . n 
A 1 50  LYS 50  50  50  LYS LYS A . n 
A 1 51  ARG 51  51  51  ARG ARG A . n 
A 1 52  VAL 52  52  52  VAL VAL A . n 
A 1 53  ARG 53  53  53  ARG ARG A . n 
A 1 54  ALA 54  54  54  ALA ALA A . n 
A 1 55  CYS 55  55  55  CYS CYS A . n 
A 1 56  ARG 56  56  56  ARG ARG A . n 
A 1 57  GLU 57  57  57  GLU GLU A . n 
A 1 58  CYS 58  58  58  CYS CYS A . n 
A 1 59  GLY 59  59  59  GLY GLY A . n 
A 1 60  ASN 60  60  60  ASN ASN A . n 
A 1 61  LEU 61  61  61  LEU LEU A . n 
A 1 62  ALA 62  62  62  ALA ALA A . n 
A 1 63  GLU 63  63  63  GLU GLU A . n 
A 1 64  GLY 64  64  64  GLY GLY A . n 
A 1 65  GLU 65  65  65  GLU GLU A . n 
A 1 66  LEU 66  66  66  LEU LEU A . n 
A 1 67  CYS 67  67  67  CYS CYS A . n 
A 1 68  PRO 68  68  68  PRO PRO A . n 
A 1 69  ILE 69  69  69  ILE ILE A . n 
A 1 70  CYS 70  70  70  CYS CYS A . n 
A 1 71  GLN 71  71  71  GLN GLN A . n 
A 1 72  ASP 72  72  72  ASP ASP A . n 
A 1 73  GLU 73  73  73  GLU GLU A . n 
A 1 74  ASP 74  74  74  ASP ASP A . n 
A 1 75  ARG 75  75  75  ARG ARG A . n 
A 1 76  ASP 76  76  76  ASP ASP A . n 
A 1 77  ARG 77  77  77  ARG ARG A . n 
A 1 78  SER 78  78  78  SER SER A . n 
A 1 79  LEU 79  79  79  LEU LEU A . n 
A 1 80  LEU 80  80  80  LEU LEU A . n 
A 1 81  ALA 81  81  81  ALA ALA A . n 
A 1 82  VAL 82  82  82  VAL VAL A . n 
A 1 83  VAL 83  83  83  VAL VAL A . n 
A 1 84  GLU 84  84  84  GLU GLU A . n 
A 1 85  SER 85  85  85  SER SER A . n 
A 1 86  VAL 86  86  86  VAL VAL A . n 
A 1 87  ALA 87  87  87  ALA ALA A . n 
A 1 88  ASP 88  88  88  ASP ASP A . n 
A 1 89  LEU 89  89  89  LEU LEU A . n 
A 1 90  TYR 90  90  90  TYR TYR A . n 
A 1 91  ALA 91  91  91  ALA ALA A . n 
A 1 92  LEU 92  92  92  LEU LEU A . n 
A 1 93  GLU 93  93  93  GLU GLU A . n 
A 1 94  ARG 94  94  94  ARG ARG A . n 
A 1 95  SER 95  95  95  SER SER A . n 
A 1 96  GLY 96  96  96  GLY GLY A . n 
A 1 97  GLU 97  97  97  GLU GLU A . n 
A 1 98  PHE 98  98  98  PHE PHE A . n 
A 1 99  ARG 99  99  99  ARG ARG A . n 
A 1 100 GLY 100 100 100 GLY GLY A . n 
A 1 101 LEU 101 101 101 LEU LEU A . n 
A 1 102 TYR 102 102 102 TYR TYR A . n 
A 1 103 HIS 103 103 103 HIS HIS A . n 
A 1 104 VAL 104 104 104 VAL VAL A . n 
A 1 105 LEU 105 105 105 LEU LEU A . n 
A 1 106 GLY 106 106 106 GLY GLY A . n 
A 1 107 GLY 107 107 107 GLY GLY A . n 
A 1 108 ALA 108 108 108 ALA ALA A . n 
A 1 109 LEU 109 109 109 LEU LEU A . n 
A 1 110 ASN 110 110 110 ASN ASN A . n 
A 1 111 PRO 111 111 111 PRO PRO A . n 
A 1 112 LEU 112 112 112 LEU LEU A . n 
A 1 113 GLU 113 113 113 GLU GLU A . n 
A 1 114 GLY 114 114 114 GLY GLY A . n 
A 1 115 ILE 115 115 115 ILE ILE A . n 
A 1 116 GLY 116 116 116 GLY GLY A . n 
A 1 117 PRO 117 117 117 PRO PRO A . n 
A 1 118 LYS 118 118 118 LYS LYS A . n 
A 1 119 GLU 119 119 119 GLU GLU A . n 
A 1 120 LEU 120 120 120 LEU LEU A . n 
A 1 121 ASN 121 121 121 ASN ASN A . n 
A 1 122 LEU 122 122 122 LEU LEU A . n 
A 1 123 GLU 123 123 123 GLU GLU A . n 
A 1 124 GLY 124 124 124 GLY GLY A . n 
A 1 125 LEU 125 125 125 LEU LEU A . n 
A 1 126 PHE 126 126 126 PHE PHE A . n 
A 1 127 ARG 127 127 127 ARG ARG A . n 
A 1 128 ARG 128 128 128 ARG ARG A . n 
A 1 129 LEU 129 129 129 LEU LEU A . n 
A 1 130 GLU 130 130 130 GLU GLU A . n 
A 1 131 GLY 131 131 131 GLY GLY A . n 
A 1 132 VAL 132 132 132 VAL VAL A . n 
A 1 133 GLU 133 133 133 GLU GLU A . n 
A 1 134 GLU 134 134 134 GLU GLU A . n 
A 1 135 VAL 135 135 135 VAL VAL A . n 
A 1 136 VAL 136 136 136 VAL VAL A . n 
A 1 137 LEU 137 137 137 LEU LEU A . n 
A 1 138 ALA 138 138 138 ALA ALA A . n 
A 1 139 THR 139 139 139 THR THR A . n 
A 1 140 SER 140 140 140 SER SER A . n 
A 1 141 MET 141 141 141 MET MET A . n 
A 1 142 THR 142 142 142 THR THR A . n 
A 1 143 VAL 143 143 143 VAL VAL A . n 
A 1 144 GLU 144 144 144 GLU GLU A . n 
A 1 145 GLY 145 145 145 GLY GLY A . n 
A 1 146 GLU 146 146 146 GLU GLU A . n 
A 1 147 ALA 147 147 147 ALA ALA A . n 
A 1 148 THR 148 148 148 THR THR A . n 
A 1 149 ALA 149 149 149 ALA ALA A . n 
A 1 150 LEU 150 150 150 LEU LEU A . n 
A 1 151 TYR 151 151 151 TYR TYR A . n 
A 1 152 LEU 152 152 152 LEU LEU A . n 
A 1 153 ALA 153 153 153 ALA ALA A . n 
A 1 154 GLU 154 154 154 GLU GLU A . n 
A 1 155 GLU 155 155 155 GLU GLU A . n 
A 1 156 LEU 156 156 156 LEU LEU A . n 
A 1 157 LYS 157 157 157 LYS LYS A . n 
A 1 158 LYS 158 158 158 LYS LYS A . n 
A 1 159 ARG 159 159 159 ARG ARG A . n 
A 1 160 GLY 160 160 160 GLY GLY A . n 
A 1 161 VAL 161 161 161 VAL VAL A . n 
A 1 162 ARG 162 162 162 ARG ARG A . n 
A 1 163 VAL 163 163 163 VAL VAL A . n 
A 1 164 THR 164 164 164 THR THR A . n 
A 1 165 ARG 165 165 165 ARG ARG A . n 
A 1 166 PRO 166 166 166 PRO PRO A . n 
A 1 167 ALA 167 167 167 ALA ALA A . n 
A 1 168 TYR 168 168 168 TYR TYR A . n 
A 1 169 GLY 169 169 169 GLY GLY A . n 
A 1 170 LEU 170 170 170 LEU LEU A . n 
A 1 171 PRO 171 171 171 PRO PRO A . n 
A 1 172 VAL 172 172 172 VAL VAL A . n 
A 1 173 GLY 173 173 173 GLY GLY A . n 
A 1 174 GLY 174 174 174 GLY GLY A . n 
A 1 175 SER 175 175 175 SER SER A . n 
A 1 176 LEU 176 176 176 LEU LEU A . n 
A 1 177 GLU 177 177 177 GLU GLU A . n 
A 1 178 TYR 178 178 178 TYR TYR A . n 
A 1 179 ALA 179 179 179 ALA ALA A . n 
A 1 180 ASP 180 180 180 ASP ASP A . n 
A 1 181 GLU 181 181 181 GLU GLU A . n 
A 1 182 VAL 182 182 182 VAL VAL A . n 
A 1 183 THR 183 183 183 THR THR A . n 
A 1 184 LEU 184 184 184 LEU LEU A . n 
A 1 185 GLY 185 185 185 GLY GLY A . n 
A 1 186 ARG 186 186 186 ARG ARG A . n 
A 1 187 ALA 187 187 187 ALA ALA A . n 
A 1 188 LEU 188 188 188 LEU LEU A . n 
A 1 189 GLU 189 189 189 GLU GLU A . n 
A 1 190 GLY 190 190 190 GLY GLY A . n 
A 1 191 ARG 191 191 191 ARG ARG A . n 
A 1 192 ARG 192 192 192 ARG ARG A . n 
A 1 193 PRO 193 193 193 PRO PRO A . n 
A 1 194 VAL 194 194 194 VAL VAL A . n 
# 
loop_
_pdbx_nonpoly_scheme.asym_id 
_pdbx_nonpoly_scheme.entity_id 
_pdbx_nonpoly_scheme.mon_id 
_pdbx_nonpoly_scheme.ndb_seq_num 
_pdbx_nonpoly_scheme.pdb_seq_num 
_pdbx_nonpoly_scheme.auth_seq_num 
_pdbx_nonpoly_scheme.pdb_mon_id 
_pdbx_nonpoly_scheme.auth_mon_id 
_pdbx_nonpoly_scheme.pdb_strand_id 
_pdbx_nonpoly_scheme.pdb_ins_code 
B 2 ZN  1  201 1  ZN  ZN  A . 
C 3 CL  1  202 1  CL  CL  A . 
D 4 HOH 1  301 5  HOH HOH A . 
D 4 HOH 2  302 14 HOH HOH A . 
D 4 HOH 3  303 1  HOH HOH A . 
D 4 HOH 4  304 17 HOH HOH A . 
D 4 HOH 5  305 24 HOH HOH A . 
D 4 HOH 6  306 3  HOH HOH A . 
D 4 HOH 7  307 6  HOH HOH A . 
D 4 HOH 8  308 25 HOH HOH A . 
D 4 HOH 9  309 11 HOH HOH A . 
D 4 HOH 10 310 20 HOH HOH A . 
D 4 HOH 11 311 21 HOH HOH A . 
D 4 HOH 12 312 13 HOH HOH A . 
D 4 HOH 13 313 18 HOH HOH A . 
D 4 HOH 14 314 22 HOH HOH A . 
D 4 HOH 15 315 19 HOH HOH A . 
D 4 HOH 16 316 9  HOH HOH A . 
D 4 HOH 17 317 31 HOH HOH A . 
D 4 HOH 18 318 29 HOH HOH A . 
D 4 HOH 19 319 7  HOH HOH A . 
D 4 HOH 20 320 27 HOH HOH A . 
D 4 HOH 21 321 4  HOH HOH A . 
D 4 HOH 22 322 10 HOH HOH A . 
D 4 HOH 23 323 26 HOH HOH A . 
D 4 HOH 24 324 12 HOH HOH A . 
D 4 HOH 25 325 2  HOH HOH A . 
D 4 HOH 26 326 16 HOH HOH A . 
D 4 HOH 27 327 15 HOH HOH A . 
D 4 HOH 28 328 8  HOH HOH A . 
D 4 HOH 29 329 28 HOH HOH A . 
D 4 HOH 30 330 30 HOH HOH A . 
# 
_pdbx_struct_assembly.id                   1 
_pdbx_struct_assembly.details              author_and_software_defined_assembly 
_pdbx_struct_assembly.method_details       PISA 
_pdbx_struct_assembly.oligomeric_details   dimeric 
_pdbx_struct_assembly.oligomeric_count     2 
# 
_pdbx_struct_assembly_gen.assembly_id       1 
_pdbx_struct_assembly_gen.oper_expression   1,2 
_pdbx_struct_assembly_gen.asym_id_list      A,B,C,D 
# 
loop_
_pdbx_struct_assembly_prop.biol_id 
_pdbx_struct_assembly_prop.type 
_pdbx_struct_assembly_prop.value 
_pdbx_struct_assembly_prop.details 
1 'ABSA (A^2)' 4700  ? 
1 MORE         -61   ? 
1 'SSA (A^2)'  22000 ? 
# 
loop_
_pdbx_struct_oper_list.id 
_pdbx_struct_oper_list.type 
_pdbx_struct_oper_list.name 
_pdbx_struct_oper_list.symmetry_operation 
_pdbx_struct_oper_list.matrix[1][1] 
_pdbx_struct_oper_list.matrix[1][2] 
_pdbx_struct_oper_list.matrix[1][3] 
_pdbx_struct_oper_list.vector[1] 
_pdbx_struct_oper_list.matrix[2][1] 
_pdbx_struct_oper_list.matrix[2][2] 
_pdbx_struct_oper_list.matrix[2][3] 
_pdbx_struct_oper_list.vector[2] 
_pdbx_struct_oper_list.matrix[3][1] 
_pdbx_struct_oper_list.matrix[3][2] 
_pdbx_struct_oper_list.matrix[3][3] 
_pdbx_struct_oper_list.vector[3] 
1 'identity operation'         1_555 x,y,z     1.0000000000  0.0000000000  0.0000000000 0.0000000000  0.0000000000  1.0000000000 0.0000000000  0.0000000000 0.0000000000 0.0000000000  1.0000000000  0.0000000000   
2 'crystal symmetry operation' 2_455 -x-1,-y,z -0.5559085916 -0.8036466307 0.2124093470 29.4613563876 -0.8036466307 0.4543129970 -0.3843849551 9.8349892696 0.2124093470 -0.3843849551 -0.8984044054 -24.3853640817 
# 
loop_
_pdbx_struct_conn_angle.id 
_pdbx_struct_conn_angle.ptnr1_label_atom_id 
_pdbx_struct_conn_angle.ptnr1_label_alt_id 
_pdbx_struct_conn_angle.ptnr1_label_asym_id 
_pdbx_struct_conn_angle.ptnr1_label_comp_id 
_pdbx_struct_conn_angle.ptnr1_label_seq_id 
_pdbx_struct_conn_angle.ptnr1_auth_atom_id 
_pdbx_struct_conn_angle.ptnr1_auth_asym_id 
_pdbx_struct_conn_angle.ptnr1_auth_comp_id 
_pdbx_struct_conn_angle.ptnr1_auth_seq_id 
_pdbx_struct_conn_angle.ptnr1_PDB_ins_code 
_pdbx_struct_conn_angle.ptnr1_symmetry 
_pdbx_struct_conn_angle.ptnr2_label_atom_id 
_pdbx_struct_conn_angle.ptnr2_label_alt_id 
_pdbx_struct_conn_angle.ptnr2_label_asym_id 
_pdbx_struct_conn_angle.ptnr2_label_comp_id 
_pdbx_struct_conn_angle.ptnr2_label_seq_id 
_pdbx_struct_conn_angle.ptnr2_auth_atom_id 
_pdbx_struct_conn_angle.ptnr2_auth_asym_id 
_pdbx_struct_conn_angle.ptnr2_auth_comp_id 
_pdbx_struct_conn_angle.ptnr2_auth_seq_id 
_pdbx_struct_conn_angle.ptnr2_PDB_ins_code 
_pdbx_struct_conn_angle.ptnr2_symmetry 
_pdbx_struct_conn_angle.ptnr3_label_atom_id 
_pdbx_struct_conn_angle.ptnr3_label_alt_id 
_pdbx_struct_conn_angle.ptnr3_label_asym_id 
_pdbx_struct_conn_angle.ptnr3_label_comp_id 
_pdbx_struct_conn_angle.ptnr3_label_seq_id 
_pdbx_struct_conn_angle.ptnr3_auth_atom_id 
_pdbx_struct_conn_angle.ptnr3_auth_asym_id 
_pdbx_struct_conn_angle.ptnr3_auth_comp_id 
_pdbx_struct_conn_angle.ptnr3_auth_seq_id 
_pdbx_struct_conn_angle.ptnr3_PDB_ins_code 
_pdbx_struct_conn_angle.ptnr3_symmetry 
_pdbx_struct_conn_angle.value 
_pdbx_struct_conn_angle.value_esd 
1 SG ? A CYS 55 ? A CYS 55 ? 1_555 ZN ? B ZN . ? A ZN 201 ? 1_555 SG ? A CYS 58 ? A CYS 58 ? 1_555 143.1 ? 
2 SG ? A CYS 55 ? A CYS 55 ? 1_555 ZN ? B ZN . ? A ZN 201 ? 1_555 SG ? A CYS 67 ? A CYS 67 ? 1_555 112.7 ? 
3 SG ? A CYS 58 ? A CYS 58 ? 1_555 ZN ? B ZN . ? A ZN 201 ? 1_555 SG ? A CYS 67 ? A CYS 67 ? 1_555 96.8  ? 
4 SG ? A CYS 55 ? A CYS 55 ? 1_555 ZN ? B ZN . ? A ZN 201 ? 1_555 SG ? A CYS 70 ? A CYS 70 ? 1_555 114.0 ? 
5 SG ? A CYS 58 ? A CYS 58 ? 1_555 ZN ? B ZN . ? A ZN 201 ? 1_555 SG ? A CYS 70 ? A CYS 70 ? 1_555 81.9  ? 
6 SG ? A CYS 67 ? A CYS 67 ? 1_555 ZN ? B ZN . ? A ZN 201 ? 1_555 SG ? A CYS 70 ? A CYS 70 ? 1_555 97.4  ? 
# 
loop_
_pdbx_audit_revision_history.ordinal 
_pdbx_audit_revision_history.data_content_type 
_pdbx_audit_revision_history.major_revision 
_pdbx_audit_revision_history.minor_revision 
_pdbx_audit_revision_history.revision_date 
1 'Structure model' 1 0 2019-05-22 
2 'Structure model' 1 1 2023-11-22 
# 
_pdbx_audit_revision_details.ordinal             1 
_pdbx_audit_revision_details.revision_ordinal    1 
_pdbx_audit_revision_details.data_content_type   'Structure model' 
_pdbx_audit_revision_details.provider            repository 
_pdbx_audit_revision_details.type                'Initial release' 
_pdbx_audit_revision_details.description         ? 
_pdbx_audit_revision_details.details             ? 
# 
loop_
_pdbx_audit_revision_group.ordinal 
_pdbx_audit_revision_group.revision_ordinal 
_pdbx_audit_revision_group.data_content_type 
_pdbx_audit_revision_group.group 
1 2 'Structure model' 'Data collection'        
2 2 'Structure model' 'Database references'    
3 2 'Structure model' 'Refinement description' 
# 
loop_
_pdbx_audit_revision_category.ordinal 
_pdbx_audit_revision_category.revision_ordinal 
_pdbx_audit_revision_category.data_content_type 
_pdbx_audit_revision_category.category 
1 2 'Structure model' chem_comp_atom                
2 2 'Structure model' chem_comp_bond                
3 2 'Structure model' database_2                    
4 2 'Structure model' pdbx_initial_refinement_model 
# 
loop_
_pdbx_audit_revision_item.ordinal 
_pdbx_audit_revision_item.revision_ordinal 
_pdbx_audit_revision_item.data_content_type 
_pdbx_audit_revision_item.item 
1 2 'Structure model' '_database_2.pdbx_DOI'                
2 2 'Structure model' '_database_2.pdbx_database_accession' 
# 
loop_
_software.citation_id 
_software.classification 
_software.compiler_name 
_software.compiler_version 
_software.contact_author 
_software.contact_author_email 
_software.date 
_software.description 
_software.dependencies 
_software.hardware 
_software.language 
_software.location 
_software.mods 
_software.name 
_software.os 
_software.os_version 
_software.type 
_software.version 
_software.pdbx_ordinal 
? refinement        ? ? ? ? ? ? ? ? ? ? ? REFMAC      ? ? ? 5.8.0189 1 
? 'data extraction' ? ? ? ? ? ? ? ? ? ? ? PDB_EXTRACT ? ? ? 3.22     2 
? 'data reduction'  ? ? ? ? ? ? ? ? ? ? ? MOSFLM      ? ? ? .        3 
? 'data scaling'    ? ? ? ? ? ? ? ? ? ? ? Aimless     ? ? ? .        4 
? phasing           ? ? ? ? ? ? ? ? ? ? ? PHASER      ? ? ? .        5 
# 
loop_
_pdbx_validate_torsion.id 
_pdbx_validate_torsion.PDB_model_num 
_pdbx_validate_torsion.auth_comp_id 
_pdbx_validate_torsion.auth_asym_id 
_pdbx_validate_torsion.auth_seq_id 
_pdbx_validate_torsion.PDB_ins_code 
_pdbx_validate_torsion.label_alt_id 
_pdbx_validate_torsion.phi 
_pdbx_validate_torsion.psi 
1 1 TYR A 3   ? ? -132.47 -36.53 
2 1 GLU A 65  ? ? -90.33  -62.30 
3 1 ASP A 76  ? ? -67.27  92.75  
4 1 PRO A 117 ? ? -37.10  -37.57 
5 1 ALA A 138 ? ? -96.21  47.22  
6 1 MET A 141 ? ? -96.44  55.14  
# 
loop_
_pdbx_unobs_or_zero_occ_atoms.id 
_pdbx_unobs_or_zero_occ_atoms.PDB_model_num 
_pdbx_unobs_or_zero_occ_atoms.polymer_flag 
_pdbx_unobs_or_zero_occ_atoms.occupancy_flag 
_pdbx_unobs_or_zero_occ_atoms.auth_asym_id 
_pdbx_unobs_or_zero_occ_atoms.auth_comp_id 
_pdbx_unobs_or_zero_occ_atoms.auth_seq_id 
_pdbx_unobs_or_zero_occ_atoms.PDB_ins_code 
_pdbx_unobs_or_zero_occ_atoms.auth_atom_id 
_pdbx_unobs_or_zero_occ_atoms.label_alt_id 
_pdbx_unobs_or_zero_occ_atoms.label_asym_id 
_pdbx_unobs_or_zero_occ_atoms.label_comp_id 
_pdbx_unobs_or_zero_occ_atoms.label_seq_id 
_pdbx_unobs_or_zero_occ_atoms.label_atom_id 
1  1 Y 1 A ARG 2   ? CG  ? A ARG 2   CG  
2  1 Y 1 A ARG 2   ? CD  ? A ARG 2   CD  
3  1 Y 1 A ARG 2   ? NE  ? A ARG 2   NE  
4  1 Y 1 A ARG 2   ? CZ  ? A ARG 2   CZ  
5  1 Y 1 A ARG 2   ? NH1 ? A ARG 2   NH1 
6  1 Y 1 A ARG 2   ? NH2 ? A ARG 2   NH2 
7  1 Y 1 A LYS 9   ? CD  ? A LYS 9   CD  
8  1 Y 1 A LYS 9   ? CE  ? A LYS 9   CE  
9  1 Y 1 A LYS 9   ? NZ  ? A LYS 9   NZ  
10 1 Y 1 A THR 24  ? CG2 ? A THR 24  CG2 
11 1 Y 1 A GLU 37  ? CG  ? A GLU 37  CG  
12 1 Y 1 A GLU 37  ? CD  ? A GLU 37  CD  
13 1 Y 1 A GLU 37  ? OE1 ? A GLU 37  OE1 
14 1 Y 1 A GLU 37  ? OE2 ? A GLU 37  OE2 
15 1 Y 1 A GLU 40  ? CG  ? A GLU 40  CG  
16 1 Y 1 A GLU 40  ? CD  ? A GLU 40  CD  
17 1 Y 1 A GLU 40  ? OE1 ? A GLU 40  OE1 
18 1 Y 1 A GLU 40  ? OE2 ? A GLU 40  OE2 
19 1 Y 1 A LYS 50  ? CG  ? A LYS 50  CG  
20 1 Y 1 A LYS 50  ? CD  ? A LYS 50  CD  
21 1 Y 1 A LYS 50  ? CE  ? A LYS 50  CE  
22 1 Y 1 A LYS 50  ? NZ  ? A LYS 50  NZ  
23 1 Y 1 A GLU 65  ? CG  ? A GLU 65  CG  
24 1 Y 1 A GLU 65  ? CD  ? A GLU 65  CD  
25 1 Y 1 A GLU 65  ? OE1 ? A GLU 65  OE1 
26 1 Y 1 A GLU 65  ? OE2 ? A GLU 65  OE2 
27 1 Y 1 A ILE 69  ? CD1 ? A ILE 69  CD1 
28 1 Y 1 A ASP 74  ? OD1 ? A ASP 74  OD1 
29 1 Y 1 A ASP 74  ? OD2 ? A ASP 74  OD2 
30 1 Y 1 A ARG 99  ? CG  ? A ARG 99  CG  
31 1 Y 1 A ARG 99  ? CD  ? A ARG 99  CD  
32 1 Y 1 A ARG 99  ? NE  ? A ARG 99  NE  
33 1 Y 1 A ARG 99  ? CZ  ? A ARG 99  CZ  
34 1 Y 1 A ARG 99  ? NH1 ? A ARG 99  NH1 
35 1 Y 1 A ARG 99  ? NH2 ? A ARG 99  NH2 
36 1 Y 1 A ILE 115 ? CD1 ? A ILE 115 CD1 
37 1 Y 1 A GLU 123 ? CG  ? A GLU 123 CG  
38 1 Y 1 A GLU 123 ? CD  ? A GLU 123 CD  
39 1 Y 1 A GLU 123 ? OE1 ? A GLU 123 OE1 
40 1 Y 1 A GLU 123 ? OE2 ? A GLU 123 OE2 
41 1 Y 1 A GLU 154 ? CG  ? A GLU 154 CG  
42 1 Y 1 A GLU 154 ? CD  ? A GLU 154 CD  
43 1 Y 1 A GLU 154 ? OE1 ? A GLU 154 OE1 
44 1 Y 1 A GLU 154 ? OE2 ? A GLU 154 OE2 
# 
loop_
_chem_comp_atom.comp_id 
_chem_comp_atom.atom_id 
_chem_comp_atom.type_symbol 
_chem_comp_atom.pdbx_aromatic_flag 
_chem_comp_atom.pdbx_stereo_config 
_chem_comp_atom.pdbx_ordinal 
ALA N    N  N N 1   
ALA CA   C  N S 2   
ALA C    C  N N 3   
ALA O    O  N N 4   
ALA CB   C  N N 5   
ALA OXT  O  N N 6   
ALA H    H  N N 7   
ALA H2   H  N N 8   
ALA HA   H  N N 9   
ALA HB1  H  N N 10  
ALA HB2  H  N N 11  
ALA HB3  H  N N 12  
ALA HXT  H  N N 13  
ARG N    N  N N 14  
ARG CA   C  N S 15  
ARG C    C  N N 16  
ARG O    O  N N 17  
ARG CB   C  N N 18  
ARG CG   C  N N 19  
ARG CD   C  N N 20  
ARG NE   N  N N 21  
ARG CZ   C  N N 22  
ARG NH1  N  N N 23  
ARG NH2  N  N N 24  
ARG OXT  O  N N 25  
ARG H    H  N N 26  
ARG H2   H  N N 27  
ARG HA   H  N N 28  
ARG HB2  H  N N 29  
ARG HB3  H  N N 30  
ARG HG2  H  N N 31  
ARG HG3  H  N N 32  
ARG HD2  H  N N 33  
ARG HD3  H  N N 34  
ARG HE   H  N N 35  
ARG HH11 H  N N 36  
ARG HH12 H  N N 37  
ARG HH21 H  N N 38  
ARG HH22 H  N N 39  
ARG HXT  H  N N 40  
ASN N    N  N N 41  
ASN CA   C  N S 42  
ASN C    C  N N 43  
ASN O    O  N N 44  
ASN CB   C  N N 45  
ASN CG   C  N N 46  
ASN OD1  O  N N 47  
ASN ND2  N  N N 48  
ASN OXT  O  N N 49  
ASN H    H  N N 50  
ASN H2   H  N N 51  
ASN HA   H  N N 52  
ASN HB2  H  N N 53  
ASN HB3  H  N N 54  
ASN HD21 H  N N 55  
ASN HD22 H  N N 56  
ASN HXT  H  N N 57  
ASP N    N  N N 58  
ASP CA   C  N S 59  
ASP C    C  N N 60  
ASP O    O  N N 61  
ASP CB   C  N N 62  
ASP CG   C  N N 63  
ASP OD1  O  N N 64  
ASP OD2  O  N N 65  
ASP OXT  O  N N 66  
ASP H    H  N N 67  
ASP H2   H  N N 68  
ASP HA   H  N N 69  
ASP HB2  H  N N 70  
ASP HB3  H  N N 71  
ASP HD2  H  N N 72  
ASP HXT  H  N N 73  
CL  CL   CL N N 74  
CYS N    N  N N 75  
CYS CA   C  N R 76  
CYS C    C  N N 77  
CYS O    O  N N 78  
CYS CB   C  N N 79  
CYS SG   S  N N 80  
CYS OXT  O  N N 81  
CYS H    H  N N 82  
CYS H2   H  N N 83  
CYS HA   H  N N 84  
CYS HB2  H  N N 85  
CYS HB3  H  N N 86  
CYS HG   H  N N 87  
CYS HXT  H  N N 88  
GLN N    N  N N 89  
GLN CA   C  N S 90  
GLN C    C  N N 91  
GLN O    O  N N 92  
GLN CB   C  N N 93  
GLN CG   C  N N 94  
GLN CD   C  N N 95  
GLN OE1  O  N N 96  
GLN NE2  N  N N 97  
GLN OXT  O  N N 98  
GLN H    H  N N 99  
GLN H2   H  N N 100 
GLN HA   H  N N 101 
GLN HB2  H  N N 102 
GLN HB3  H  N N 103 
GLN HG2  H  N N 104 
GLN HG3  H  N N 105 
GLN HE21 H  N N 106 
GLN HE22 H  N N 107 
GLN HXT  H  N N 108 
GLU N    N  N N 109 
GLU CA   C  N S 110 
GLU C    C  N N 111 
GLU O    O  N N 112 
GLU CB   C  N N 113 
GLU CG   C  N N 114 
GLU CD   C  N N 115 
GLU OE1  O  N N 116 
GLU OE2  O  N N 117 
GLU OXT  O  N N 118 
GLU H    H  N N 119 
GLU H2   H  N N 120 
GLU HA   H  N N 121 
GLU HB2  H  N N 122 
GLU HB3  H  N N 123 
GLU HG2  H  N N 124 
GLU HG3  H  N N 125 
GLU HE2  H  N N 126 
GLU HXT  H  N N 127 
GLY N    N  N N 128 
GLY CA   C  N N 129 
GLY C    C  N N 130 
GLY O    O  N N 131 
GLY OXT  O  N N 132 
GLY H    H  N N 133 
GLY H2   H  N N 134 
GLY HA2  H  N N 135 
GLY HA3  H  N N 136 
GLY HXT  H  N N 137 
HIS N    N  N N 138 
HIS CA   C  N S 139 
HIS C    C  N N 140 
HIS O    O  N N 141 
HIS CB   C  N N 142 
HIS CG   C  Y N 143 
HIS ND1  N  Y N 144 
HIS CD2  C  Y N 145 
HIS CE1  C  Y N 146 
HIS NE2  N  Y N 147 
HIS OXT  O  N N 148 
HIS H    H  N N 149 
HIS H2   H  N N 150 
HIS HA   H  N N 151 
HIS HB2  H  N N 152 
HIS HB3  H  N N 153 
HIS HD1  H  N N 154 
HIS HD2  H  N N 155 
HIS HE1  H  N N 156 
HIS HE2  H  N N 157 
HIS HXT  H  N N 158 
HOH O    O  N N 159 
HOH H1   H  N N 160 
HOH H2   H  N N 161 
ILE N    N  N N 162 
ILE CA   C  N S 163 
ILE C    C  N N 164 
ILE O    O  N N 165 
ILE CB   C  N S 166 
ILE CG1  C  N N 167 
ILE CG2  C  N N 168 
ILE CD1  C  N N 169 
ILE OXT  O  N N 170 
ILE H    H  N N 171 
ILE H2   H  N N 172 
ILE HA   H  N N 173 
ILE HB   H  N N 174 
ILE HG12 H  N N 175 
ILE HG13 H  N N 176 
ILE HG21 H  N N 177 
ILE HG22 H  N N 178 
ILE HG23 H  N N 179 
ILE HD11 H  N N 180 
ILE HD12 H  N N 181 
ILE HD13 H  N N 182 
ILE HXT  H  N N 183 
LEU N    N  N N 184 
LEU CA   C  N S 185 
LEU C    C  N N 186 
LEU O    O  N N 187 
LEU CB   C  N N 188 
LEU CG   C  N N 189 
LEU CD1  C  N N 190 
LEU CD2  C  N N 191 
LEU OXT  O  N N 192 
LEU H    H  N N 193 
LEU H2   H  N N 194 
LEU HA   H  N N 195 
LEU HB2  H  N N 196 
LEU HB3  H  N N 197 
LEU HG   H  N N 198 
LEU HD11 H  N N 199 
LEU HD12 H  N N 200 
LEU HD13 H  N N 201 
LEU HD21 H  N N 202 
LEU HD22 H  N N 203 
LEU HD23 H  N N 204 
LEU HXT  H  N N 205 
LYS N    N  N N 206 
LYS CA   C  N S 207 
LYS C    C  N N 208 
LYS O    O  N N 209 
LYS CB   C  N N 210 
LYS CG   C  N N 211 
LYS CD   C  N N 212 
LYS CE   C  N N 213 
LYS NZ   N  N N 214 
LYS OXT  O  N N 215 
LYS H    H  N N 216 
LYS H2   H  N N 217 
LYS HA   H  N N 218 
LYS HB2  H  N N 219 
LYS HB3  H  N N 220 
LYS HG2  H  N N 221 
LYS HG3  H  N N 222 
LYS HD2  H  N N 223 
LYS HD3  H  N N 224 
LYS HE2  H  N N 225 
LYS HE3  H  N N 226 
LYS HZ1  H  N N 227 
LYS HZ2  H  N N 228 
LYS HZ3  H  N N 229 
LYS HXT  H  N N 230 
MET N    N  N N 231 
MET CA   C  N S 232 
MET C    C  N N 233 
MET O    O  N N 234 
MET CB   C  N N 235 
MET CG   C  N N 236 
MET SD   S  N N 237 
MET CE   C  N N 238 
MET OXT  O  N N 239 
MET H    H  N N 240 
MET H2   H  N N 241 
MET HA   H  N N 242 
MET HB2  H  N N 243 
MET HB3  H  N N 244 
MET HG2  H  N N 245 
MET HG3  H  N N 246 
MET HE1  H  N N 247 
MET HE2  H  N N 248 
MET HE3  H  N N 249 
MET HXT  H  N N 250 
PHE N    N  N N 251 
PHE CA   C  N S 252 
PHE C    C  N N 253 
PHE O    O  N N 254 
PHE CB   C  N N 255 
PHE CG   C  Y N 256 
PHE CD1  C  Y N 257 
PHE CD2  C  Y N 258 
PHE CE1  C  Y N 259 
PHE CE2  C  Y N 260 
PHE CZ   C  Y N 261 
PHE OXT  O  N N 262 
PHE H    H  N N 263 
PHE H2   H  N N 264 
PHE HA   H  N N 265 
PHE HB2  H  N N 266 
PHE HB3  H  N N 267 
PHE HD1  H  N N 268 
PHE HD2  H  N N 269 
PHE HE1  H  N N 270 
PHE HE2  H  N N 271 
PHE HZ   H  N N 272 
PHE HXT  H  N N 273 
PRO N    N  N N 274 
PRO CA   C  N S 275 
PRO C    C  N N 276 
PRO O    O  N N 277 
PRO CB   C  N N 278 
PRO CG   C  N N 279 
PRO CD   C  N N 280 
PRO OXT  O  N N 281 
PRO H    H  N N 282 
PRO HA   H  N N 283 
PRO HB2  H  N N 284 
PRO HB3  H  N N 285 
PRO HG2  H  N N 286 
PRO HG3  H  N N 287 
PRO HD2  H  N N 288 
PRO HD3  H  N N 289 
PRO HXT  H  N N 290 
SER N    N  N N 291 
SER CA   C  N S 292 
SER C    C  N N 293 
SER O    O  N N 294 
SER CB   C  N N 295 
SER OG   O  N N 296 
SER OXT  O  N N 297 
SER H    H  N N 298 
SER H2   H  N N 299 
SER HA   H  N N 300 
SER HB2  H  N N 301 
SER HB3  H  N N 302 
SER HG   H  N N 303 
SER HXT  H  N N 304 
THR N    N  N N 305 
THR CA   C  N S 306 
THR C    C  N N 307 
THR O    O  N N 308 
THR CB   C  N R 309 
THR OG1  O  N N 310 
THR CG2  C  N N 311 
THR OXT  O  N N 312 
THR H    H  N N 313 
THR H2   H  N N 314 
THR HA   H  N N 315 
THR HB   H  N N 316 
THR HG1  H  N N 317 
THR HG21 H  N N 318 
THR HG22 H  N N 319 
THR HG23 H  N N 320 
THR HXT  H  N N 321 
TYR N    N  N N 322 
TYR CA   C  N S 323 
TYR C    C  N N 324 
TYR O    O  N N 325 
TYR CB   C  N N 326 
TYR CG   C  Y N 327 
TYR CD1  C  Y N 328 
TYR CD2  C  Y N 329 
TYR CE1  C  Y N 330 
TYR CE2  C  Y N 331 
TYR CZ   C  Y N 332 
TYR OH   O  N N 333 
TYR OXT  O  N N 334 
TYR H    H  N N 335 
TYR H2   H  N N 336 
TYR HA   H  N N 337 
TYR HB2  H  N N 338 
TYR HB3  H  N N 339 
TYR HD1  H  N N 340 
TYR HD2  H  N N 341 
TYR HE1  H  N N 342 
TYR HE2  H  N N 343 
TYR HH   H  N N 344 
TYR HXT  H  N N 345 
VAL N    N  N N 346 
VAL CA   C  N S 347 
VAL C    C  N N 348 
VAL O    O  N N 349 
VAL CB   C  N N 350 
VAL CG1  C  N N 351 
VAL CG2  C  N N 352 
VAL OXT  O  N N 353 
VAL H    H  N N 354 
VAL H2   H  N N 355 
VAL HA   H  N N 356 
VAL HB   H  N N 357 
VAL HG11 H  N N 358 
VAL HG12 H  N N 359 
VAL HG13 H  N N 360 
VAL HG21 H  N N 361 
VAL HG22 H  N N 362 
VAL HG23 H  N N 363 
VAL HXT  H  N N 364 
ZN  ZN   ZN N N 365 
# 
loop_
_chem_comp_bond.comp_id 
_chem_comp_bond.atom_id_1 
_chem_comp_bond.atom_id_2 
_chem_comp_bond.value_order 
_chem_comp_bond.pdbx_aromatic_flag 
_chem_comp_bond.pdbx_stereo_config 
_chem_comp_bond.pdbx_ordinal 
ALA N   CA   sing N N 1   
ALA N   H    sing N N 2   
ALA N   H2   sing N N 3   
ALA CA  C    sing N N 4   
ALA CA  CB   sing N N 5   
ALA CA  HA   sing N N 6   
ALA C   O    doub N N 7   
ALA C   OXT  sing N N 8   
ALA CB  HB1  sing N N 9   
ALA CB  HB2  sing N N 10  
ALA CB  HB3  sing N N 11  
ALA OXT HXT  sing N N 12  
ARG N   CA   sing N N 13  
ARG N   H    sing N N 14  
ARG N   H2   sing N N 15  
ARG CA  C    sing N N 16  
ARG CA  CB   sing N N 17  
ARG CA  HA   sing N N 18  
ARG C   O    doub N N 19  
ARG C   OXT  sing N N 20  
ARG CB  CG   sing N N 21  
ARG CB  HB2  sing N N 22  
ARG CB  HB3  sing N N 23  
ARG CG  CD   sing N N 24  
ARG CG  HG2  sing N N 25  
ARG CG  HG3  sing N N 26  
ARG CD  NE   sing N N 27  
ARG CD  HD2  sing N N 28  
ARG CD  HD3  sing N N 29  
ARG NE  CZ   sing N N 30  
ARG NE  HE   sing N N 31  
ARG CZ  NH1  sing N N 32  
ARG CZ  NH2  doub N N 33  
ARG NH1 HH11 sing N N 34  
ARG NH1 HH12 sing N N 35  
ARG NH2 HH21 sing N N 36  
ARG NH2 HH22 sing N N 37  
ARG OXT HXT  sing N N 38  
ASN N   CA   sing N N 39  
ASN N   H    sing N N 40  
ASN N   H2   sing N N 41  
ASN CA  C    sing N N 42  
ASN CA  CB   sing N N 43  
ASN CA  HA   sing N N 44  
ASN C   O    doub N N 45  
ASN C   OXT  sing N N 46  
ASN CB  CG   sing N N 47  
ASN CB  HB2  sing N N 48  
ASN CB  HB3  sing N N 49  
ASN CG  OD1  doub N N 50  
ASN CG  ND2  sing N N 51  
ASN ND2 HD21 sing N N 52  
ASN ND2 HD22 sing N N 53  
ASN OXT HXT  sing N N 54  
ASP N   CA   sing N N 55  
ASP N   H    sing N N 56  
ASP N   H2   sing N N 57  
ASP CA  C    sing N N 58  
ASP CA  CB   sing N N 59  
ASP CA  HA   sing N N 60  
ASP C   O    doub N N 61  
ASP C   OXT  sing N N 62  
ASP CB  CG   sing N N 63  
ASP CB  HB2  sing N N 64  
ASP CB  HB3  sing N N 65  
ASP CG  OD1  doub N N 66  
ASP CG  OD2  sing N N 67  
ASP OD2 HD2  sing N N 68  
ASP OXT HXT  sing N N 69  
CYS N   CA   sing N N 70  
CYS N   H    sing N N 71  
CYS N   H2   sing N N 72  
CYS CA  C    sing N N 73  
CYS CA  CB   sing N N 74  
CYS CA  HA   sing N N 75  
CYS C   O    doub N N 76  
CYS C   OXT  sing N N 77  
CYS CB  SG   sing N N 78  
CYS CB  HB2  sing N N 79  
CYS CB  HB3  sing N N 80  
CYS SG  HG   sing N N 81  
CYS OXT HXT  sing N N 82  
GLN N   CA   sing N N 83  
GLN N   H    sing N N 84  
GLN N   H2   sing N N 85  
GLN CA  C    sing N N 86  
GLN CA  CB   sing N N 87  
GLN CA  HA   sing N N 88  
GLN C   O    doub N N 89  
GLN C   OXT  sing N N 90  
GLN CB  CG   sing N N 91  
GLN CB  HB2  sing N N 92  
GLN CB  HB3  sing N N 93  
GLN CG  CD   sing N N 94  
GLN CG  HG2  sing N N 95  
GLN CG  HG3  sing N N 96  
GLN CD  OE1  doub N N 97  
GLN CD  NE2  sing N N 98  
GLN NE2 HE21 sing N N 99  
GLN NE2 HE22 sing N N 100 
GLN OXT HXT  sing N N 101 
GLU N   CA   sing N N 102 
GLU N   H    sing N N 103 
GLU N   H2   sing N N 104 
GLU CA  C    sing N N 105 
GLU CA  CB   sing N N 106 
GLU CA  HA   sing N N 107 
GLU C   O    doub N N 108 
GLU C   OXT  sing N N 109 
GLU CB  CG   sing N N 110 
GLU CB  HB2  sing N N 111 
GLU CB  HB3  sing N N 112 
GLU CG  CD   sing N N 113 
GLU CG  HG2  sing N N 114 
GLU CG  HG3  sing N N 115 
GLU CD  OE1  doub N N 116 
GLU CD  OE2  sing N N 117 
GLU OE2 HE2  sing N N 118 
GLU OXT HXT  sing N N 119 
GLY N   CA   sing N N 120 
GLY N   H    sing N N 121 
GLY N   H2   sing N N 122 
GLY CA  C    sing N N 123 
GLY CA  HA2  sing N N 124 
GLY CA  HA3  sing N N 125 
GLY C   O    doub N N 126 
GLY C   OXT  sing N N 127 
GLY OXT HXT  sing N N 128 
HIS N   CA   sing N N 129 
HIS N   H    sing N N 130 
HIS N   H2   sing N N 131 
HIS CA  C    sing N N 132 
HIS CA  CB   sing N N 133 
HIS CA  HA   sing N N 134 
HIS C   O    doub N N 135 
HIS C   OXT  sing N N 136 
HIS CB  CG   sing N N 137 
HIS CB  HB2  sing N N 138 
HIS CB  HB3  sing N N 139 
HIS CG  ND1  sing Y N 140 
HIS CG  CD2  doub Y N 141 
HIS ND1 CE1  doub Y N 142 
HIS ND1 HD1  sing N N 143 
HIS CD2 NE2  sing Y N 144 
HIS CD2 HD2  sing N N 145 
HIS CE1 NE2  sing Y N 146 
HIS CE1 HE1  sing N N 147 
HIS NE2 HE2  sing N N 148 
HIS OXT HXT  sing N N 149 
HOH O   H1   sing N N 150 
HOH O   H2   sing N N 151 
ILE N   CA   sing N N 152 
ILE N   H    sing N N 153 
ILE N   H2   sing N N 154 
ILE CA  C    sing N N 155 
ILE CA  CB   sing N N 156 
ILE CA  HA   sing N N 157 
ILE C   O    doub N N 158 
ILE C   OXT  sing N N 159 
ILE CB  CG1  sing N N 160 
ILE CB  CG2  sing N N 161 
ILE CB  HB   sing N N 162 
ILE CG1 CD1  sing N N 163 
ILE CG1 HG12 sing N N 164 
ILE CG1 HG13 sing N N 165 
ILE CG2 HG21 sing N N 166 
ILE CG2 HG22 sing N N 167 
ILE CG2 HG23 sing N N 168 
ILE CD1 HD11 sing N N 169 
ILE CD1 HD12 sing N N 170 
ILE CD1 HD13 sing N N 171 
ILE OXT HXT  sing N N 172 
LEU N   CA   sing N N 173 
LEU N   H    sing N N 174 
LEU N   H2   sing N N 175 
LEU CA  C    sing N N 176 
LEU CA  CB   sing N N 177 
LEU CA  HA   sing N N 178 
LEU C   O    doub N N 179 
LEU C   OXT  sing N N 180 
LEU CB  CG   sing N N 181 
LEU CB  HB2  sing N N 182 
LEU CB  HB3  sing N N 183 
LEU CG  CD1  sing N N 184 
LEU CG  CD2  sing N N 185 
LEU CG  HG   sing N N 186 
LEU CD1 HD11 sing N N 187 
LEU CD1 HD12 sing N N 188 
LEU CD1 HD13 sing N N 189 
LEU CD2 HD21 sing N N 190 
LEU CD2 HD22 sing N N 191 
LEU CD2 HD23 sing N N 192 
LEU OXT HXT  sing N N 193 
LYS N   CA   sing N N 194 
LYS N   H    sing N N 195 
LYS N   H2   sing N N 196 
LYS CA  C    sing N N 197 
LYS CA  CB   sing N N 198 
LYS CA  HA   sing N N 199 
LYS C   O    doub N N 200 
LYS C   OXT  sing N N 201 
LYS CB  CG   sing N N 202 
LYS CB  HB2  sing N N 203 
LYS CB  HB3  sing N N 204 
LYS CG  CD   sing N N 205 
LYS CG  HG2  sing N N 206 
LYS CG  HG3  sing N N 207 
LYS CD  CE   sing N N 208 
LYS CD  HD2  sing N N 209 
LYS CD  HD3  sing N N 210 
LYS CE  NZ   sing N N 211 
LYS CE  HE2  sing N N 212 
LYS CE  HE3  sing N N 213 
LYS NZ  HZ1  sing N N 214 
LYS NZ  HZ2  sing N N 215 
LYS NZ  HZ3  sing N N 216 
LYS OXT HXT  sing N N 217 
MET N   CA   sing N N 218 
MET N   H    sing N N 219 
MET N   H2   sing N N 220 
MET CA  C    sing N N 221 
MET CA  CB   sing N N 222 
MET CA  HA   sing N N 223 
MET C   O    doub N N 224 
MET C   OXT  sing N N 225 
MET CB  CG   sing N N 226 
MET CB  HB2  sing N N 227 
MET CB  HB3  sing N N 228 
MET CG  SD   sing N N 229 
MET CG  HG2  sing N N 230 
MET CG  HG3  sing N N 231 
MET SD  CE   sing N N 232 
MET CE  HE1  sing N N 233 
MET CE  HE2  sing N N 234 
MET CE  HE3  sing N N 235 
MET OXT HXT  sing N N 236 
PHE N   CA   sing N N 237 
PHE N   H    sing N N 238 
PHE N   H2   sing N N 239 
PHE CA  C    sing N N 240 
PHE CA  CB   sing N N 241 
PHE CA  HA   sing N N 242 
PHE C   O    doub N N 243 
PHE C   OXT  sing N N 244 
PHE CB  CG   sing N N 245 
PHE CB  HB2  sing N N 246 
PHE CB  HB3  sing N N 247 
PHE CG  CD1  doub Y N 248 
PHE CG  CD2  sing Y N 249 
PHE CD1 CE1  sing Y N 250 
PHE CD1 HD1  sing N N 251 
PHE CD2 CE2  doub Y N 252 
PHE CD2 HD2  sing N N 253 
PHE CE1 CZ   doub Y N 254 
PHE CE1 HE1  sing N N 255 
PHE CE2 CZ   sing Y N 256 
PHE CE2 HE2  sing N N 257 
PHE CZ  HZ   sing N N 258 
PHE OXT HXT  sing N N 259 
PRO N   CA   sing N N 260 
PRO N   CD   sing N N 261 
PRO N   H    sing N N 262 
PRO CA  C    sing N N 263 
PRO CA  CB   sing N N 264 
PRO CA  HA   sing N N 265 
PRO C   O    doub N N 266 
PRO C   OXT  sing N N 267 
PRO CB  CG   sing N N 268 
PRO CB  HB2  sing N N 269 
PRO CB  HB3  sing N N 270 
PRO CG  CD   sing N N 271 
PRO CG  HG2  sing N N 272 
PRO CG  HG3  sing N N 273 
PRO CD  HD2  sing N N 274 
PRO CD  HD3  sing N N 275 
PRO OXT HXT  sing N N 276 
SER N   CA   sing N N 277 
SER N   H    sing N N 278 
SER N   H2   sing N N 279 
SER CA  C    sing N N 280 
SER CA  CB   sing N N 281 
SER CA  HA   sing N N 282 
SER C   O    doub N N 283 
SER C   OXT  sing N N 284 
SER CB  OG   sing N N 285 
SER CB  HB2  sing N N 286 
SER CB  HB3  sing N N 287 
SER OG  HG   sing N N 288 
SER OXT HXT  sing N N 289 
THR N   CA   sing N N 290 
THR N   H    sing N N 291 
THR N   H2   sing N N 292 
THR CA  C    sing N N 293 
THR CA  CB   sing N N 294 
THR CA  HA   sing N N 295 
THR C   O    doub N N 296 
THR C   OXT  sing N N 297 
THR CB  OG1  sing N N 298 
THR CB  CG2  sing N N 299 
THR CB  HB   sing N N 300 
THR OG1 HG1  sing N N 301 
THR CG2 HG21 sing N N 302 
THR CG2 HG22 sing N N 303 
THR CG2 HG23 sing N N 304 
THR OXT HXT  sing N N 305 
TYR N   CA   sing N N 306 
TYR N   H    sing N N 307 
TYR N   H2   sing N N 308 
TYR CA  C    sing N N 309 
TYR CA  CB   sing N N 310 
TYR CA  HA   sing N N 311 
TYR C   O    doub N N 312 
TYR C   OXT  sing N N 313 
TYR CB  CG   sing N N 314 
TYR CB  HB2  sing N N 315 
TYR CB  HB3  sing N N 316 
TYR CG  CD1  doub Y N 317 
TYR CG  CD2  sing Y N 318 
TYR CD1 CE1  sing Y N 319 
TYR CD1 HD1  sing N N 320 
TYR CD2 CE2  doub Y N 321 
TYR CD2 HD2  sing N N 322 
TYR CE1 CZ   doub Y N 323 
TYR CE1 HE1  sing N N 324 
TYR CE2 CZ   sing Y N 325 
TYR CE2 HE2  sing N N 326 
TYR CZ  OH   sing N N 327 
TYR OH  HH   sing N N 328 
TYR OXT HXT  sing N N 329 
VAL N   CA   sing N N 330 
VAL N   H    sing N N 331 
VAL N   H2   sing N N 332 
VAL CA  C    sing N N 333 
VAL CA  CB   sing N N 334 
VAL CA  HA   sing N N 335 
VAL C   O    doub N N 336 
VAL C   OXT  sing N N 337 
VAL CB  CG1  sing N N 338 
VAL CB  CG2  sing N N 339 
VAL CB  HB   sing N N 340 
VAL CG1 HG11 sing N N 341 
VAL CG1 HG12 sing N N 342 
VAL CG1 HG13 sing N N 343 
VAL CG2 HG21 sing N N 344 
VAL CG2 HG22 sing N N 345 
VAL CG2 HG23 sing N N 346 
VAL OXT HXT  sing N N 347 
# 
loop_
_pdbx_entity_nonpoly.entity_id 
_pdbx_entity_nonpoly.name 
_pdbx_entity_nonpoly.comp_id 
2 'ZINC ION'     ZN  
3 'CHLORIDE ION' CL  
4 water          HOH 
# 
_pdbx_initial_refinement_model.id               1 
_pdbx_initial_refinement_model.entity_id_list   ? 
_pdbx_initial_refinement_model.type             'experimental model' 
_pdbx_initial_refinement_model.source_name      PDB 
_pdbx_initial_refinement_model.accession_code   1VDD 
_pdbx_initial_refinement_model.details          ? 
# 
_pdbx_struct_assembly_auth_evidence.id                     1 
_pdbx_struct_assembly_auth_evidence.assembly_id            1 
_pdbx_struct_assembly_auth_evidence.experimental_support   'gel filtration' 
_pdbx_struct_assembly_auth_evidence.details                ? 
# 
